data_8I8Y
# 
_entry.id   8I8Y 
# 
_audit_conform.dict_name       mmcif_pdbx.dic 
_audit_conform.dict_version    5.398 
_audit_conform.dict_location   http://mmcif.pdb.org/dictionaries/ascii/mmcif_pdbx.dic 
# 
loop_
_database_2.database_id 
_database_2.database_code 
_database_2.pdbx_database_accession 
_database_2.pdbx_DOI 
PDB   8I8Y         pdb_00008i8y 10.2210/pdb8i8y/pdb 
WWPDB D_1300033432 ?            ?                   
# 
loop_
_pdbx_audit_revision_history.ordinal 
_pdbx_audit_revision_history.data_content_type 
_pdbx_audit_revision_history.major_revision 
_pdbx_audit_revision_history.minor_revision 
_pdbx_audit_revision_history.revision_date 
1 'Structure model' 1 0 2023-04-19 
2 'Structure model' 1 1 2023-10-04 
3 'Structure model' 1 2 2023-11-15 
4 'Structure model' 1 3 2024-11-20 
# 
_pdbx_audit_revision_details.ordinal             1 
_pdbx_audit_revision_details.revision_ordinal    1 
_pdbx_audit_revision_details.data_content_type   'Structure model' 
_pdbx_audit_revision_details.provider            repository 
_pdbx_audit_revision_details.type                'Initial release' 
_pdbx_audit_revision_details.description         ? 
_pdbx_audit_revision_details.details             ? 
# 
loop_
_pdbx_audit_revision_group.ordinal 
_pdbx_audit_revision_group.revision_ordinal 
_pdbx_audit_revision_group.data_content_type 
_pdbx_audit_revision_group.group 
1 2 'Structure model' 'Data collection'     
2 2 'Structure model' 'Database references' 
3 3 'Structure model' 'Data collection'     
4 4 'Structure model' 'Structure summary'   
# 
loop_
_pdbx_audit_revision_category.ordinal 
_pdbx_audit_revision_category.revision_ordinal 
_pdbx_audit_revision_category.data_content_type 
_pdbx_audit_revision_category.category 
1 2 'Structure model' chem_comp_atom            
2 2 'Structure model' chem_comp_bond            
3 2 'Structure model' citation                  
4 2 'Structure model' citation_author           
5 3 'Structure model' chem_comp_atom            
6 3 'Structure model' chem_comp_bond            
7 4 'Structure model' pdbx_entry_details        
8 4 'Structure model' pdbx_modification_feature 
# 
loop_
_pdbx_audit_revision_item.ordinal 
_pdbx_audit_revision_item.revision_ordinal 
_pdbx_audit_revision_item.data_content_type 
_pdbx_audit_revision_item.item 
1  2 'Structure model' '_citation.country'                            
2  2 'Structure model' '_citation.journal_abbrev'                     
3  2 'Structure model' '_citation.journal_id_ASTM'                    
4  2 'Structure model' '_citation.journal_id_CSD'                     
5  2 'Structure model' '_citation.journal_id_ISSN'                    
6  2 'Structure model' '_citation.journal_volume'                     
7  2 'Structure model' '_citation.page_first'                         
8  2 'Structure model' '_citation.page_last'                          
9  2 'Structure model' '_citation.pdbx_database_id_DOI'               
10 2 'Structure model' '_citation.pdbx_database_id_PubMed'            
11 2 'Structure model' '_citation.title'                              
12 2 'Structure model' '_citation.year'                               
13 3 'Structure model' '_chem_comp_atom.atom_id'                      
14 3 'Structure model' '_chem_comp_bond.atom_id_2'                    
15 4 'Structure model' '_pdbx_entry_details.has_protein_modification' 
# 
_pdbx_database_status.status_code                     REL 
_pdbx_database_status.status_code_sf                  REL 
_pdbx_database_status.status_code_mr                  ? 
_pdbx_database_status.entry_id                        8I8Y 
_pdbx_database_status.recvd_initial_deposition_date   2023-02-06 
_pdbx_database_status.SG_entry                        N 
_pdbx_database_status.deposit_site                    PDBJ 
_pdbx_database_status.process_site                    PDBJ 
_pdbx_database_status.status_code_cs                  ? 
_pdbx_database_status.status_code_nmr_data            ? 
_pdbx_database_status.methods_development_category    ? 
_pdbx_database_status.pdb_format_compatible           Y 
# 
_pdbx_contact_author.id                 2 
_pdbx_contact_author.email              hxiuh@mail.ustc.edu.cn 
_pdbx_contact_author.name_first         Xiuhong 
_pdbx_contact_author.name_last          Hu 
_pdbx_contact_author.name_mi            ? 
_pdbx_contact_author.role               'principal investigator/group leader' 
_pdbx_contact_author.identifier_ORCID   0000-0001-7110-274X 
# 
_audit_author.name               'Hu, X.' 
_audit_author.pdbx_ordinal       1 
_audit_author.identifier_ORCID   0000-0001-7110-274X 
# 
_citation.abstract                  ? 
_citation.abstract_id_CAS           ? 
_citation.book_id_ISBN              ? 
_citation.book_publisher            ? 
_citation.book_publisher_city       ? 
_citation.book_title                ? 
_citation.coordinate_linkage        ? 
_citation.country                   US 
_citation.database_id_Medline       ? 
_citation.details                   ? 
_citation.id                        primary 
_citation.journal_abbrev            Proc.Natl.Acad.Sci.USA 
_citation.journal_id_ASTM           PNASA6 
_citation.journal_id_CSD            0040 
_citation.journal_id_ISSN           1091-6490 
_citation.journal_full              ? 
_citation.journal_issue             ? 
_citation.journal_volume            120 
_citation.language                  ? 
_citation.page_first                e2305603120 
_citation.page_last                 e2305603120 
_citation.title                     
'Combined prediction and design reveals the target recognition mechanism of an intrinsically disordered protein interaction domain.' 
_citation.year                      2023 
_citation.database_id_CSD           ? 
_citation.pdbx_database_id_DOI      10.1073/pnas.2305603120 
_citation.pdbx_database_id_PubMed   37722056 
_citation.pdbx_database_id_patent   ? 
_citation.unpublished_flag          ? 
# 
loop_
_citation_author.citation_id 
_citation_author.name 
_citation_author.ordinal 
_citation_author.identifier_ORCID 
primary 'Hu, X.'    1 0000-0001-7110-274X 
primary 'Xu, Y.'    2 ?                   
primary 'Wang, C.'  3 0000-0002-3618-1670 
primary 'Liu, Y.'   4 ?                   
primary 'Zhang, L.' 5 ?                   
primary 'Zhang, J.' 6 ?                   
primary 'Wang, W.'  7 ?                   
primary 'Chen, Q.'  8 0000-0002-3301-3065 
primary 'Liu, H.'   9 ?                   
# 
loop_
_entity.id 
_entity.type 
_entity.src_method 
_entity.pdbx_description 
_entity.formula_weight 
_entity.pdbx_number_of_molecules 
_entity.pdbx_ec 
_entity.pdbx_mutation 
_entity.pdbx_fragment 
_entity.details 
1 polymer man 'Engineered protein' 8145.823 1 ? ? ? ? 
2 polymer man 'Engineered protein' 8246.927 1 ? ? ? ? 
# 
loop_
_entity_poly.entity_id 
_entity_poly.type 
_entity_poly.nstd_linkage 
_entity_poly.nstd_monomer 
_entity_poly.pdbx_seq_one_letter_code 
_entity_poly.pdbx_seq_one_letter_code_can 
_entity_poly.pdbx_strand_id 
_entity_poly.pdbx_target_identifier 
1 'polypeptide(L)' no yes 'VIEKRIVIDGDGDIDHDQALAQAIREAREQHPD(MSE)SVTRVVVNKETELAEEGEDRTRQIINIT(MSE)TKKLDVW'  
VIEKRIVIDGDGDIDHDQALAQAIREAREQHPDMSVTRVVVNKETELAEEGEDRTRQIINITMTKKLDVW  B ? 
2 'polypeptide(L)' no yes 'TVIEKRIVIDGDGDIDHDQALAQAIREAREQHPD(MSE)SVTRVVVNKETELAEEGEDRTRQIINIT(MSE)TKKLDVW' 
TVIEKRIVIDGDGDIDHDQALAQAIREAREQHPDMSVTRVVVNKETELAEEGEDRTRQIINITMTKKLDVW A ? 
# 
loop_
_entity_poly_seq.entity_id 
_entity_poly_seq.num 
_entity_poly_seq.mon_id 
_entity_poly_seq.hetero 
1 1  VAL n 
1 2  ILE n 
1 3  GLU n 
1 4  LYS n 
1 5  ARG n 
1 6  ILE n 
1 7  VAL n 
1 8  ILE n 
1 9  ASP n 
1 10 GLY n 
1 11 ASP n 
1 12 GLY n 
1 13 ASP n 
1 14 ILE n 
1 15 ASP n 
1 16 HIS n 
1 17 ASP n 
1 18 GLN n 
1 19 ALA n 
1 20 LEU n 
1 21 ALA n 
1 22 GLN n 
1 23 ALA n 
1 24 ILE n 
1 25 ARG n 
1 26 GLU n 
1 27 ALA n 
1 28 ARG n 
1 29 GLU n 
1 30 GLN n 
1 31 HIS n 
1 32 PRO n 
1 33 ASP n 
1 34 MSE n 
1 35 SER n 
1 36 VAL n 
1 37 THR n 
1 38 ARG n 
1 39 VAL n 
1 40 VAL n 
1 41 VAL n 
1 42 ASN n 
1 43 LYS n 
1 44 GLU n 
1 45 THR n 
1 46 GLU n 
1 47 LEU n 
1 48 ALA n 
1 49 GLU n 
1 50 GLU n 
1 51 GLY n 
1 52 GLU n 
1 53 ASP n 
1 54 ARG n 
1 55 THR n 
1 56 ARG n 
1 57 GLN n 
1 58 ILE n 
1 59 ILE n 
1 60 ASN n 
1 61 ILE n 
1 62 THR n 
1 63 MSE n 
1 64 THR n 
1 65 LYS n 
1 66 LYS n 
1 67 LEU n 
1 68 ASP n 
1 69 VAL n 
1 70 TRP n 
2 1  THR n 
2 2  VAL n 
2 3  ILE n 
2 4  GLU n 
2 5  LYS n 
2 6  ARG n 
2 7  ILE n 
2 8  VAL n 
2 9  ILE n 
2 10 ASP n 
2 11 GLY n 
2 12 ASP n 
2 13 GLY n 
2 14 ASP n 
2 15 ILE n 
2 16 ASP n 
2 17 HIS n 
2 18 ASP n 
2 19 GLN n 
2 20 ALA n 
2 21 LEU n 
2 22 ALA n 
2 23 GLN n 
2 24 ALA n 
2 25 ILE n 
2 26 ARG n 
2 27 GLU n 
2 28 ALA n 
2 29 ARG n 
2 30 GLU n 
2 31 GLN n 
2 32 HIS n 
2 33 PRO n 
2 34 ASP n 
2 35 MSE n 
2 36 SER n 
2 37 VAL n 
2 38 THR n 
2 39 ARG n 
2 40 VAL n 
2 41 VAL n 
2 42 VAL n 
2 43 ASN n 
2 44 LYS n 
2 45 GLU n 
2 46 THR n 
2 47 GLU n 
2 48 LEU n 
2 49 ALA n 
2 50 GLU n 
2 51 GLU n 
2 52 GLY n 
2 53 GLU n 
2 54 ASP n 
2 55 ARG n 
2 56 THR n 
2 57 ARG n 
2 58 GLN n 
2 59 ILE n 
2 60 ILE n 
2 61 ASN n 
2 62 ILE n 
2 63 THR n 
2 64 MSE n 
2 65 THR n 
2 66 LYS n 
2 67 LYS n 
2 68 LEU n 
2 69 ASP n 
2 70 VAL n 
2 71 TRP n 
# 
loop_
_entity_src_gen.entity_id 
_entity_src_gen.pdbx_src_id 
_entity_src_gen.pdbx_alt_source_flag 
_entity_src_gen.pdbx_seq_type 
_entity_src_gen.pdbx_beg_seq_num 
_entity_src_gen.pdbx_end_seq_num 
_entity_src_gen.gene_src_common_name 
_entity_src_gen.gene_src_genus 
_entity_src_gen.pdbx_gene_src_gene 
_entity_src_gen.gene_src_species 
_entity_src_gen.gene_src_strain 
_entity_src_gen.gene_src_tissue 
_entity_src_gen.gene_src_tissue_fraction 
_entity_src_gen.gene_src_details 
_entity_src_gen.pdbx_gene_src_fragment 
_entity_src_gen.pdbx_gene_src_scientific_name 
_entity_src_gen.pdbx_gene_src_ncbi_taxonomy_id 
_entity_src_gen.pdbx_gene_src_variant 
_entity_src_gen.pdbx_gene_src_cell_line 
_entity_src_gen.pdbx_gene_src_atcc 
_entity_src_gen.pdbx_gene_src_organ 
_entity_src_gen.pdbx_gene_src_organelle 
_entity_src_gen.pdbx_gene_src_cell 
_entity_src_gen.pdbx_gene_src_cellular_location 
_entity_src_gen.host_org_common_name 
_entity_src_gen.pdbx_host_org_scientific_name 
_entity_src_gen.pdbx_host_org_ncbi_taxonomy_id 
_entity_src_gen.host_org_genus 
_entity_src_gen.pdbx_host_org_gene 
_entity_src_gen.pdbx_host_org_organ 
_entity_src_gen.host_org_species 
_entity_src_gen.pdbx_host_org_tissue 
_entity_src_gen.pdbx_host_org_tissue_fraction 
_entity_src_gen.pdbx_host_org_strain 
_entity_src_gen.pdbx_host_org_variant 
_entity_src_gen.pdbx_host_org_cell_line 
_entity_src_gen.pdbx_host_org_atcc 
_entity_src_gen.pdbx_host_org_culture_collection 
_entity_src_gen.pdbx_host_org_cell 
_entity_src_gen.pdbx_host_org_organelle 
_entity_src_gen.pdbx_host_org_cellular_location 
_entity_src_gen.pdbx_host_org_vector_type 
_entity_src_gen.pdbx_host_org_vector 
_entity_src_gen.host_org_details 
_entity_src_gen.expression_system_id 
_entity_src_gen.plasmid_name 
_entity_src_gen.plasmid_details 
_entity_src_gen.pdbx_description 
1 1 sample 'Biological sequence' 1 70 ? ? ? ? ? ? ? ? ? 'synthetic construct' 32630 ? ? ? ? ? ? ? ? 'Escherichia coli' 562 ? ? ? ? 
? ? ? ? ? ? ? ? ? ? ? ? ? ? ? ? ? 
2 1 sample 'Biological sequence' 1 71 ? ? ? ? ? ? ? ? ? 'synthetic construct' 32630 ? ? ? ? ? ? ? ? 'Escherichia coli' 562 ? ? ? ? 
? ? ? ? ? ? ? ? ? ? ? ? ? ? ? ? ? 
# 
loop_
_chem_comp.id 
_chem_comp.type 
_chem_comp.mon_nstd_flag 
_chem_comp.name 
_chem_comp.pdbx_synonyms 
_chem_comp.formula 
_chem_comp.formula_weight 
ALA 'L-peptide linking' y ALANINE          ? 'C3 H7 N O2'     89.093  
ARG 'L-peptide linking' y ARGININE         ? 'C6 H15 N4 O2 1' 175.209 
ASN 'L-peptide linking' y ASPARAGINE       ? 'C4 H8 N2 O3'    132.118 
ASP 'L-peptide linking' y 'ASPARTIC ACID'  ? 'C4 H7 N O4'     133.103 
GLN 'L-peptide linking' y GLUTAMINE        ? 'C5 H10 N2 O3'   146.144 
GLU 'L-peptide linking' y 'GLUTAMIC ACID'  ? 'C5 H9 N O4'     147.129 
GLY 'peptide linking'   y GLYCINE          ? 'C2 H5 N O2'     75.067  
HIS 'L-peptide linking' y HISTIDINE        ? 'C6 H10 N3 O2 1' 156.162 
ILE 'L-peptide linking' y ISOLEUCINE       ? 'C6 H13 N O2'    131.173 
LEU 'L-peptide linking' y LEUCINE          ? 'C6 H13 N O2'    131.173 
LYS 'L-peptide linking' y LYSINE           ? 'C6 H15 N2 O2 1' 147.195 
MSE 'L-peptide linking' n SELENOMETHIONINE ? 'C5 H11 N O2 Se' 196.106 
PRO 'L-peptide linking' y PROLINE          ? 'C5 H9 N O2'     115.130 
SER 'L-peptide linking' y SERINE           ? 'C3 H7 N O3'     105.093 
THR 'L-peptide linking' y THREONINE        ? 'C4 H9 N O3'     119.119 
TRP 'L-peptide linking' y TRYPTOPHAN       ? 'C11 H12 N2 O2'  204.225 
VAL 'L-peptide linking' y VALINE           ? 'C5 H11 N O2'    117.146 
# 
loop_
_pdbx_poly_seq_scheme.asym_id 
_pdbx_poly_seq_scheme.entity_id 
_pdbx_poly_seq_scheme.seq_id 
_pdbx_poly_seq_scheme.mon_id 
_pdbx_poly_seq_scheme.ndb_seq_num 
_pdbx_poly_seq_scheme.pdb_seq_num 
_pdbx_poly_seq_scheme.auth_seq_num 
_pdbx_poly_seq_scheme.pdb_mon_id 
_pdbx_poly_seq_scheme.auth_mon_id 
_pdbx_poly_seq_scheme.pdb_strand_id 
_pdbx_poly_seq_scheme.pdb_ins_code 
_pdbx_poly_seq_scheme.hetero 
A 1 1  VAL 1  9  9  VAL VAL B . n 
A 1 2  ILE 2  10 10 ILE ILE B . n 
A 1 3  GLU 3  11 11 GLU GLU B . n 
A 1 4  LYS 4  12 12 LYS LYS B . n 
A 1 5  ARG 5  13 13 ARG ARG B . n 
A 1 6  ILE 6  14 14 ILE ILE B . n 
A 1 7  VAL 7  15 15 VAL VAL B . n 
A 1 8  ILE 8  16 16 ILE ILE B . n 
A 1 9  ASP 9  17 17 ASP ASP B . n 
A 1 10 GLY 10 18 18 GLY GLY B . n 
A 1 11 ASP 11 19 19 ASP ASP B . n 
A 1 12 GLY 12 20 20 GLY GLY B . n 
A 1 13 ASP 13 21 21 ASP ASP B . n 
A 1 14 ILE 14 22 22 ILE ILE B . n 
A 1 15 ASP 15 23 23 ASP ASP B . n 
A 1 16 HIS 16 24 24 HIS HIS B . n 
A 1 17 ASP 17 25 25 ASP ASP B . n 
A 1 18 GLN 18 26 26 GLN GLN B . n 
A 1 19 ALA 19 27 27 ALA ALA B . n 
A 1 20 LEU 20 28 28 LEU LEU B . n 
A 1 21 ALA 21 29 29 ALA ALA B . n 
A 1 22 GLN 22 30 30 GLN GLN B . n 
A 1 23 ALA 23 31 31 ALA ALA B . n 
A 1 24 ILE 24 32 32 ILE ILE B . n 
A 1 25 ARG 25 33 33 ARG ARG B . n 
A 1 26 GLU 26 34 34 GLU GLU B . n 
A 1 27 ALA 27 35 35 ALA ALA B . n 
A 1 28 ARG 28 36 36 ARG ARG B . n 
A 1 29 GLU 29 37 37 GLU GLU B . n 
A 1 30 GLN 30 38 38 GLN GLN B . n 
A 1 31 HIS 31 39 39 HIS HIS B . n 
A 1 32 PRO 32 40 40 PRO PRO B . n 
A 1 33 ASP 33 41 41 ASP ASP B . n 
A 1 34 MSE 34 42 42 MSE MSE B . n 
A 1 35 SER 35 43 43 SER SER B . n 
A 1 36 VAL 36 44 44 VAL VAL B . n 
A 1 37 THR 37 45 45 THR THR B . n 
A 1 38 ARG 38 46 46 ARG ARG B . n 
A 1 39 VAL 39 47 47 VAL VAL B . n 
A 1 40 VAL 40 48 48 VAL VAL B . n 
A 1 41 VAL 41 49 49 VAL VAL B . n 
A 1 42 ASN 42 50 50 ASN ASN B . n 
A 1 43 LYS 43 51 51 LYS LYS B . n 
A 1 44 GLU 44 52 52 GLU GLU B . n 
A 1 45 THR 45 53 53 THR THR B . n 
A 1 46 GLU 46 54 54 GLU GLU B . n 
A 1 47 LEU 47 55 55 LEU LEU B . n 
A 1 48 ALA 48 56 56 ALA ALA B . n 
A 1 49 GLU 49 57 57 GLU GLU B . n 
A 1 50 GLU 50 58 58 GLU GLU B . n 
A 1 51 GLY 51 59 59 GLY GLY B . n 
A 1 52 GLU 52 60 60 GLU GLU B . n 
A 1 53 ASP 53 61 61 ASP ASP B . n 
A 1 54 ARG 54 62 62 ARG ARG B . n 
A 1 55 THR 55 63 63 THR THR B . n 
A 1 56 ARG 56 64 64 ARG ARG B . n 
A 1 57 GLN 57 65 65 GLN GLN B . n 
A 1 58 ILE 58 66 66 ILE ILE B . n 
A 1 59 ILE 59 67 67 ILE ILE B . n 
A 1 60 ASN 60 68 68 ASN ASN B . n 
A 1 61 ILE 61 69 69 ILE ILE B . n 
A 1 62 THR 62 70 70 THR THR B . n 
A 1 63 MSE 63 71 71 MSE MSE B . n 
A 1 64 THR 64 72 72 THR THR B . n 
A 1 65 LYS 65 73 73 LYS LYS B . n 
A 1 66 LYS 66 74 74 LYS LYS B . n 
A 1 67 LEU 67 75 75 LEU LEU B . n 
A 1 68 ASP 68 76 76 ASP ASP B . n 
A 1 69 VAL 69 77 77 VAL VAL B . n 
A 1 70 TRP 70 78 78 TRP TRP B . n 
B 2 1  THR 1  8  8  THR THR A . n 
B 2 2  VAL 2  9  9  VAL VAL A . n 
B 2 3  ILE 3  10 10 ILE ILE A . n 
B 2 4  GLU 4  11 11 GLU GLU A . n 
B 2 5  LYS 5  12 12 LYS LYS A . n 
B 2 6  ARG 6  13 13 ARG ARG A . n 
B 2 7  ILE 7  14 14 ILE ILE A . n 
B 2 8  VAL 8  15 15 VAL VAL A . n 
B 2 9  ILE 9  16 16 ILE ILE A . n 
B 2 10 ASP 10 17 17 ASP ASP A . n 
B 2 11 GLY 11 18 18 GLY GLY A . n 
B 2 12 ASP 12 19 19 ASP ASP A . n 
B 2 13 GLY 13 20 20 GLY GLY A . n 
B 2 14 ASP 14 21 21 ASP ASP A . n 
B 2 15 ILE 15 22 22 ILE ILE A . n 
B 2 16 ASP 16 23 23 ASP ASP A . n 
B 2 17 HIS 17 24 24 HIS HIS A . n 
B 2 18 ASP 18 25 25 ASP ASP A . n 
B 2 19 GLN 19 26 26 GLN GLN A . n 
B 2 20 ALA 20 27 27 ALA ALA A . n 
B 2 21 LEU 21 28 28 LEU LEU A . n 
B 2 22 ALA 22 29 29 ALA ALA A . n 
B 2 23 GLN 23 30 30 GLN GLN A . n 
B 2 24 ALA 24 31 31 ALA ALA A . n 
B 2 25 ILE 25 32 32 ILE ILE A . n 
B 2 26 ARG 26 33 33 ARG ARG A . n 
B 2 27 GLU 27 34 34 GLU GLU A . n 
B 2 28 ALA 28 35 35 ALA ALA A . n 
B 2 29 ARG 29 36 36 ARG ARG A . n 
B 2 30 GLU 30 37 37 GLU GLU A . n 
B 2 31 GLN 31 38 38 GLN GLN A . n 
B 2 32 HIS 32 39 39 HIS HIS A . n 
B 2 33 PRO 33 40 40 PRO PRO A . n 
B 2 34 ASP 34 41 41 ASP ASP A . n 
B 2 35 MSE 35 42 42 MSE MSE A . n 
B 2 36 SER 36 43 43 SER SER A . n 
B 2 37 VAL 37 44 44 VAL VAL A . n 
B 2 38 THR 38 45 45 THR THR A . n 
B 2 39 ARG 39 46 46 ARG ARG A . n 
B 2 40 VAL 40 47 47 VAL VAL A . n 
B 2 41 VAL 41 48 48 VAL VAL A . n 
B 2 42 VAL 42 49 49 VAL VAL A . n 
B 2 43 ASN 43 50 50 ASN ASN A . n 
B 2 44 LYS 44 51 51 LYS LYS A . n 
B 2 45 GLU 45 52 52 GLU GLU A . n 
B 2 46 THR 46 53 53 THR THR A . n 
B 2 47 GLU 47 54 54 GLU GLU A . n 
B 2 48 LEU 48 55 55 LEU LEU A . n 
B 2 49 ALA 49 56 56 ALA ALA A . n 
B 2 50 GLU 50 57 57 GLU GLU A . n 
B 2 51 GLU 51 58 58 GLU GLU A . n 
B 2 52 GLY 52 59 59 GLY GLY A . n 
B 2 53 GLU 53 60 60 GLU GLU A . n 
B 2 54 ASP 54 61 61 ASP ASP A . n 
B 2 55 ARG 55 62 62 ARG ARG A . n 
B 2 56 THR 56 63 63 THR THR A . n 
B 2 57 ARG 57 64 64 ARG ARG A . n 
B 2 58 GLN 58 65 65 GLN GLN A . n 
B 2 59 ILE 59 66 66 ILE ILE A . n 
B 2 60 ILE 60 67 67 ILE ILE A . n 
B 2 61 ASN 61 68 68 ASN ASN A . n 
B 2 62 ILE 62 69 69 ILE ILE A . n 
B 2 63 THR 63 70 70 THR THR A . n 
B 2 64 MSE 64 71 71 MSE MSE A . n 
B 2 65 THR 65 72 72 THR THR A . n 
B 2 66 LYS 66 73 73 LYS LYS A . n 
B 2 67 LYS 67 74 74 LYS LYS A . n 
B 2 68 LEU 68 75 75 LEU LEU A . n 
B 2 69 ASP 69 76 76 ASP ASP A . n 
B 2 70 VAL 70 77 77 VAL VAL A . n 
B 2 71 TRP 71 78 78 TRP TRP A . n 
# 
loop_
_pdbx_unobs_or_zero_occ_atoms.id 
_pdbx_unobs_or_zero_occ_atoms.PDB_model_num 
_pdbx_unobs_or_zero_occ_atoms.polymer_flag 
_pdbx_unobs_or_zero_occ_atoms.occupancy_flag 
_pdbx_unobs_or_zero_occ_atoms.auth_asym_id 
_pdbx_unobs_or_zero_occ_atoms.auth_comp_id 
_pdbx_unobs_or_zero_occ_atoms.auth_seq_id 
_pdbx_unobs_or_zero_occ_atoms.PDB_ins_code 
_pdbx_unobs_or_zero_occ_atoms.auth_atom_id 
_pdbx_unobs_or_zero_occ_atoms.label_alt_id 
_pdbx_unobs_or_zero_occ_atoms.label_asym_id 
_pdbx_unobs_or_zero_occ_atoms.label_comp_id 
_pdbx_unobs_or_zero_occ_atoms.label_seq_id 
_pdbx_unobs_or_zero_occ_atoms.label_atom_id 
1  1 Y 1 B ASP 17 ? CG  ? A ASP 9  CG  
2  1 Y 1 B ASP 17 ? OD1 ? A ASP 9  OD1 
3  1 Y 1 B ASP 17 ? OD2 ? A ASP 9  OD2 
4  1 Y 1 B MSE 42 ? CG  ? A MSE 34 CG  
5  1 Y 1 B MSE 42 ? SE  ? A MSE 34 SE  
6  1 Y 1 B MSE 42 ? CE  ? A MSE 34 CE  
7  1 Y 1 B GLU 57 ? CG  ? A GLU 49 CG  
8  1 Y 1 B GLU 57 ? CD  ? A GLU 49 CD  
9  1 Y 1 B GLU 57 ? OE1 ? A GLU 49 OE1 
10 1 Y 1 B GLU 57 ? OE2 ? A GLU 49 OE2 
11 1 Y 1 B GLU 58 ? CG  ? A GLU 50 CG  
12 1 Y 1 B GLU 58 ? CD  ? A GLU 50 CD  
13 1 Y 1 B GLU 58 ? OE1 ? A GLU 50 OE1 
14 1 Y 1 B GLU 58 ? OE2 ? A GLU 50 OE2 
15 1 Y 1 B GLU 60 ? CG  ? A GLU 52 CG  
16 1 Y 1 B GLU 60 ? CD  ? A GLU 52 CD  
17 1 Y 1 B GLU 60 ? OE1 ? A GLU 52 OE1 
18 1 Y 1 B GLU 60 ? OE2 ? A GLU 52 OE2 
19 1 Y 1 B MSE 71 ? CG  ? A MSE 63 CG  
20 1 Y 1 B MSE 71 ? SE  ? A MSE 63 SE  
21 1 Y 1 B MSE 71 ? CE  ? A MSE 63 CE  
22 1 Y 1 A GLU 11 ? CG  ? B GLU 4  CG  
23 1 Y 1 A GLU 11 ? CD  ? B GLU 4  CD  
24 1 Y 1 A GLU 11 ? OE1 ? B GLU 4  OE1 
25 1 Y 1 A GLU 11 ? OE2 ? B GLU 4  OE2 
26 1 Y 1 A ASP 21 ? CG  ? B ASP 14 CG  
27 1 Y 1 A ASP 21 ? OD1 ? B ASP 14 OD1 
28 1 Y 1 A ASP 21 ? OD2 ? B ASP 14 OD2 
29 1 Y 1 A MSE 42 ? CG  ? B MSE 35 CG  
30 1 Y 1 A MSE 42 ? SE  ? B MSE 35 SE  
31 1 Y 1 A MSE 42 ? CE  ? B MSE 35 CE  
32 1 Y 1 A GLU 57 ? CG  ? B GLU 50 CG  
33 1 Y 1 A GLU 57 ? CD  ? B GLU 50 CD  
34 1 Y 1 A GLU 57 ? OE1 ? B GLU 50 OE1 
35 1 Y 1 A GLU 57 ? OE2 ? B GLU 50 OE2 
36 1 Y 1 A GLU 60 ? CG  ? B GLU 53 CG  
37 1 Y 1 A GLU 60 ? CD  ? B GLU 53 CD  
38 1 Y 1 A GLU 60 ? OE1 ? B GLU 53 OE1 
39 1 Y 1 A GLU 60 ? OE2 ? B GLU 53 OE2 
40 1 Y 1 A ASN 68 ? CG  ? B ASN 61 CG  
41 1 Y 1 A ASN 68 ? OD1 ? B ASN 61 OD1 
42 1 Y 1 A ASN 68 ? ND2 ? B ASN 61 ND2 
43 1 Y 1 A MSE 71 ? CG  ? B MSE 64 CG  
44 1 Y 1 A MSE 71 ? SE  ? B MSE 64 SE  
45 1 Y 1 A MSE 71 ? CE  ? B MSE 64 CE  
# 
loop_
_software.citation_id 
_software.classification 
_software.compiler_name 
_software.compiler_version 
_software.contact_author 
_software.contact_author_email 
_software.date 
_software.description 
_software.dependencies 
_software.hardware 
_software.language 
_software.location 
_software.mods 
_software.name 
_software.os 
_software.os_version 
_software.type 
_software.version 
_software.pdbx_ordinal 
? refinement       ? ? ? ? ? ? ? ? ? ? ? PHENIX   ? ? ? 1.19.2_4158 1 
? 'data reduction' ? ? ? ? ? ? ? ? ? ? ? autoPROC ? ? ? .           2 
? phasing          ? ? ? ? ? ? ? ? ? ? ? CRANK2   ? ? ? .           3 
? 'data scaling'   ? ? ? ? ? ? ? ? ? ? ? Aimless  ? ? ? .           4 
? 'model building' ? ? ? ? ? ? ? ? ? ? ? PHENIX   ? ? ? .           5 
# 
_cell.angle_alpha                  90.000 
_cell.angle_alpha_esd              ? 
_cell.angle_beta                   90.000 
_cell.angle_beta_esd               ? 
_cell.angle_gamma                  90.000 
_cell.angle_gamma_esd              ? 
_cell.entry_id                     8I8Y 
_cell.details                      ? 
_cell.formula_units_Z              ? 
_cell.length_a                     93.171 
_cell.length_a_esd                 ? 
_cell.length_b                     93.171 
_cell.length_b_esd                 ? 
_cell.length_c                     55.562 
_cell.length_c_esd                 ? 
_cell.volume                       482324.568 
_cell.volume_esd                   ? 
_cell.Z_PDB                        8 
_cell.reciprocal_angle_alpha       ? 
_cell.reciprocal_angle_beta        ? 
_cell.reciprocal_angle_gamma       ? 
_cell.reciprocal_angle_alpha_esd   ? 
_cell.reciprocal_angle_beta_esd    ? 
_cell.reciprocal_angle_gamma_esd   ? 
_cell.reciprocal_length_a          ? 
_cell.reciprocal_length_b          ? 
_cell.reciprocal_length_c          ? 
_cell.reciprocal_length_a_esd      ? 
_cell.reciprocal_length_b_esd      ? 
_cell.reciprocal_length_c_esd      ? 
_cell.pdbx_unique_axis             ? 
_cell.pdbx_esd_method              ? 
# 
_symmetry.entry_id                         8I8Y 
_symmetry.cell_setting                     ? 
_symmetry.Int_Tables_number                94 
_symmetry.space_group_name_Hall            'P 4n 2n' 
_symmetry.space_group_name_H-M             'P 42 21 2' 
_symmetry.pdbx_full_space_group_name_H-M   ? 
# 
_exptl.absorpt_coefficient_mu     ? 
_exptl.absorpt_correction_T_max   ? 
_exptl.absorpt_correction_T_min   ? 
_exptl.absorpt_correction_type    ? 
_exptl.absorpt_process_details    ? 
_exptl.entry_id                   8I8Y 
_exptl.crystals_number            1 
_exptl.details                    ? 
_exptl.method                     'X-RAY DIFFRACTION' 
_exptl.method_details             ? 
# 
_exptl_crystal.colour                       ? 
_exptl_crystal.density_diffrn               ? 
_exptl_crystal.density_Matthews             3.71 
_exptl_crystal.density_method               ? 
_exptl_crystal.density_percent_sol          66.84 
_exptl_crystal.description                  ? 
_exptl_crystal.F_000                        ? 
_exptl_crystal.id                           1 
_exptl_crystal.preparation                  ? 
_exptl_crystal.size_max                     ? 
_exptl_crystal.size_mid                     ? 
_exptl_crystal.size_min                     ? 
_exptl_crystal.size_rad                     ? 
_exptl_crystal.colour_lustre                ? 
_exptl_crystal.colour_modifier              ? 
_exptl_crystal.colour_primary               ? 
_exptl_crystal.density_meas                 ? 
_exptl_crystal.density_meas_esd             ? 
_exptl_crystal.density_meas_gt              ? 
_exptl_crystal.density_meas_lt              ? 
_exptl_crystal.density_meas_temp            ? 
_exptl_crystal.density_meas_temp_esd        ? 
_exptl_crystal.density_meas_temp_gt         ? 
_exptl_crystal.density_meas_temp_lt         ? 
_exptl_crystal.pdbx_crystal_image_url       ? 
_exptl_crystal.pdbx_crystal_image_format    ? 
_exptl_crystal.pdbx_mosaicity               ? 
_exptl_crystal.pdbx_mosaicity_esd           ? 
_exptl_crystal.pdbx_mosaic_method           ? 
_exptl_crystal.pdbx_mosaic_block_size       ? 
_exptl_crystal.pdbx_mosaic_block_size_esd   ? 
# 
_exptl_crystal_grow.apparatus       ? 
_exptl_crystal_grow.atmosphere      ? 
_exptl_crystal_grow.crystal_id      1 
_exptl_crystal_grow.details         ? 
_exptl_crystal_grow.method          'VAPOR DIFFUSION' 
_exptl_crystal_grow.method_ref      ? 
_exptl_crystal_grow.pH              ? 
_exptl_crystal_grow.pressure        ? 
_exptl_crystal_grow.pressure_esd    ? 
_exptl_crystal_grow.seeding         ? 
_exptl_crystal_grow.seeding_ref     ? 
_exptl_crystal_grow.temp_details    ? 
_exptl_crystal_grow.temp_esd        ? 
_exptl_crystal_grow.time            ? 
_exptl_crystal_grow.pdbx_details    
;90% (0.2 M Trimethylamine N-Oxide dihydrate, 0.1 M Tris, pH 9.4, 20% w/v Polyethylene glycol monomethyl ether 2,000) and 10% 0.1 M TCEP hydrochloride
;
_exptl_crystal_grow.pdbx_pH_range   ? 
_exptl_crystal_grow.temp            289 
# 
_diffrn.ambient_environment              ? 
_diffrn.ambient_temp                     100 
_diffrn.ambient_temp_details             ? 
_diffrn.ambient_temp_esd                 ? 
_diffrn.crystal_id                       1 
_diffrn.crystal_support                  ? 
_diffrn.crystal_treatment                ? 
_diffrn.details                          ? 
_diffrn.id                               1 
_diffrn.ambient_pressure                 ? 
_diffrn.ambient_pressure_esd             ? 
_diffrn.ambient_pressure_gt              ? 
_diffrn.ambient_pressure_lt              ? 
_diffrn.ambient_temp_gt                  ? 
_diffrn.ambient_temp_lt                  ? 
_diffrn.pdbx_serial_crystal_experiment   N 
# 
_diffrn_detector.details                      ? 
_diffrn_detector.detector                     PIXEL 
_diffrn_detector.diffrn_id                    1 
_diffrn_detector.type                         'DECTRIS PILATUS 6M' 
_diffrn_detector.area_resol_mean              ? 
_diffrn_detector.dtime                        ? 
_diffrn_detector.pdbx_frames_total            ? 
_diffrn_detector.pdbx_collection_time_total   ? 
_diffrn_detector.pdbx_collection_date         2022-09-18 
_diffrn_detector.pdbx_frequency               ? 
_diffrn_detector.id                           ? 
_diffrn_detector.number_of_axes               ? 
# 
_diffrn_radiation.collimation                      ? 
_diffrn_radiation.diffrn_id                        1 
_diffrn_radiation.filter_edge                      ? 
_diffrn_radiation.inhomogeneity                    ? 
_diffrn_radiation.monochromator                    ? 
_diffrn_radiation.polarisn_norm                    ? 
_diffrn_radiation.polarisn_ratio                   ? 
_diffrn_radiation.probe                            ? 
_diffrn_radiation.type                             ? 
_diffrn_radiation.xray_symbol                      ? 
_diffrn_radiation.wavelength_id                    1 
_diffrn_radiation.pdbx_monochromatic_or_laue_m_l   M 
_diffrn_radiation.pdbx_wavelength_list             ? 
_diffrn_radiation.pdbx_wavelength                  ? 
_diffrn_radiation.pdbx_diffrn_protocol             'SINGLE WAVELENGTH' 
_diffrn_radiation.pdbx_analyzer                    ? 
_diffrn_radiation.pdbx_scattering_type             x-ray 
# 
_diffrn_radiation_wavelength.id           1 
_diffrn_radiation_wavelength.wavelength   0.979183 
_diffrn_radiation_wavelength.wt           1.0 
# 
_diffrn_source.current                     ? 
_diffrn_source.details                     ? 
_diffrn_source.diffrn_id                   1 
_diffrn_source.power                       ? 
_diffrn_source.size                        ? 
_diffrn_source.source                      SYNCHROTRON 
_diffrn_source.target                      ? 
_diffrn_source.type                        'SSRF BEAMLINE BL18U1' 
_diffrn_source.voltage                     ? 
_diffrn_source.take-off_angle              ? 
_diffrn_source.pdbx_wavelength_list        0.979183 
_diffrn_source.pdbx_wavelength             ? 
_diffrn_source.pdbx_synchrotron_beamline   BL18U1 
_diffrn_source.pdbx_synchrotron_site       SSRF 
# 
_reflns.B_iso_Wilson_estimate                          97.97 
_reflns.entry_id                                       8I8Y 
_reflns.data_reduction_details                         ? 
_reflns.data_reduction_method                          ? 
_reflns.d_resolution_high                              2.9 
_reflns.d_resolution_low                               50 
_reflns.details                                        ? 
_reflns.limit_h_max                                    ? 
_reflns.limit_h_min                                    ? 
_reflns.limit_k_max                                    ? 
_reflns.limit_k_min                                    ? 
_reflns.limit_l_max                                    ? 
_reflns.limit_l_min                                    ? 
_reflns.number_all                                     ? 
_reflns.number_obs                                     5420 
_reflns.observed_criterion                             ? 
_reflns.observed_criterion_F_max                       ? 
_reflns.observed_criterion_F_min                       ? 
_reflns.observed_criterion_I_max                       ? 
_reflns.observed_criterion_I_min                       ? 
_reflns.observed_criterion_sigma_F                     ? 
_reflns.observed_criterion_sigma_I                     ? 
_reflns.percent_possible_obs                           93.65 
_reflns.R_free_details                                 ? 
_reflns.Rmerge_F_all                                   ? 
_reflns.Rmerge_F_obs                                   ? 
_reflns.Friedel_coverage                               ? 
_reflns.number_gt                                      ? 
_reflns.threshold_expression                           ? 
_reflns.pdbx_redundancy                                20.4 
_reflns.pdbx_netI_over_av_sigmaI                       ? 
_reflns.pdbx_netI_over_sigmaI                          18.36 
_reflns.pdbx_res_netI_over_av_sigmaI_2                 ? 
_reflns.pdbx_res_netI_over_sigmaI_2                    ? 
_reflns.pdbx_chi_squared                               ? 
_reflns.pdbx_scaling_rejects                           ? 
_reflns.pdbx_d_res_high_opt                            ? 
_reflns.pdbx_d_res_low_opt                             ? 
_reflns.pdbx_d_res_opt_method                          ? 
_reflns.phase_calculation_details                      ? 
_reflns.pdbx_Rrim_I_all                                ? 
_reflns.pdbx_Rpim_I_all                                ? 
_reflns.pdbx_d_opt                                     ? 
_reflns.pdbx_number_measured_all                       ? 
_reflns.pdbx_diffrn_id                                 1 
_reflns.pdbx_ordinal                                   1 
_reflns.pdbx_CC_half                                   0.998 
_reflns.pdbx_CC_star                                   ? 
_reflns.pdbx_R_split                                   ? 
_reflns.pdbx_Rmerge_I_obs                              ? 
_reflns.pdbx_Rmerge_I_all                              ? 
_reflns.pdbx_Rsym_value                                ? 
_reflns.pdbx_CC_split_method                           ? 
_reflns.pdbx_aniso_diffraction_limit_axis_1_ortho[1]   ? 
_reflns.pdbx_aniso_diffraction_limit_axis_1_ortho[2]   ? 
_reflns.pdbx_aniso_diffraction_limit_axis_1_ortho[3]   ? 
_reflns.pdbx_aniso_diffraction_limit_axis_2_ortho[1]   ? 
_reflns.pdbx_aniso_diffraction_limit_axis_2_ortho[2]   ? 
_reflns.pdbx_aniso_diffraction_limit_axis_2_ortho[3]   ? 
_reflns.pdbx_aniso_diffraction_limit_axis_3_ortho[1]   ? 
_reflns.pdbx_aniso_diffraction_limit_axis_3_ortho[2]   ? 
_reflns.pdbx_aniso_diffraction_limit_axis_3_ortho[3]   ? 
_reflns.pdbx_aniso_diffraction_limit_1                 ? 
_reflns.pdbx_aniso_diffraction_limit_2                 ? 
_reflns.pdbx_aniso_diffraction_limit_3                 ? 
_reflns.pdbx_aniso_B_tensor_eigenvector_1_ortho[1]     ? 
_reflns.pdbx_aniso_B_tensor_eigenvector_1_ortho[2]     ? 
_reflns.pdbx_aniso_B_tensor_eigenvector_1_ortho[3]     ? 
_reflns.pdbx_aniso_B_tensor_eigenvector_2_ortho[1]     ? 
_reflns.pdbx_aniso_B_tensor_eigenvector_2_ortho[2]     ? 
_reflns.pdbx_aniso_B_tensor_eigenvector_2_ortho[3]     ? 
_reflns.pdbx_aniso_B_tensor_eigenvector_3_ortho[1]     ? 
_reflns.pdbx_aniso_B_tensor_eigenvector_3_ortho[2]     ? 
_reflns.pdbx_aniso_B_tensor_eigenvector_3_ortho[3]     ? 
_reflns.pdbx_aniso_B_tensor_eigenvalue_1               ? 
_reflns.pdbx_aniso_B_tensor_eigenvalue_2               ? 
_reflns.pdbx_aniso_B_tensor_eigenvalue_3               ? 
_reflns.pdbx_orthogonalization_convention              ? 
_reflns.pdbx_percent_possible_ellipsoidal              ? 
_reflns.pdbx_percent_possible_spherical                ? 
_reflns.pdbx_percent_possible_ellipsoidal_anomalous    ? 
_reflns.pdbx_percent_possible_spherical_anomalous      ? 
_reflns.pdbx_redundancy_anomalous                      ? 
_reflns.pdbx_CC_half_anomalous                         ? 
_reflns.pdbx_absDiff_over_sigma_anomalous              ? 
_reflns.pdbx_percent_possible_anomalous                ? 
_reflns.pdbx_observed_signal_threshold                 ? 
_reflns.pdbx_signal_type                               ? 
_reflns.pdbx_signal_details                            ? 
_reflns.pdbx_signal_software_id                        ? 
# 
_reflns_shell.d_res_high                                    2.9 
_reflns_shell.d_res_low                                     3.004 
_reflns_shell.meanI_over_sigI_all                           ? 
_reflns_shell.meanI_over_sigI_obs                           ? 
_reflns_shell.number_measured_all                           ? 
_reflns_shell.number_measured_obs                           ? 
_reflns_shell.number_possible                               ? 
_reflns_shell.number_unique_all                             ? 
_reflns_shell.number_unique_obs                             551 
_reflns_shell.percent_possible_obs                          ? 
_reflns_shell.Rmerge_F_all                                  ? 
_reflns_shell.Rmerge_F_obs                                  ? 
_reflns_shell.meanI_over_sigI_gt                            ? 
_reflns_shell.meanI_over_uI_all                             ? 
_reflns_shell.meanI_over_uI_gt                              ? 
_reflns_shell.number_measured_gt                            ? 
_reflns_shell.number_unique_gt                              ? 
_reflns_shell.percent_possible_gt                           ? 
_reflns_shell.Rmerge_F_gt                                   ? 
_reflns_shell.Rmerge_I_gt                                   ? 
_reflns_shell.pdbx_redundancy                               ? 
_reflns_shell.pdbx_chi_squared                              ? 
_reflns_shell.pdbx_netI_over_sigmaI_all                     ? 
_reflns_shell.pdbx_netI_over_sigmaI_obs                     ? 
_reflns_shell.pdbx_Rrim_I_all                               ? 
_reflns_shell.pdbx_Rpim_I_all                               ? 
_reflns_shell.pdbx_rejects                                  ? 
_reflns_shell.pdbx_ordinal                                  1 
_reflns_shell.pdbx_diffrn_id                                1 
_reflns_shell.pdbx_CC_half                                  0.897 
_reflns_shell.pdbx_CC_star                                  ? 
_reflns_shell.pdbx_R_split                                  ? 
_reflns_shell.percent_possible_all                          ? 
_reflns_shell.Rmerge_I_all                                  ? 
_reflns_shell.Rmerge_I_obs                                  ? 
_reflns_shell.pdbx_Rsym_value                               ? 
_reflns_shell.pdbx_percent_possible_ellipsoidal             ? 
_reflns_shell.pdbx_percent_possible_spherical               ? 
_reflns_shell.pdbx_percent_possible_ellipsoidal_anomalous   ? 
_reflns_shell.pdbx_percent_possible_spherical_anomalous     ? 
_reflns_shell.pdbx_redundancy_anomalous                     ? 
_reflns_shell.pdbx_CC_half_anomalous                        ? 
_reflns_shell.pdbx_absDiff_over_sigma_anomalous             ? 
_reflns_shell.pdbx_percent_possible_anomalous               ? 
# 
_refine.aniso_B[1][1]                            ? 
_refine.aniso_B[1][2]                            ? 
_refine.aniso_B[1][3]                            ? 
_refine.aniso_B[2][2]                            ? 
_refine.aniso_B[2][3]                            ? 
_refine.aniso_B[3][3]                            ? 
_refine.B_iso_max                                ? 
_refine.B_iso_mean                               93.15 
_refine.B_iso_min                                ? 
_refine.correlation_coeff_Fo_to_Fc               ? 
_refine.correlation_coeff_Fo_to_Fc_free          ? 
_refine.details                                  ? 
_refine.diff_density_max                         ? 
_refine.diff_density_max_esd                     ? 
_refine.diff_density_min                         ? 
_refine.diff_density_min_esd                     ? 
_refine.diff_density_rms                         ? 
_refine.diff_density_rms_esd                     ? 
_refine.entry_id                                 8I8Y 
_refine.pdbx_refine_id                           'X-RAY DIFFRACTION' 
_refine.ls_abs_structure_details                 ? 
_refine.ls_abs_structure_Flack                   ? 
_refine.ls_abs_structure_Flack_esd               ? 
_refine.ls_abs_structure_Rogers                  ? 
_refine.ls_abs_structure_Rogers_esd              ? 
_refine.ls_d_res_high                            2.90 
_refine.ls_d_res_low                             47.72 
_refine.ls_extinction_coef                       ? 
_refine.ls_extinction_coef_esd                   ? 
_refine.ls_extinction_expression                 ? 
_refine.ls_extinction_method                     ? 
_refine.ls_goodness_of_fit_all                   ? 
_refine.ls_goodness_of_fit_all_esd               ? 
_refine.ls_goodness_of_fit_obs                   ? 
_refine.ls_goodness_of_fit_obs_esd               ? 
_refine.ls_hydrogen_treatment                    ? 
_refine.ls_matrix_type                           ? 
_refine.ls_number_constraints                    ? 
_refine.ls_number_parameters                     ? 
_refine.ls_number_reflns_all                     ? 
_refine.ls_number_reflns_obs                     5418 
_refine.ls_number_reflns_R_free                  258 
_refine.ls_number_reflns_R_work                  5160 
_refine.ls_number_restraints                     ? 
_refine.ls_percent_reflns_obs                    93.69 
_refine.ls_percent_reflns_R_free                 4.76 
_refine.ls_R_factor_all                          ? 
_refine.ls_R_factor_obs                          0.2836 
_refine.ls_R_factor_R_free                       0.3403 
_refine.ls_R_factor_R_free_error                 ? 
_refine.ls_R_factor_R_free_error_details         ? 
_refine.ls_R_factor_R_work                       0.2810 
_refine.ls_R_Fsqd_factor_obs                     ? 
_refine.ls_R_I_factor_obs                        ? 
_refine.ls_redundancy_reflns_all                 ? 
_refine.ls_redundancy_reflns_obs                 ? 
_refine.ls_restrained_S_all                      ? 
_refine.ls_restrained_S_obs                      ? 
_refine.ls_shift_over_esd_max                    ? 
_refine.ls_shift_over_esd_mean                   ? 
_refine.ls_structure_factor_coef                 ? 
_refine.ls_weighting_details                     ? 
_refine.ls_weighting_scheme                      ? 
_refine.ls_wR_factor_all                         ? 
_refine.ls_wR_factor_obs                         ? 
_refine.ls_wR_factor_R_free                      ? 
_refine.ls_wR_factor_R_work                      ? 
_refine.occupancy_max                            ? 
_refine.occupancy_min                            ? 
_refine.solvent_model_details                    'FLAT BULK SOLVENT MODEL' 
_refine.solvent_model_param_bsol                 ? 
_refine.solvent_model_param_ksol                 ? 
_refine.pdbx_R_complete                          ? 
_refine.ls_R_factor_gt                           ? 
_refine.ls_goodness_of_fit_gt                    ? 
_refine.ls_goodness_of_fit_ref                   ? 
_refine.ls_shift_over_su_max                     ? 
_refine.ls_shift_over_su_max_lt                  ? 
_refine.ls_shift_over_su_mean                    ? 
_refine.ls_shift_over_su_mean_lt                 ? 
_refine.pdbx_ls_sigma_I                          ? 
_refine.pdbx_ls_sigma_F                          1.36 
_refine.pdbx_ls_sigma_Fsqd                       ? 
_refine.pdbx_data_cutoff_high_absF               ? 
_refine.pdbx_data_cutoff_high_rms_absF           ? 
_refine.pdbx_data_cutoff_low_absF                ? 
_refine.pdbx_isotropic_thermal_model             ? 
_refine.pdbx_ls_cross_valid_method               'FREE R-VALUE' 
_refine.pdbx_method_to_determine_struct          SAD 
_refine.pdbx_starting_model                      ? 
_refine.pdbx_stereochemistry_target_values       'GeoStd + Monomer Library + CDL v1.2' 
_refine.pdbx_R_Free_selection_details            ? 
_refine.pdbx_stereochem_target_val_spec_case     ? 
_refine.pdbx_overall_ESU_R                       ? 
_refine.pdbx_overall_ESU_R_Free                  ? 
_refine.pdbx_solvent_vdw_probe_radii             1.1100 
_refine.pdbx_solvent_ion_probe_radii             ? 
_refine.pdbx_solvent_shrinkage_radii             0.9000 
_refine.pdbx_real_space_R                        ? 
_refine.pdbx_density_correlation                 ? 
_refine.pdbx_pd_number_of_powder_patterns        ? 
_refine.pdbx_pd_number_of_points                 ? 
_refine.pdbx_pd_meas_number_of_points            ? 
_refine.pdbx_pd_proc_ls_prof_R_factor            ? 
_refine.pdbx_pd_proc_ls_prof_wR_factor           ? 
_refine.pdbx_pd_Marquardt_correlation_coeff      ? 
_refine.pdbx_pd_Fsqrd_R_factor                   ? 
_refine.pdbx_pd_ls_matrix_band_width             ? 
_refine.pdbx_overall_phase_error                 28.1688 
_refine.pdbx_overall_SU_R_free_Cruickshank_DPI   ? 
_refine.pdbx_overall_SU_R_free_Blow_DPI          ? 
_refine.pdbx_overall_SU_R_Blow_DPI               ? 
_refine.pdbx_TLS_residual_ADP_flag               ? 
_refine.pdbx_diffrn_id                           1 
_refine.overall_SU_B                             ? 
_refine.overall_SU_ML                            0.3623 
_refine.overall_SU_R_Cruickshank_DPI             ? 
_refine.overall_SU_R_free                        ? 
_refine.overall_FOM_free_R_set                   ? 
_refine.overall_FOM_work_R_set                   ? 
_refine.pdbx_average_fsc_overall                 ? 
_refine.pdbx_average_fsc_work                    ? 
_refine.pdbx_average_fsc_free                    ? 
# 
_refine_hist.pdbx_refine_id                   'X-RAY DIFFRACTION' 
_refine_hist.cycle_id                         LAST 
_refine_hist.details                          ? 
_refine_hist.d_res_high                       2.90 
_refine_hist.d_res_low                        47.72 
_refine_hist.number_atoms_solvent             0 
_refine_hist.number_atoms_total               1086 
_refine_hist.number_reflns_all                ? 
_refine_hist.number_reflns_obs                ? 
_refine_hist.number_reflns_R_free             ? 
_refine_hist.number_reflns_R_work             ? 
_refine_hist.R_factor_all                     ? 
_refine_hist.R_factor_obs                     ? 
_refine_hist.R_factor_R_free                  ? 
_refine_hist.R_factor_R_work                  ? 
_refine_hist.pdbx_number_residues_total       ? 
_refine_hist.pdbx_B_iso_mean_ligand           ? 
_refine_hist.pdbx_B_iso_mean_solvent          ? 
_refine_hist.pdbx_number_atoms_protein        1086 
_refine_hist.pdbx_number_atoms_nucleic_acid   0 
_refine_hist.pdbx_number_atoms_ligand         0 
_refine_hist.pdbx_number_atoms_lipid          ? 
_refine_hist.pdbx_number_atoms_carb           ? 
_refine_hist.pdbx_pseudo_atom_details         ? 
# 
loop_
_refine_ls_restr.pdbx_refine_id 
_refine_ls_restr.criterion 
_refine_ls_restr.dev_ideal 
_refine_ls_restr.dev_ideal_target 
_refine_ls_restr.number 
_refine_ls_restr.rejects 
_refine_ls_restr.type 
_refine_ls_restr.weight 
_refine_ls_restr.pdbx_restraint_function 
'X-RAY DIFFRACTION' ? 0.0033  ? 1094 ? f_bond_d           ? ? 
'X-RAY DIFFRACTION' ? 0.6039  ? 1482 ? f_angle_d          ? ? 
'X-RAY DIFFRACTION' ? 0.0592  ? 182  ? f_chiral_restr     ? ? 
'X-RAY DIFFRACTION' ? 0.0026  ? 194  ? f_plane_restr      ? ? 
'X-RAY DIFFRACTION' ? 12.2806 ? 408  ? f_dihedral_angle_d ? ? 
# 
loop_
_refine_ls_shell.pdbx_refine_id 
_refine_ls_shell.d_res_high 
_refine_ls_shell.d_res_low 
_refine_ls_shell.number_reflns_all 
_refine_ls_shell.number_reflns_obs 
_refine_ls_shell.number_reflns_R_free 
_refine_ls_shell.number_reflns_R_work 
_refine_ls_shell.percent_reflns_obs 
_refine_ls_shell.percent_reflns_R_free 
_refine_ls_shell.R_factor_all 
_refine_ls_shell.R_factor_obs 
_refine_ls_shell.R_factor_R_free_error 
_refine_ls_shell.R_factor_R_work 
_refine_ls_shell.redundancy_reflns_all 
_refine_ls_shell.redundancy_reflns_obs 
_refine_ls_shell.wR_factor_all 
_refine_ls_shell.wR_factor_obs 
_refine_ls_shell.wR_factor_R_free 
_refine_ls_shell.wR_factor_R_work 
_refine_ls_shell.pdbx_R_complete 
_refine_ls_shell.pdbx_total_number_of_bins_used 
_refine_ls_shell.pdbx_phase_error 
_refine_ls_shell.pdbx_fsc_work 
_refine_ls_shell.pdbx_fsc_free 
_refine_ls_shell.R_factor_R_free 
'X-RAY DIFFRACTION' 2.90 3.65  . . 132 2502 93.70 . . . . 0.3607 . . . . . . . . . . . 0.4287 
'X-RAY DIFFRACTION' 3.65 47.72 . . 126 2658 93.77 . . . . 0.2624 . . . . . . . . . . . 0.3151 
# 
_struct.entry_id                     8I8Y 
_struct.title                        'A mutant of the C-terminal complex of proteins 4.1G and NuMA' 
_struct.pdbx_model_details           ? 
_struct.pdbx_formula_weight          ? 
_struct.pdbx_formula_weight_method   ? 
_struct.pdbx_model_type_details      ? 
_struct.pdbx_CASP_flag               N 
# 
_struct_keywords.entry_id        8I8Y 
_struct_keywords.text            
'A computational design mutant of a fusion protein from the C terminal of 4.1G and NuMA, DE NOVO PROTEIN' 
_struct_keywords.pdbx_keywords   'DE NOVO PROTEIN' 
# 
loop_
_struct_asym.id 
_struct_asym.pdbx_blank_PDB_chainid_flag 
_struct_asym.pdbx_modified 
_struct_asym.entity_id 
_struct_asym.details 
A N N 1 ? 
B N N 2 ? 
# 
loop_
_struct_ref.id 
_struct_ref.db_name 
_struct_ref.db_code 
_struct_ref.pdbx_db_accession 
_struct_ref.pdbx_db_isoform 
_struct_ref.entity_id 
_struct_ref.pdbx_seq_one_letter_code 
_struct_ref.pdbx_align_begin 
1 PDB 8I8Y 8I8Y ? 1 ? 1 
2 PDB 8I8Y 8I8Y ? 2 ? 1 
# 
loop_
_struct_ref_seq.align_id 
_struct_ref_seq.ref_id 
_struct_ref_seq.pdbx_PDB_id_code 
_struct_ref_seq.pdbx_strand_id 
_struct_ref_seq.seq_align_beg 
_struct_ref_seq.pdbx_seq_align_beg_ins_code 
_struct_ref_seq.seq_align_end 
_struct_ref_seq.pdbx_seq_align_end_ins_code 
_struct_ref_seq.pdbx_db_accession 
_struct_ref_seq.db_align_beg 
_struct_ref_seq.pdbx_db_align_beg_ins_code 
_struct_ref_seq.db_align_end 
_struct_ref_seq.pdbx_db_align_end_ins_code 
_struct_ref_seq.pdbx_auth_seq_align_beg 
_struct_ref_seq.pdbx_auth_seq_align_end 
1 1 8I8Y B 1 ? 70 ? 8I8Y 9 ? 78 ? 9 78 
2 2 8I8Y A 1 ? 71 ? 8I8Y 8 ? 78 ? 8 78 
# 
_pdbx_struct_assembly.id                   1 
_pdbx_struct_assembly.details              author_and_software_defined_assembly 
_pdbx_struct_assembly.method_details       PISA 
_pdbx_struct_assembly.oligomeric_details   dimeric 
_pdbx_struct_assembly.oligomeric_count     2 
# 
loop_
_pdbx_struct_assembly_prop.biol_id 
_pdbx_struct_assembly_prop.type 
_pdbx_struct_assembly_prop.value 
_pdbx_struct_assembly_prop.details 
1 'ABSA (A^2)' 1490 ? 
1 MORE         -5   ? 
1 'SSA (A^2)'  9790 ? 
# 
_pdbx_struct_assembly_gen.assembly_id       1 
_pdbx_struct_assembly_gen.oper_expression   1 
_pdbx_struct_assembly_gen.asym_id_list      A,B 
# 
_pdbx_struct_assembly_auth_evidence.id                     1 
_pdbx_struct_assembly_auth_evidence.assembly_id            1 
_pdbx_struct_assembly_auth_evidence.experimental_support   'native gel electrophoresis' 
_pdbx_struct_assembly_auth_evidence.details                ? 
# 
_pdbx_struct_oper_list.id                   1 
_pdbx_struct_oper_list.type                 'identity operation' 
_pdbx_struct_oper_list.name                 1_555 
_pdbx_struct_oper_list.symmetry_operation   x,y,z 
_pdbx_struct_oper_list.matrix[1][1]         1.0000000000 
_pdbx_struct_oper_list.matrix[1][2]         0.0000000000 
_pdbx_struct_oper_list.matrix[1][3]         0.0000000000 
_pdbx_struct_oper_list.vector[1]            0.0000000000 
_pdbx_struct_oper_list.matrix[2][1]         0.0000000000 
_pdbx_struct_oper_list.matrix[2][2]         1.0000000000 
_pdbx_struct_oper_list.matrix[2][3]         0.0000000000 
_pdbx_struct_oper_list.vector[2]            0.0000000000 
_pdbx_struct_oper_list.matrix[3][1]         0.0000000000 
_pdbx_struct_oper_list.matrix[3][2]         0.0000000000 
_pdbx_struct_oper_list.matrix[3][3]         1.0000000000 
_pdbx_struct_oper_list.vector[3]            0.0000000000 
# 
loop_
_struct_conf.conf_type_id 
_struct_conf.id 
_struct_conf.pdbx_PDB_helix_id 
_struct_conf.beg_label_comp_id 
_struct_conf.beg_label_asym_id 
_struct_conf.beg_label_seq_id 
_struct_conf.pdbx_beg_PDB_ins_code 
_struct_conf.end_label_comp_id 
_struct_conf.end_label_asym_id 
_struct_conf.end_label_seq_id 
_struct_conf.pdbx_end_PDB_ins_code 
_struct_conf.beg_auth_comp_id 
_struct_conf.beg_auth_asym_id 
_struct_conf.beg_auth_seq_id 
_struct_conf.end_auth_comp_id 
_struct_conf.end_auth_asym_id 
_struct_conf.end_auth_seq_id 
_struct_conf.pdbx_PDB_helix_class 
_struct_conf.details 
_struct_conf.pdbx_PDB_helix_length 
HELX_P HELX_P1 AA1 ASP A 15 ? HIS A 31 ? ASP B 23 HIS B 39 1 ? 17 
HELX_P HELX_P2 AA2 ASP B 16 ? HIS B 32 ? ASP A 23 HIS A 39 1 ? 17 
# 
_struct_conf_type.id          HELX_P 
_struct_conf_type.criteria    ? 
_struct_conf_type.reference   ? 
# 
loop_
_struct_conn.id 
_struct_conn.conn_type_id 
_struct_conn.pdbx_leaving_atom_flag 
_struct_conn.pdbx_PDB_id 
_struct_conn.ptnr1_label_asym_id 
_struct_conn.ptnr1_label_comp_id 
_struct_conn.ptnr1_label_seq_id 
_struct_conn.ptnr1_label_atom_id 
_struct_conn.pdbx_ptnr1_label_alt_id 
_struct_conn.pdbx_ptnr1_PDB_ins_code 
_struct_conn.pdbx_ptnr1_standard_comp_id 
_struct_conn.ptnr1_symmetry 
_struct_conn.ptnr2_label_asym_id 
_struct_conn.ptnr2_label_comp_id 
_struct_conn.ptnr2_label_seq_id 
_struct_conn.ptnr2_label_atom_id 
_struct_conn.pdbx_ptnr2_label_alt_id 
_struct_conn.pdbx_ptnr2_PDB_ins_code 
_struct_conn.ptnr1_auth_asym_id 
_struct_conn.ptnr1_auth_comp_id 
_struct_conn.ptnr1_auth_seq_id 
_struct_conn.ptnr2_auth_asym_id 
_struct_conn.ptnr2_auth_comp_id 
_struct_conn.ptnr2_auth_seq_id 
_struct_conn.ptnr2_symmetry 
_struct_conn.pdbx_ptnr3_label_atom_id 
_struct_conn.pdbx_ptnr3_label_seq_id 
_struct_conn.pdbx_ptnr3_label_comp_id 
_struct_conn.pdbx_ptnr3_label_asym_id 
_struct_conn.pdbx_ptnr3_label_alt_id 
_struct_conn.pdbx_ptnr3_PDB_ins_code 
_struct_conn.details 
_struct_conn.pdbx_dist_value 
_struct_conn.pdbx_value_order 
_struct_conn.pdbx_role 
covale1 covale both ? A ASP 33 C ? ? ? 1_555 A MSE 34 N ? ? B ASP 41 B MSE 42 1_555 ? ? ? ? ? ? ? 1.329 ? ? 
covale2 covale both ? A MSE 34 C ? ? ? 1_555 A SER 35 N ? ? B MSE 42 B SER 43 1_555 ? ? ? ? ? ? ? 1.325 ? ? 
covale3 covale both ? A THR 62 C ? ? ? 1_555 A MSE 63 N ? ? B THR 70 B MSE 71 1_555 ? ? ? ? ? ? ? 1.335 ? ? 
covale4 covale both ? A MSE 63 C ? ? ? 1_555 A THR 64 N ? ? B MSE 71 B THR 72 1_555 ? ? ? ? ? ? ? 1.332 ? ? 
covale5 covale both ? B ASP 34 C ? ? ? 1_555 B MSE 35 N ? ? A ASP 41 A MSE 42 1_555 ? ? ? ? ? ? ? 1.335 ? ? 
covale6 covale both ? B MSE 35 C ? ? ? 1_555 B SER 36 N ? ? A MSE 42 A SER 43 1_555 ? ? ? ? ? ? ? 1.330 ? ? 
covale7 covale both ? B THR 63 C ? ? ? 1_555 B MSE 64 N ? ? A THR 70 A MSE 71 1_555 ? ? ? ? ? ? ? 1.337 ? ? 
covale8 covale both ? B MSE 64 C ? ? ? 1_555 B THR 65 N ? ? A MSE 71 A THR 72 1_555 ? ? ? ? ? ? ? 1.332 ? ? 
# 
_struct_conn_type.id          covale 
_struct_conn_type.criteria    ? 
_struct_conn_type.reference   ? 
# 
loop_
_pdbx_modification_feature.ordinal 
_pdbx_modification_feature.label_comp_id 
_pdbx_modification_feature.label_asym_id 
_pdbx_modification_feature.label_seq_id 
_pdbx_modification_feature.label_alt_id 
_pdbx_modification_feature.modified_residue_label_comp_id 
_pdbx_modification_feature.modified_residue_label_asym_id 
_pdbx_modification_feature.modified_residue_label_seq_id 
_pdbx_modification_feature.modified_residue_label_alt_id 
_pdbx_modification_feature.auth_comp_id 
_pdbx_modification_feature.auth_asym_id 
_pdbx_modification_feature.auth_seq_id 
_pdbx_modification_feature.PDB_ins_code 
_pdbx_modification_feature.symmetry 
_pdbx_modification_feature.modified_residue_auth_comp_id 
_pdbx_modification_feature.modified_residue_auth_asym_id 
_pdbx_modification_feature.modified_residue_auth_seq_id 
_pdbx_modification_feature.modified_residue_PDB_ins_code 
_pdbx_modification_feature.modified_residue_symmetry 
_pdbx_modification_feature.comp_id_linking_atom 
_pdbx_modification_feature.modified_residue_id_linking_atom 
_pdbx_modification_feature.modified_residue_id 
_pdbx_modification_feature.ref_pcm_id 
_pdbx_modification_feature.ref_comp_id 
_pdbx_modification_feature.type 
_pdbx_modification_feature.category 
1 MSE A 34 ? . . . . MSE B 42 ? 1_555 . . . . . . . MET 1 MSE Selenomethionine 'Named protein modification' 
2 MSE A 63 ? . . . . MSE B 71 ? 1_555 . . . . . . . MET 1 MSE Selenomethionine 'Named protein modification' 
3 MSE B 35 ? . . . . MSE A 42 ? 1_555 . . . . . . . MET 1 MSE Selenomethionine 'Named protein modification' 
4 MSE B 64 ? . . . . MSE A 71 ? 1_555 . . . . . . . MET 1 MSE Selenomethionine 'Named protein modification' 
# 
_struct_sheet.id               AA1 
_struct_sheet.type             ? 
_struct_sheet.number_strands   6 
_struct_sheet.details          ? 
# 
loop_
_struct_sheet_order.sheet_id 
_struct_sheet_order.range_id_1 
_struct_sheet_order.range_id_2 
_struct_sheet_order.offset 
_struct_sheet_order.sense 
AA1 1 2 ? anti-parallel 
AA1 2 3 ? anti-parallel 
AA1 3 4 ? anti-parallel 
AA1 4 5 ? anti-parallel 
AA1 5 6 ? anti-parallel 
# 
loop_
_struct_sheet_range.sheet_id 
_struct_sheet_range.id 
_struct_sheet_range.beg_label_comp_id 
_struct_sheet_range.beg_label_asym_id 
_struct_sheet_range.beg_label_seq_id 
_struct_sheet_range.pdbx_beg_PDB_ins_code 
_struct_sheet_range.end_label_comp_id 
_struct_sheet_range.end_label_asym_id 
_struct_sheet_range.end_label_seq_id 
_struct_sheet_range.pdbx_end_PDB_ins_code 
_struct_sheet_range.beg_auth_comp_id 
_struct_sheet_range.beg_auth_asym_id 
_struct_sheet_range.beg_auth_seq_id 
_struct_sheet_range.end_auth_comp_id 
_struct_sheet_range.end_auth_asym_id 
_struct_sheet_range.end_auth_seq_id 
AA1 1 ILE A 2  ? ASP A 9  ? ILE B 10 ASP B 17 
AA1 2 ARG A 54 ? LYS A 65 ? ARG B 62 LYS B 73 
AA1 3 MSE A 34 ? GLU A 46 ? MSE B 42 GLU B 54 
AA1 4 MSE B 35 ? GLU B 47 ? MSE A 42 GLU A 54 
AA1 5 THR B 56 ? LYS B 66 ? THR A 63 LYS A 73 
AA1 6 VAL B 2  ? ILE B 9  ? VAL A 9  ILE A 16 
# 
loop_
_pdbx_struct_sheet_hbond.sheet_id 
_pdbx_struct_sheet_hbond.range_id_1 
_pdbx_struct_sheet_hbond.range_id_2 
_pdbx_struct_sheet_hbond.range_1_label_atom_id 
_pdbx_struct_sheet_hbond.range_1_label_comp_id 
_pdbx_struct_sheet_hbond.range_1_label_asym_id 
_pdbx_struct_sheet_hbond.range_1_label_seq_id 
_pdbx_struct_sheet_hbond.range_1_PDB_ins_code 
_pdbx_struct_sheet_hbond.range_1_auth_atom_id 
_pdbx_struct_sheet_hbond.range_1_auth_comp_id 
_pdbx_struct_sheet_hbond.range_1_auth_asym_id 
_pdbx_struct_sheet_hbond.range_1_auth_seq_id 
_pdbx_struct_sheet_hbond.range_2_label_atom_id 
_pdbx_struct_sheet_hbond.range_2_label_comp_id 
_pdbx_struct_sheet_hbond.range_2_label_asym_id 
_pdbx_struct_sheet_hbond.range_2_label_seq_id 
_pdbx_struct_sheet_hbond.range_2_PDB_ins_code 
_pdbx_struct_sheet_hbond.range_2_auth_atom_id 
_pdbx_struct_sheet_hbond.range_2_auth_comp_id 
_pdbx_struct_sheet_hbond.range_2_auth_asym_id 
_pdbx_struct_sheet_hbond.range_2_auth_seq_id 
AA1 1 2 N ILE A 6  ? N ILE B 14 O ILE A 59 ? O ILE B 67 
AA1 2 3 O THR A 62 ? O THR B 70 N THR A 37 ? N THR B 45 
AA1 3 4 N THR A 45 ? N THR B 53 O VAL B 42 ? O VAL A 49 
AA1 4 5 N THR B 38 ? N THR A 45 O THR B 63 ? O THR A 70 
AA1 5 6 O ILE B 62 ? O ILE A 69 N LYS B 5  ? N LYS A 12 
# 
_pdbx_entry_details.entry_id                   8I8Y 
_pdbx_entry_details.nonpolymer_details         ? 
_pdbx_entry_details.sequence_details           ? 
_pdbx_entry_details.compound_details           ? 
_pdbx_entry_details.source_details             ? 
_pdbx_entry_details.has_ligand_of_interest     N 
_pdbx_entry_details.has_protein_modification   Y 
# 
_pdbx_validate_torsion.id              1 
_pdbx_validate_torsion.PDB_model_num   1 
_pdbx_validate_torsion.auth_comp_id    ASP 
_pdbx_validate_torsion.auth_asym_id    A 
_pdbx_validate_torsion.auth_seq_id     76 
_pdbx_validate_torsion.PDB_ins_code    ? 
_pdbx_validate_torsion.label_alt_id    ? 
_pdbx_validate_torsion.phi             -160.36 
_pdbx_validate_torsion.psi             112.28 
# 
loop_
_space_group_symop.id 
_space_group_symop.operation_xyz 
1 x,y,z               
2 -y+1/2,x+1/2,z+1/2  
3 y+1/2,-x+1/2,z+1/2  
4 x+1/2,-y+1/2,-z+1/2 
5 -x+1/2,y+1/2,-z+1/2 
6 -x,-y,z             
7 y,x,-z              
8 -y,-x,-z            
# 
loop_
_chem_comp_atom.comp_id 
_chem_comp_atom.atom_id 
_chem_comp_atom.type_symbol 
_chem_comp_atom.pdbx_aromatic_flag 
_chem_comp_atom.pdbx_stereo_config 
_chem_comp_atom.pdbx_ordinal 
ALA N    N  N N 1   
ALA CA   C  N S 2   
ALA C    C  N N 3   
ALA O    O  N N 4   
ALA CB   C  N N 5   
ALA OXT  O  N N 6   
ALA H    H  N N 7   
ALA H2   H  N N 8   
ALA HA   H  N N 9   
ALA HB1  H  N N 10  
ALA HB2  H  N N 11  
ALA HB3  H  N N 12  
ALA HXT  H  N N 13  
ARG N    N  N N 14  
ARG CA   C  N S 15  
ARG C    C  N N 16  
ARG O    O  N N 17  
ARG CB   C  N N 18  
ARG CG   C  N N 19  
ARG CD   C  N N 20  
ARG NE   N  N N 21  
ARG CZ   C  N N 22  
ARG NH1  N  N N 23  
ARG NH2  N  N N 24  
ARG OXT  O  N N 25  
ARG H    H  N N 26  
ARG H2   H  N N 27  
ARG HA   H  N N 28  
ARG HB2  H  N N 29  
ARG HB3  H  N N 30  
ARG HG2  H  N N 31  
ARG HG3  H  N N 32  
ARG HD2  H  N N 33  
ARG HD3  H  N N 34  
ARG HE   H  N N 35  
ARG HH11 H  N N 36  
ARG HH12 H  N N 37  
ARG HH21 H  N N 38  
ARG HH22 H  N N 39  
ARG HXT  H  N N 40  
ASN N    N  N N 41  
ASN CA   C  N S 42  
ASN C    C  N N 43  
ASN O    O  N N 44  
ASN CB   C  N N 45  
ASN CG   C  N N 46  
ASN OD1  O  N N 47  
ASN ND2  N  N N 48  
ASN OXT  O  N N 49  
ASN H    H  N N 50  
ASN H2   H  N N 51  
ASN HA   H  N N 52  
ASN HB2  H  N N 53  
ASN HB3  H  N N 54  
ASN HD21 H  N N 55  
ASN HD22 H  N N 56  
ASN HXT  H  N N 57  
ASP N    N  N N 58  
ASP CA   C  N S 59  
ASP C    C  N N 60  
ASP O    O  N N 61  
ASP CB   C  N N 62  
ASP CG   C  N N 63  
ASP OD1  O  N N 64  
ASP OD2  O  N N 65  
ASP OXT  O  N N 66  
ASP H    H  N N 67  
ASP H2   H  N N 68  
ASP HA   H  N N 69  
ASP HB2  H  N N 70  
ASP HB3  H  N N 71  
ASP HD2  H  N N 72  
ASP HXT  H  N N 73  
GLN N    N  N N 74  
GLN CA   C  N S 75  
GLN C    C  N N 76  
GLN O    O  N N 77  
GLN CB   C  N N 78  
GLN CG   C  N N 79  
GLN CD   C  N N 80  
GLN OE1  O  N N 81  
GLN NE2  N  N N 82  
GLN OXT  O  N N 83  
GLN H    H  N N 84  
GLN H2   H  N N 85  
GLN HA   H  N N 86  
GLN HB2  H  N N 87  
GLN HB3  H  N N 88  
GLN HG2  H  N N 89  
GLN HG3  H  N N 90  
GLN HE21 H  N N 91  
GLN HE22 H  N N 92  
GLN HXT  H  N N 93  
GLU N    N  N N 94  
GLU CA   C  N S 95  
GLU C    C  N N 96  
GLU O    O  N N 97  
GLU CB   C  N N 98  
GLU CG   C  N N 99  
GLU CD   C  N N 100 
GLU OE1  O  N N 101 
GLU OE2  O  N N 102 
GLU OXT  O  N N 103 
GLU H    H  N N 104 
GLU H2   H  N N 105 
GLU HA   H  N N 106 
GLU HB2  H  N N 107 
GLU HB3  H  N N 108 
GLU HG2  H  N N 109 
GLU HG3  H  N N 110 
GLU HE2  H  N N 111 
GLU HXT  H  N N 112 
GLY N    N  N N 113 
GLY CA   C  N N 114 
GLY C    C  N N 115 
GLY O    O  N N 116 
GLY OXT  O  N N 117 
GLY H    H  N N 118 
GLY H2   H  N N 119 
GLY HA2  H  N N 120 
GLY HA3  H  N N 121 
GLY HXT  H  N N 122 
HIS N    N  N N 123 
HIS CA   C  N S 124 
HIS C    C  N N 125 
HIS O    O  N N 126 
HIS CB   C  N N 127 
HIS CG   C  Y N 128 
HIS ND1  N  Y N 129 
HIS CD2  C  Y N 130 
HIS CE1  C  Y N 131 
HIS NE2  N  Y N 132 
HIS OXT  O  N N 133 
HIS H    H  N N 134 
HIS H2   H  N N 135 
HIS HA   H  N N 136 
HIS HB2  H  N N 137 
HIS HB3  H  N N 138 
HIS HD1  H  N N 139 
HIS HD2  H  N N 140 
HIS HE1  H  N N 141 
HIS HE2  H  N N 142 
HIS HXT  H  N N 143 
ILE N    N  N N 144 
ILE CA   C  N S 145 
ILE C    C  N N 146 
ILE O    O  N N 147 
ILE CB   C  N S 148 
ILE CG1  C  N N 149 
ILE CG2  C  N N 150 
ILE CD1  C  N N 151 
ILE OXT  O  N N 152 
ILE H    H  N N 153 
ILE H2   H  N N 154 
ILE HA   H  N N 155 
ILE HB   H  N N 156 
ILE HG12 H  N N 157 
ILE HG13 H  N N 158 
ILE HG21 H  N N 159 
ILE HG22 H  N N 160 
ILE HG23 H  N N 161 
ILE HD11 H  N N 162 
ILE HD12 H  N N 163 
ILE HD13 H  N N 164 
ILE HXT  H  N N 165 
LEU N    N  N N 166 
LEU CA   C  N S 167 
LEU C    C  N N 168 
LEU O    O  N N 169 
LEU CB   C  N N 170 
LEU CG   C  N N 171 
LEU CD1  C  N N 172 
LEU CD2  C  N N 173 
LEU OXT  O  N N 174 
LEU H    H  N N 175 
LEU H2   H  N N 176 
LEU HA   H  N N 177 
LEU HB2  H  N N 178 
LEU HB3  H  N N 179 
LEU HG   H  N N 180 
LEU HD11 H  N N 181 
LEU HD12 H  N N 182 
LEU HD13 H  N N 183 
LEU HD21 H  N N 184 
LEU HD22 H  N N 185 
LEU HD23 H  N N 186 
LEU HXT  H  N N 187 
LYS N    N  N N 188 
LYS CA   C  N S 189 
LYS C    C  N N 190 
LYS O    O  N N 191 
LYS CB   C  N N 192 
LYS CG   C  N N 193 
LYS CD   C  N N 194 
LYS CE   C  N N 195 
LYS NZ   N  N N 196 
LYS OXT  O  N N 197 
LYS H    H  N N 198 
LYS H2   H  N N 199 
LYS HA   H  N N 200 
LYS HB2  H  N N 201 
LYS HB3  H  N N 202 
LYS HG2  H  N N 203 
LYS HG3  H  N N 204 
LYS HD2  H  N N 205 
LYS HD3  H  N N 206 
LYS HE2  H  N N 207 
LYS HE3  H  N N 208 
LYS HZ1  H  N N 209 
LYS HZ2  H  N N 210 
LYS HZ3  H  N N 211 
LYS HXT  H  N N 212 
MSE N    N  N N 213 
MSE CA   C  N S 214 
MSE C    C  N N 215 
MSE O    O  N N 216 
MSE OXT  O  N N 217 
MSE CB   C  N N 218 
MSE CG   C  N N 219 
MSE SE   SE N N 220 
MSE CE   C  N N 221 
MSE H    H  N N 222 
MSE H2   H  N N 223 
MSE HA   H  N N 224 
MSE HXT  H  N N 225 
MSE HB2  H  N N 226 
MSE HB3  H  N N 227 
MSE HG2  H  N N 228 
MSE HG3  H  N N 229 
MSE HE1  H  N N 230 
MSE HE2  H  N N 231 
MSE HE3  H  N N 232 
PRO N    N  N N 233 
PRO CA   C  N S 234 
PRO C    C  N N 235 
PRO O    O  N N 236 
PRO CB   C  N N 237 
PRO CG   C  N N 238 
PRO CD   C  N N 239 
PRO OXT  O  N N 240 
PRO H    H  N N 241 
PRO HA   H  N N 242 
PRO HB2  H  N N 243 
PRO HB3  H  N N 244 
PRO HG2  H  N N 245 
PRO HG3  H  N N 246 
PRO HD2  H  N N 247 
PRO HD3  H  N N 248 
PRO HXT  H  N N 249 
SER N    N  N N 250 
SER CA   C  N S 251 
SER C    C  N N 252 
SER O    O  N N 253 
SER CB   C  N N 254 
SER OG   O  N N 255 
SER OXT  O  N N 256 
SER H    H  N N 257 
SER H2   H  N N 258 
SER HA   H  N N 259 
SER HB2  H  N N 260 
SER HB3  H  N N 261 
SER HG   H  N N 262 
SER HXT  H  N N 263 
THR N    N  N N 264 
THR CA   C  N S 265 
THR C    C  N N 266 
THR O    O  N N 267 
THR CB   C  N R 268 
THR OG1  O  N N 269 
THR CG2  C  N N 270 
THR OXT  O  N N 271 
THR H    H  N N 272 
THR H2   H  N N 273 
THR HA   H  N N 274 
THR HB   H  N N 275 
THR HG1  H  N N 276 
THR HG21 H  N N 277 
THR HG22 H  N N 278 
THR HG23 H  N N 279 
THR HXT  H  N N 280 
TRP N    N  N N 281 
TRP CA   C  N S 282 
TRP C    C  N N 283 
TRP O    O  N N 284 
TRP CB   C  N N 285 
TRP CG   C  Y N 286 
TRP CD1  C  Y N 287 
TRP CD2  C  Y N 288 
TRP NE1  N  Y N 289 
TRP CE2  C  Y N 290 
TRP CE3  C  Y N 291 
TRP CZ2  C  Y N 292 
TRP CZ3  C  Y N 293 
TRP CH2  C  Y N 294 
TRP OXT  O  N N 295 
TRP H    H  N N 296 
TRP H2   H  N N 297 
TRP HA   H  N N 298 
TRP HB2  H  N N 299 
TRP HB3  H  N N 300 
TRP HD1  H  N N 301 
TRP HE1  H  N N 302 
TRP HE3  H  N N 303 
TRP HZ2  H  N N 304 
TRP HZ3  H  N N 305 
TRP HH2  H  N N 306 
TRP HXT  H  N N 307 
VAL N    N  N N 308 
VAL CA   C  N S 309 
VAL C    C  N N 310 
VAL O    O  N N 311 
VAL CB   C  N N 312 
VAL CG1  C  N N 313 
VAL CG2  C  N N 314 
VAL OXT  O  N N 315 
VAL H    H  N N 316 
VAL H2   H  N N 317 
VAL HA   H  N N 318 
VAL HB   H  N N 319 
VAL HG11 H  N N 320 
VAL HG12 H  N N 321 
VAL HG13 H  N N 322 
VAL HG21 H  N N 323 
VAL HG22 H  N N 324 
VAL HG23 H  N N 325 
VAL HXT  H  N N 326 
# 
loop_
_chem_comp_bond.comp_id 
_chem_comp_bond.atom_id_1 
_chem_comp_bond.atom_id_2 
_chem_comp_bond.value_order 
_chem_comp_bond.pdbx_aromatic_flag 
_chem_comp_bond.pdbx_stereo_config 
_chem_comp_bond.pdbx_ordinal 
ALA N   CA   sing N N 1   
ALA N   H    sing N N 2   
ALA N   H2   sing N N 3   
ALA CA  C    sing N N 4   
ALA CA  CB   sing N N 5   
ALA CA  HA   sing N N 6   
ALA C   O    doub N N 7   
ALA C   OXT  sing N N 8   
ALA CB  HB1  sing N N 9   
ALA CB  HB2  sing N N 10  
ALA CB  HB3  sing N N 11  
ALA OXT HXT  sing N N 12  
ARG N   CA   sing N N 13  
ARG N   H    sing N N 14  
ARG N   H2   sing N N 15  
ARG CA  C    sing N N 16  
ARG CA  CB   sing N N 17  
ARG CA  HA   sing N N 18  
ARG C   O    doub N N 19  
ARG C   OXT  sing N N 20  
ARG CB  CG   sing N N 21  
ARG CB  HB2  sing N N 22  
ARG CB  HB3  sing N N 23  
ARG CG  CD   sing N N 24  
ARG CG  HG2  sing N N 25  
ARG CG  HG3  sing N N 26  
ARG CD  NE   sing N N 27  
ARG CD  HD2  sing N N 28  
ARG CD  HD3  sing N N 29  
ARG NE  CZ   sing N N 30  
ARG NE  HE   sing N N 31  
ARG CZ  NH1  sing N N 32  
ARG CZ  NH2  doub N N 33  
ARG NH1 HH11 sing N N 34  
ARG NH1 HH12 sing N N 35  
ARG NH2 HH21 sing N N 36  
ARG NH2 HH22 sing N N 37  
ARG OXT HXT  sing N N 38  
ASN N   CA   sing N N 39  
ASN N   H    sing N N 40  
ASN N   H2   sing N N 41  
ASN CA  C    sing N N 42  
ASN CA  CB   sing N N 43  
ASN CA  HA   sing N N 44  
ASN C   O    doub N N 45  
ASN C   OXT  sing N N 46  
ASN CB  CG   sing N N 47  
ASN CB  HB2  sing N N 48  
ASN CB  HB3  sing N N 49  
ASN CG  OD1  doub N N 50  
ASN CG  ND2  sing N N 51  
ASN ND2 HD21 sing N N 52  
ASN ND2 HD22 sing N N 53  
ASN OXT HXT  sing N N 54  
ASP N   CA   sing N N 55  
ASP N   H    sing N N 56  
ASP N   H2   sing N N 57  
ASP CA  C    sing N N 58  
ASP CA  CB   sing N N 59  
ASP CA  HA   sing N N 60  
ASP C   O    doub N N 61  
ASP C   OXT  sing N N 62  
ASP CB  CG   sing N N 63  
ASP CB  HB2  sing N N 64  
ASP CB  HB3  sing N N 65  
ASP CG  OD1  doub N N 66  
ASP CG  OD2  sing N N 67  
ASP OD2 HD2  sing N N 68  
ASP OXT HXT  sing N N 69  
GLN N   CA   sing N N 70  
GLN N   H    sing N N 71  
GLN N   H2   sing N N 72  
GLN CA  C    sing N N 73  
GLN CA  CB   sing N N 74  
GLN CA  HA   sing N N 75  
GLN C   O    doub N N 76  
GLN C   OXT  sing N N 77  
GLN CB  CG   sing N N 78  
GLN CB  HB2  sing N N 79  
GLN CB  HB3  sing N N 80  
GLN CG  CD   sing N N 81  
GLN CG  HG2  sing N N 82  
GLN CG  HG3  sing N N 83  
GLN CD  OE1  doub N N 84  
GLN CD  NE2  sing N N 85  
GLN NE2 HE21 sing N N 86  
GLN NE2 HE22 sing N N 87  
GLN OXT HXT  sing N N 88  
GLU N   CA   sing N N 89  
GLU N   H    sing N N 90  
GLU N   H2   sing N N 91  
GLU CA  C    sing N N 92  
GLU CA  CB   sing N N 93  
GLU CA  HA   sing N N 94  
GLU C   O    doub N N 95  
GLU C   OXT  sing N N 96  
GLU CB  CG   sing N N 97  
GLU CB  HB2  sing N N 98  
GLU CB  HB3  sing N N 99  
GLU CG  CD   sing N N 100 
GLU CG  HG2  sing N N 101 
GLU CG  HG3  sing N N 102 
GLU CD  OE1  doub N N 103 
GLU CD  OE2  sing N N 104 
GLU OE2 HE2  sing N N 105 
GLU OXT HXT  sing N N 106 
GLY N   CA   sing N N 107 
GLY N   H    sing N N 108 
GLY N   H2   sing N N 109 
GLY CA  C    sing N N 110 
GLY CA  HA2  sing N N 111 
GLY CA  HA3  sing N N 112 
GLY C   O    doub N N 113 
GLY C   OXT  sing N N 114 
GLY OXT HXT  sing N N 115 
HIS N   CA   sing N N 116 
HIS N   H    sing N N 117 
HIS N   H2   sing N N 118 
HIS CA  C    sing N N 119 
HIS CA  CB   sing N N 120 
HIS CA  HA   sing N N 121 
HIS C   O    doub N N 122 
HIS C   OXT  sing N N 123 
HIS CB  CG   sing N N 124 
HIS CB  HB2  sing N N 125 
HIS CB  HB3  sing N N 126 
HIS CG  ND1  sing Y N 127 
HIS CG  CD2  doub Y N 128 
HIS ND1 CE1  doub Y N 129 
HIS ND1 HD1  sing N N 130 
HIS CD2 NE2  sing Y N 131 
HIS CD2 HD2  sing N N 132 
HIS CE1 NE2  sing Y N 133 
HIS CE1 HE1  sing N N 134 
HIS NE2 HE2  sing N N 135 
HIS OXT HXT  sing N N 136 
ILE N   CA   sing N N 137 
ILE N   H    sing N N 138 
ILE N   H2   sing N N 139 
ILE CA  C    sing N N 140 
ILE CA  CB   sing N N 141 
ILE CA  HA   sing N N 142 
ILE C   O    doub N N 143 
ILE C   OXT  sing N N 144 
ILE CB  CG1  sing N N 145 
ILE CB  CG2  sing N N 146 
ILE CB  HB   sing N N 147 
ILE CG1 CD1  sing N N 148 
ILE CG1 HG12 sing N N 149 
ILE CG1 HG13 sing N N 150 
ILE CG2 HG21 sing N N 151 
ILE CG2 HG22 sing N N 152 
ILE CG2 HG23 sing N N 153 
ILE CD1 HD11 sing N N 154 
ILE CD1 HD12 sing N N 155 
ILE CD1 HD13 sing N N 156 
ILE OXT HXT  sing N N 157 
LEU N   CA   sing N N 158 
LEU N   H    sing N N 159 
LEU N   H2   sing N N 160 
LEU CA  C    sing N N 161 
LEU CA  CB   sing N N 162 
LEU CA  HA   sing N N 163 
LEU C   O    doub N N 164 
LEU C   OXT  sing N N 165 
LEU CB  CG   sing N N 166 
LEU CB  HB2  sing N N 167 
LEU CB  HB3  sing N N 168 
LEU CG  CD1  sing N N 169 
LEU CG  CD2  sing N N 170 
LEU CG  HG   sing N N 171 
LEU CD1 HD11 sing N N 172 
LEU CD1 HD12 sing N N 173 
LEU CD1 HD13 sing N N 174 
LEU CD2 HD21 sing N N 175 
LEU CD2 HD22 sing N N 176 
LEU CD2 HD23 sing N N 177 
LEU OXT HXT  sing N N 178 
LYS N   CA   sing N N 179 
LYS N   H    sing N N 180 
LYS N   H2   sing N N 181 
LYS CA  C    sing N N 182 
LYS CA  CB   sing N N 183 
LYS CA  HA   sing N N 184 
LYS C   O    doub N N 185 
LYS C   OXT  sing N N 186 
LYS CB  CG   sing N N 187 
LYS CB  HB2  sing N N 188 
LYS CB  HB3  sing N N 189 
LYS CG  CD   sing N N 190 
LYS CG  HG2  sing N N 191 
LYS CG  HG3  sing N N 192 
LYS CD  CE   sing N N 193 
LYS CD  HD2  sing N N 194 
LYS CD  HD3  sing N N 195 
LYS CE  NZ   sing N N 196 
LYS CE  HE2  sing N N 197 
LYS CE  HE3  sing N N 198 
LYS NZ  HZ1  sing N N 199 
LYS NZ  HZ2  sing N N 200 
LYS NZ  HZ3  sing N N 201 
LYS OXT HXT  sing N N 202 
MSE N   CA   sing N N 203 
MSE N   H    sing N N 204 
MSE N   H2   sing N N 205 
MSE CA  C    sing N N 206 
MSE CA  CB   sing N N 207 
MSE CA  HA   sing N N 208 
MSE C   O    doub N N 209 
MSE C   OXT  sing N N 210 
MSE OXT HXT  sing N N 211 
MSE CB  CG   sing N N 212 
MSE CB  HB2  sing N N 213 
MSE CB  HB3  sing N N 214 
MSE CG  SE   sing N N 215 
MSE CG  HG2  sing N N 216 
MSE CG  HG3  sing N N 217 
MSE SE  CE   sing N N 218 
MSE CE  HE1  sing N N 219 
MSE CE  HE2  sing N N 220 
MSE CE  HE3  sing N N 221 
PRO N   CA   sing N N 222 
PRO N   CD   sing N N 223 
PRO N   H    sing N N 224 
PRO CA  C    sing N N 225 
PRO CA  CB   sing N N 226 
PRO CA  HA   sing N N 227 
PRO C   O    doub N N 228 
PRO C   OXT  sing N N 229 
PRO CB  CG   sing N N 230 
PRO CB  HB2  sing N N 231 
PRO CB  HB3  sing N N 232 
PRO CG  CD   sing N N 233 
PRO CG  HG2  sing N N 234 
PRO CG  HG3  sing N N 235 
PRO CD  HD2  sing N N 236 
PRO CD  HD3  sing N N 237 
PRO OXT HXT  sing N N 238 
SER N   CA   sing N N 239 
SER N   H    sing N N 240 
SER N   H2   sing N N 241 
SER CA  C    sing N N 242 
SER CA  CB   sing N N 243 
SER CA  HA   sing N N 244 
SER C   O    doub N N 245 
SER C   OXT  sing N N 246 
SER CB  OG   sing N N 247 
SER CB  HB2  sing N N 248 
SER CB  HB3  sing N N 249 
SER OG  HG   sing N N 250 
SER OXT HXT  sing N N 251 
THR N   CA   sing N N 252 
THR N   H    sing N N 253 
THR N   H2   sing N N 254 
THR CA  C    sing N N 255 
THR CA  CB   sing N N 256 
THR CA  HA   sing N N 257 
THR C   O    doub N N 258 
THR C   OXT  sing N N 259 
THR CB  OG1  sing N N 260 
THR CB  CG2  sing N N 261 
THR CB  HB   sing N N 262 
THR OG1 HG1  sing N N 263 
THR CG2 HG21 sing N N 264 
THR CG2 HG22 sing N N 265 
THR CG2 HG23 sing N N 266 
THR OXT HXT  sing N N 267 
TRP N   CA   sing N N 268 
TRP N   H    sing N N 269 
TRP N   H2   sing N N 270 
TRP CA  C    sing N N 271 
TRP CA  CB   sing N N 272 
TRP CA  HA   sing N N 273 
TRP C   O    doub N N 274 
TRP C   OXT  sing N N 275 
TRP CB  CG   sing N N 276 
TRP CB  HB2  sing N N 277 
TRP CB  HB3  sing N N 278 
TRP CG  CD1  doub Y N 279 
TRP CG  CD2  sing Y N 280 
TRP CD1 NE1  sing Y N 281 
TRP CD1 HD1  sing N N 282 
TRP CD2 CE2  doub Y N 283 
TRP CD2 CE3  sing Y N 284 
TRP NE1 CE2  sing Y N 285 
TRP NE1 HE1  sing N N 286 
TRP CE2 CZ2  sing Y N 287 
TRP CE3 CZ3  doub Y N 288 
TRP CE3 HE3  sing N N 289 
TRP CZ2 CH2  doub Y N 290 
TRP CZ2 HZ2  sing N N 291 
TRP CZ3 CH2  sing Y N 292 
TRP CZ3 HZ3  sing N N 293 
TRP CH2 HH2  sing N N 294 
TRP OXT HXT  sing N N 295 
VAL N   CA   sing N N 296 
VAL N   H    sing N N 297 
VAL N   H2   sing N N 298 
VAL CA  C    sing N N 299 
VAL CA  CB   sing N N 300 
VAL CA  HA   sing N N 301 
VAL C   O    doub N N 302 
VAL C   OXT  sing N N 303 
VAL CB  CG1  sing N N 304 
VAL CB  CG2  sing N N 305 
VAL CB  HB   sing N N 306 
VAL CG1 HG11 sing N N 307 
VAL CG1 HG12 sing N N 308 
VAL CG1 HG13 sing N N 309 
VAL CG2 HG21 sing N N 310 
VAL CG2 HG22 sing N N 311 
VAL CG2 HG23 sing N N 312 
VAL OXT HXT  sing N N 313 
# 
_pdbx_audit_support.funding_organization   'Not funded' 
_pdbx_audit_support.country                ? 
_pdbx_audit_support.grant_number           ? 
_pdbx_audit_support.ordinal                1 
# 
_space_group.name_H-M_alt     'P 42 21 2' 
_space_group.name_Hall        'P 4n 2n' 
_space_group.IT_number        94 
_space_group.crystal_system   tetragonal 
_space_group.id               1 
# 
_atom_sites.entry_id                    8I8Y 
_atom_sites.Cartn_transf_matrix[1][1]   ? 
_atom_sites.Cartn_transf_matrix[1][2]   ? 
_atom_sites.Cartn_transf_matrix[1][3]   ? 
_atom_sites.Cartn_transf_matrix[2][1]   ? 
_atom_sites.Cartn_transf_matrix[2][2]   ? 
_atom_sites.Cartn_transf_matrix[2][3]   ? 
_atom_sites.Cartn_transf_matrix[3][1]   ? 
_atom_sites.Cartn_transf_matrix[3][2]   ? 
_atom_sites.Cartn_transf_matrix[3][3]   ? 
_atom_sites.Cartn_transf_vector[1]      ? 
_atom_sites.Cartn_transf_vector[2]      ? 
_atom_sites.Cartn_transf_vector[3]      ? 
_atom_sites.fract_transf_matrix[1][1]   -0.00617768 
_atom_sites.fract_transf_matrix[1][2]   -0.00456734 
_atom_sites.fract_transf_matrix[1][3]   0.00749486 
_atom_sites.fract_transf_matrix[2][1]   0.00723928 
_atom_sites.fract_transf_matrix[2][2]   -0.00783367 
_atom_sites.fract_transf_matrix[2][3]   0.00119320 
_atom_sites.fract_transf_matrix[3][1]   0.00832154 
_atom_sites.fract_transf_matrix[3][2]   0.00962863 
_atom_sites.fract_transf_matrix[3][3]   0.01272672 
_atom_sites.fract_transf_vector[1]      -0.208387 
_atom_sites.fract_transf_vector[2]      -0.313183 
_atom_sites.fract_transf_vector[3]      -0.135776 
_atom_sites.solution_primary            ? 
_atom_sites.solution_secondary          ? 
_atom_sites.solution_hydrogens          ? 
_atom_sites.special_details             ? 
# 
loop_
_atom_type.symbol 
_atom_type.scat_dispersion_real 
_atom_type.scat_dispersion_imag 
_atom_type.scat_Cromer_Mann_a1 
_atom_type.scat_Cromer_Mann_a2 
_atom_type.scat_Cromer_Mann_a3 
_atom_type.scat_Cromer_Mann_a4 
_atom_type.scat_Cromer_Mann_b1 
_atom_type.scat_Cromer_Mann_b2 
_atom_type.scat_Cromer_Mann_b3 
_atom_type.scat_Cromer_Mann_b4 
_atom_type.scat_Cromer_Mann_c 
_atom_type.scat_source 
_atom_type.scat_dispersion_source 
C ? ? 3.54356 2.42580 ? ? 25.62398 1.50364  ? ? 0.0 
;2-Gaussian fit: Grosse-Kunstleve RW, Sauter NK, Adams PD: Newsletter of the IUCr Commission on Crystallographic Computing 2004, 3, 22-31.
;
? 
N ? ? 4.01032 2.96436 ? ? 19.97189 1.75589  ? ? 0.0 
;2-Gaussian fit: Grosse-Kunstleve RW, Sauter NK, Adams PD: Newsletter of the IUCr Commission on Crystallographic Computing 2004, 3, 22-31.
;
? 
O ? ? 7.96527 ?       ? ? 9.05267  ?        ? ? 0.0 
;1-Gaussian fit: Grosse-Kunstleve RW, Sauter NK, Adams PD: Newsletter of the IUCr Commission on Crystallographic Computing 2004, 3, 22-31.
;
? 
S ? ? 9.55732 6.39887 ? ? 1.23737  29.19336 ? ? 0.0 
;2-Gaussian fit: Grosse-Kunstleve RW, Sauter NK, Adams PD: Newsletter of the IUCr Commission on Crystallographic Computing 2004, 3, 22-31.
;
? 
# 
loop_
_atom_site.group_PDB 
_atom_site.id 
_atom_site.type_symbol 
_atom_site.label_atom_id 
_atom_site.label_alt_id 
_atom_site.label_comp_id 
_atom_site.label_asym_id 
_atom_site.label_entity_id 
_atom_site.label_seq_id 
_atom_site.pdbx_PDB_ins_code 
_atom_site.Cartn_x 
_atom_site.Cartn_y 
_atom_site.Cartn_z 
_atom_site.occupancy 
_atom_site.B_iso_or_equiv 
_atom_site.pdbx_formal_charge 
_atom_site.auth_seq_id 
_atom_site.auth_comp_id 
_atom_site.auth_asym_id 
_atom_site.auth_atom_id 
_atom_site.pdbx_PDB_model_num 
ATOM   1    N N   . VAL A 1 1  ? 12.46944  -2.68930  15.31044  1.000 67.06000  ? 9  VAL B N   1 
ATOM   2    C CA  . VAL A 1 1  ? 11.15626  -2.98913  14.74273  1.000 81.44000  ? 9  VAL B CA  1 
ATOM   3    C C   . VAL A 1 1  ? 11.25783  -4.02245  13.62107  1.000 59.28000  ? 9  VAL B C   1 
ATOM   4    O O   . VAL A 1 1  ? 12.26777  -4.11526  12.92910  1.000 67.44000  ? 9  VAL B O   1 
ATOM   5    C CB  . VAL A 1 1  ? 10.46094  -1.70735  14.23470  1.000 56.44000  ? 9  VAL B CB  1 
ATOM   6    C CG1 . VAL A 1 1  ? 10.46677  -0.64502  15.31793  1.000 59.44000  ? 9  VAL B CG1 1 
ATOM   7    C CG2 . VAL A 1 1  ? 11.13196  -1.19029  12.97343  1.000 76.35000  ? 9  VAL B CG2 1 
ATOM   8    N N   . ILE A 1 2  ? 10.19644  -4.80743  13.46790  1.000 61.73000  ? 10 ILE B N   1 
ATOM   9    C CA  . ILE A 1 2  ? 10.08168  -5.83797  12.44457  1.000 41.02000  ? 10 ILE B CA  1 
ATOM   10   C C   . ILE A 1 2  ? 8.91001   -5.48082  11.54467  1.000 58.56000  ? 10 ILE B C   1 
ATOM   11   O O   . ILE A 1 2  ? 7.82645   -5.14419  12.03525  1.000 59.70000  ? 10 ILE B O   1 
ATOM   12   C CB  . ILE A 1 2  ? 9.87561   -7.23360  13.05962  1.000 62.96000  ? 10 ILE B CB  1 
ATOM   13   C CG1 . ILE A 1 2  ? 11.04607  -7.60517  13.97123  1.000 64.76000  ? 10 ILE B CG1 1 
ATOM   14   C CG2 . ILE A 1 2  ? 9.68668   -8.27398  11.97203  1.000 65.23000  ? 10 ILE B CG2 1 
ATOM   15   C CD1 . ILE A 1 2  ? 12.24558  -8.13462  13.23817  1.000 68.82000  ? 10 ILE B CD1 1 
ATOM   16   N N   . GLU A 1 3  ? 9.13161   -5.54271  10.23464  1.000 72.09000  ? 11 GLU B N   1 
ATOM   17   C CA  . GLU A 1 3  ? 8.08435   -5.36279  9.23333   1.000 57.34000  ? 11 GLU B CA  1 
ATOM   18   C C   . GLU A 1 3  ? 7.94221   -6.67328  8.47223   1.000 66.06000  ? 11 GLU B C   1 
ATOM   19   O O   . GLU A 1 3  ? 8.85256   -7.07035  7.73616   1.000 79.63000  ? 11 GLU B O   1 
ATOM   20   C CB  . GLU A 1 3  ? 8.41736   -4.21376  8.28909   1.000 43.24000  ? 11 GLU B CB  1 
ATOM   21   C CG  . GLU A 1 3  ? 8.76456   -2.91192  8.99055   1.000 72.83000  ? 11 GLU B CG  1 
ATOM   22   C CD  . GLU A 1 3  ? 7.54549   -2.07125  9.31285   1.000 92.29000  ? 11 GLU B CD  1 
ATOM   23   O OE1 . GLU A 1 3  ? 6.41929   -2.49189  8.96742   1.000 95.47000  ? 11 GLU B OE1 1 
ATOM   24   O OE2 . GLU A 1 3  ? 7.71779   -0.98443  9.90667   1.000 85.95000  ? 11 GLU B OE2 1 
ATOM   25   N N   . LYS A 1 4  ? 6.82220   -7.35860  8.67230   1.000 60.42000  ? 12 LYS B N   1 
ATOM   26   C CA  . LYS A 1 4  ? 6.52145   -8.60977  7.98559   1.000 53.64000  ? 12 LYS B CA  1 
ATOM   27   C C   . LYS A 1 4  ? 5.55175   -8.30424  6.85267   1.000 54.39000  ? 12 LYS B C   1 
ATOM   28   O O   . LYS A 1 4  ? 4.41738   -7.88542  7.09369   1.000 67.35000  ? 12 LYS B O   1 
ATOM   29   C CB  . LYS A 1 4  ? 5.93030   -9.62278  8.96034   1.000 63.16000  ? 12 LYS B CB  1 
ATOM   30   C CG  . LYS A 1 4  ? 5.57245   -10.96932 8.37180   1.000 65.62000  ? 12 LYS B CG  1 
ATOM   31   C CD  . LYS A 1 4  ? 5.29092   -11.96118 9.49579   1.000 97.44000  ? 12 LYS B CD  1 
ATOM   32   C CE  . LYS A 1 4  ? 4.71961   -13.26927 8.97956   1.000 95.85000  ? 12 LYS B CE  1 
ATOM   33   N NZ  . LYS A 1 4  ? 5.68427   -13.98925 8.10581   1.000 107.95000 ? 12 LYS B NZ  1 
ATOM   34   N N   . ARG A 1 5  ? 5.99800   -8.50550  5.62140   1.000 63.54000  ? 13 ARG B N   1 
ATOM   35   C CA  . ARG A 1 5  ? 5.19698   -8.23704  4.43594   1.000 66.19000  ? 13 ARG B CA  1 
ATOM   36   C C   . ARG A 1 5  ? 4.80487   -9.56381  3.79827   1.000 72.15000  ? 13 ARG B C   1 
ATOM   37   O O   . ARG A 1 5  ? 5.66346   -10.41963 3.55768   1.000 70.09000  ? 13 ARG B O   1 
ATOM   38   C CB  . ARG A 1 5  ? 5.97689   -7.35717  3.45688   1.000 76.11000  ? 13 ARG B CB  1 
ATOM   39   C CG  . ARG A 1 5  ? 5.18660   -6.84528  2.27538   1.000 82.21000  ? 13 ARG B CG  1 
ATOM   40   C CD  . ARG A 1 5  ? 5.92179   -5.69807  1.59565   1.000 84.75000  ? 13 ARG B CD  1 
ATOM   41   N NE  . ARG A 1 5  ? 5.44025   -5.47030  0.23773   1.000 114.72000 ? 13 ARG B NE  1 
ATOM   42   C CZ  . ARG A 1 5  ? 5.90555   -6.09442  -0.83598  1.000 113.18000 ? 13 ARG B CZ  1 
ATOM   43   N NH1 . ARG A 1 5  ? 6.87827   -6.98809  -0.74922  1.000 90.79000  ? 13 ARG B NH1 1 
ATOM   44   N NH2 . ARG A 1 5  ? 5.37905   -5.81961  -2.02615  1.000 107.06000 ? 13 ARG B NH2 1 
ATOM   45   N N   . ILE A 1 6  ? 3.50868   -9.74438  3.55067   1.000 68.16000  ? 14 ILE B N   1 
ATOM   46   C CA  . ILE A 1 6  ? 2.97580   -10.98859 3.00481   1.000 71.44000  ? 14 ILE B CA  1 
ATOM   47   C C   . ILE A 1 6  ? 2.17198   -10.64681 1.76004   1.000 73.17000  ? 14 ILE B C   1 
ATOM   48   O O   . ILE A 1 6  ? 1.24398   -9.83303  1.82186   1.000 75.07000  ? 14 ILE B O   1 
ATOM   49   C CB  . ILE A 1 6  ? 2.10397   -11.73725 4.02673   1.000 68.48000  ? 14 ILE B CB  1 
ATOM   50   C CG1 . ILE A 1 6  ? 2.88586   -11.96419 5.32197   1.000 75.65000  ? 14 ILE B CG1 1 
ATOM   51   C CG2 . ILE A 1 6  ? 1.63073   -13.06026 3.45623   1.000 67.93000  ? 14 ILE B CG2 1 
ATOM   52   C CD1 . ILE A 1 6  ? 2.05287   -12.51425 6.44967   1.000 73.95000  ? 14 ILE B CD1 1 
ATOM   53   N N   . VAL A 1 7  ? 2.51836   -11.26793 0.63596   1.000 76.81000  ? 15 VAL B N   1 
ATOM   54   C CA  . VAL A 1 7  ? 1.91033   -10.96449 -0.65408  1.000 90.03000  ? 15 VAL B CA  1 
ATOM   55   C C   . VAL A 1 7  ? 1.01373   -12.12615 -1.05992  1.000 84.38000  ? 15 VAL B C   1 
ATOM   56   O O   . VAL A 1 7  ? 1.44232   -13.28590 -1.04679  1.000 85.65000  ? 15 VAL B O   1 
ATOM   57   C CB  . VAL A 1 7  ? 2.97536   -10.69063 -1.72877  1.000 79.15000  ? 15 VAL B CB  1 
ATOM   58   C CG1 . VAL A 1 7  ? 2.31665   -10.31344 -3.04571  1.000 91.07000  ? 15 VAL B CG1 1 
ATOM   59   C CG2 . VAL A 1 7  ? 3.92643   -9.59877  -1.26614  1.000 83.41000  ? 15 VAL B CG2 1 
ATOM   60   N N   . ILE A 1 8  ? -0.23251  -11.81432 -1.40019  1.000 86.57000  ? 16 ILE B N   1 
ATOM   61   C CA  . ILE A 1 8  ? -1.16763  -12.76720 -1.98265  1.000 101.82000 ? 16 ILE B CA  1 
ATOM   62   C C   . ILE A 1 8  ? -1.51169  -12.26911 -3.38042  1.000 112.28000 ? 16 ILE B C   1 
ATOM   63   O O   . ILE A 1 8  ? -2.12397  -11.20211 -3.53561  1.000 108.10000 ? 16 ILE B O   1 
ATOM   64   C CB  . ILE A 1 8  ? -2.43418  -12.93370 -1.13036  1.000 94.71000  ? 16 ILE B CB  1 
ATOM   65   C CG1 . ILE A 1 8  ? -2.07575  -13.04210 0.35493   1.000 83.59000  ? 16 ILE B CG1 1 
ATOM   66   C CG2 . ILE A 1 8  ? -3.21448  -14.15609 -1.57902  1.000 75.55000  ? 16 ILE B CG2 1 
ATOM   67   C CD1 . ILE A 1 8  ? -1.25246  -14.26068 0.69047   1.000 98.17000  ? 16 ILE B CD1 1 
ATOM   68   N N   . ASP A 1 9  ? -1.09094  -13.01633 -4.39833  1.000 120.75000 ? 17 ASP B N   1 
ATOM   69   C CA  . ASP A 1 9  ? -1.40752  -12.65953 -5.77507  1.000 112.83000 ? 17 ASP B CA  1 
ATOM   70   C C   . ASP A 1 9  ? -2.87748  -12.96346 -6.03916  1.000 129.48000 ? 17 ASP B C   1 
ATOM   71   O O   . ASP A 1 9  ? -3.32014  -14.10454 -5.87070  1.000 138.29000 ? 17 ASP B O   1 
ATOM   72   C CB  . ASP A 1 9  ? -0.50996  -13.42584 -6.74383  1.000 111.18000 ? 17 ASP B CB  1 
ATOM   73   N N   . GLY A 1 10 ? -3.63632  -11.94924 -6.44325  1.000 127.17000 ? 18 GLY B N   1 
ATOM   74   C CA  . GLY A 1 10 ? -5.04507  -12.15373 -6.71372  1.000 131.60000 ? 18 GLY B CA  1 
ATOM   75   C C   . GLY A 1 10 ? -5.93173  -11.28689 -5.84369  1.000 135.82000 ? 18 GLY B C   1 
ATOM   76   O O   . GLY A 1 10 ? -5.61978  -11.04650 -4.67393  1.000 134.43000 ? 18 GLY B O   1 
ATOM   77   N N   . ASP A 1 11 ? -7.03990  -10.80883 -6.40707  1.000 139.76000 ? 19 ASP B N   1 
ATOM   78   C CA  . ASP A 1 11 ? -7.93366  -9.87945  -5.73105  1.000 133.21000 ? 19 ASP B CA  1 
ATOM   79   C C   . ASP A 1 11 ? -9.01838  -10.57222 -4.90353  1.000 130.91000 ? 19 ASP B C   1 
ATOM   80   O O   . ASP A 1 11 ? -10.02766 -9.93957  -4.57517  1.000 131.00000 ? 19 ASP B O   1 
ATOM   81   C CB  . ASP A 1 11 ? -8.55329  -8.92872  -6.75794  1.000 130.46000 ? 19 ASP B CB  1 
ATOM   82   C CG  . ASP A 1 11 ? -8.95617  -9.63724  -8.03874  1.000 151.13000 ? 19 ASP B CG  1 
ATOM   83   O OD1 . ASP A 1 11 ? -8.33636  -10.67675 -8.36040  1.000 152.07000 ? 19 ASP B OD1 1 
ATOM   84   O OD2 . ASP A 1 11 ? -9.87387  -9.15246  -8.73317  1.000 168.02000 ? 19 ASP B OD2 1 
ATOM   85   N N   . GLY A 1 12 ? -8.83506  -11.84682 -4.56111  1.000 126.72000 ? 20 GLY B N   1 
ATOM   86   C CA  . GLY A 1 12 ? -9.73875  -12.52362 -3.64768  1.000 131.04000 ? 20 GLY B CA  1 
ATOM   87   C C   . GLY A 1 12 ? -9.83464  -11.84210 -2.29751  1.000 130.06000 ? 20 GLY B C   1 
ATOM   88   O O   . GLY A 1 12 ? -8.81300  -11.45320 -1.72394  1.000 124.47000 ? 20 GLY B O   1 
ATOM   89   N N   . ASP A 1 13 ? -11.05430 -11.68551 -1.78537  1.000 126.77000 ? 21 ASP B N   1 
ATOM   90   C CA  . ASP A 1 13 ? -11.25855 -10.98708 -0.52137  1.000 126.45000 ? 21 ASP B CA  1 
ATOM   91   C C   . ASP A 1 13 ? -10.54746 -11.69628 0.62784   1.000 117.92000 ? 21 ASP B C   1 
ATOM   92   O O   . ASP A 1 13 ? -10.45792 -12.92608 0.66393   1.000 113.11000 ? 21 ASP B O   1 
ATOM   93   C CB  . ASP A 1 13 ? -12.75265 -10.86516 -0.21791  1.000 127.42000 ? 21 ASP B CB  1 
ATOM   94   C CG  . ASP A 1 13 ? -13.45557 -9.88166  -1.13594  1.000 142.79000 ? 21 ASP B CG  1 
ATOM   95   O OD1 . ASP A 1 13 ? -12.76001 -9.09044  -1.80751  1.000 144.39000 ? 21 ASP B OD1 1 
ATOM   96   O OD2 . ASP A 1 13 ? -14.70436 -9.89459  -1.18217  1.000 148.54000 ? 21 ASP B OD2 1 
ATOM   97   N N   . ILE A 1 14 ? -10.02983 -10.90248 1.56544   1.000 113.99000 ? 22 ILE B N   1 
ATOM   98   C CA  . ILE A 1 14 ? -9.28679  -11.39328 2.72228   1.000 97.09000  ? 22 ILE B CA  1 
ATOM   99   C C   . ILE A 1 14 ? -10.12276 -11.14271 3.97026   1.000 105.86000 ? 22 ILE B C   1 
ATOM   100  O O   . ILE A 1 14 ? -10.64411 -10.03764 4.16097   1.000 111.56000 ? 22 ILE B O   1 
ATOM   101  C CB  . ILE A 1 14 ? -7.90726  -10.72270 2.83883   1.000 104.81000 ? 22 ILE B CB  1 
ATOM   102  C CG1 . ILE A 1 14 ? -7.04415  -11.06119 1.62265   1.000 109.23000 ? 22 ILE B CG1 1 
ATOM   103  C CG2 . ILE A 1 14 ? -7.21059  -11.14481 4.12533   1.000 106.63000 ? 22 ILE B CG2 1 
ATOM   104  C CD1 . ILE A 1 14 ? -5.60946  -10.61383 1.75605   1.000 94.58000  ? 22 ILE B CD1 1 
ATOM   105  N N   . ASP A 1 15 ? -10.25340 -12.16386 4.81411   1.000 102.31000 ? 23 ASP B N   1 
ATOM   106  C CA  . ASP A 1 15 ? -10.93570 -12.01619 6.10026   1.000 106.01000 ? 23 ASP B CA  1 
ATOM   107  C C   . ASP A 1 15 ? -10.05313 -11.18562 7.02598   1.000 104.98000 ? 23 ASP B C   1 
ATOM   108  O O   . ASP A 1 15 ? -9.03953  -11.66409 7.53980   1.000 103.54000 ? 23 ASP B O   1 
ATOM   109  C CB  . ASP A 1 15 ? -11.25310 -13.38298 6.69841   1.000 105.35000 ? 23 ASP B CB  1 
ATOM   110  C CG  . ASP A 1 15 ? -12.22407 -13.30123 7.86398   1.000 110.80000 ? 23 ASP B CG  1 
ATOM   111  O OD1 . ASP A 1 15 ? -12.48519 -12.18237 8.35636   1.000 107.18000 ? 23 ASP B OD1 1 
ATOM   112  O OD2 . ASP A 1 15 ? -12.74875 -14.36001 8.26989   1.000 115.96000 ? 23 ASP B OD2 1 
ATOM   113  N N   . HIS A 1 16 ? -10.44006 -9.92401  7.23099   1.000 99.44000  ? 24 HIS B N   1 
ATOM   114  C CA  . HIS A 1 16 ? -9.62998  -9.00033  8.02052   1.000 97.06000  ? 24 HIS B CA  1 
ATOM   115  C C   . HIS A 1 16 ? -9.46513  -9.47383  9.46172   1.000 98.12000  ? 24 HIS B C   1 
ATOM   116  O O   . HIS A 1 16 ? -8.35264  -9.47016  10.00430  1.000 97.66000  ? 24 HIS B O   1 
ATOM   117  C CB  . HIS A 1 16 ? -10.25857 -7.60755  7.98025   1.000 101.28000 ? 24 HIS B CB  1 
ATOM   118  C CG  . HIS A 1 16 ? -10.16221 -6.94254  6.64338   1.000 98.15000  ? 24 HIS B CG  1 
ATOM   119  N ND1 . HIS A 1 16 ? -9.54228  -5.72635  6.45916   1.000 111.28000 ? 24 HIS B ND1 1 
ATOM   120  C CD2 . HIS A 1 16 ? -10.59909 -7.32959  5.42161   1.000 106.26000 ? 24 HIS B CD2 1 
ATOM   121  C CE1 . HIS A 1 16 ? -9.60511  -5.38959  5.18340   1.000 106.61000 ? 24 HIS B CE1 1 
ATOM   122  N NE2 . HIS A 1 16 ? -10.24108 -6.34652  4.53144   1.000 92.13000  ? 24 HIS B NE2 1 
ATOM   123  N N   . ASP A 1 17 ? -10.56743 -9.87107  10.10542  1.000 109.78000 ? 25 ASP B N   1 
ATOM   124  C CA  . ASP A 1 17 ? -10.49761 -10.28107 11.50556  1.000 96.03000  ? 25 ASP B CA  1 
ATOM   125  C C   . ASP A 1 17 ? -9.59461  -11.49271 11.68190  1.000 97.16000  ? 25 ASP B C   1 
ATOM   126  O O   . ASP A 1 17 ? -8.79216  -11.54913 12.62257  1.000 92.51000  ? 25 ASP B O   1 
ATOM   127  C CB  . ASP A 1 17 ? -11.89821 -10.57774 12.03771  1.000 102.18000 ? 25 ASP B CB  1 
ATOM   128  C CG  . ASP A 1 17 ? -12.85934 -9.43092  11.81548  1.000 124.82000 ? 25 ASP B CG  1 
ATOM   129  O OD1 . ASP A 1 17 ? -12.46639 -8.26799  12.05613  1.000 114.92000 ? 25 ASP B OD1 1 
ATOM   130  O OD2 . ASP A 1 17 ? -14.00753 -9.69280  11.39543  1.000 126.68000 ? 25 ASP B OD2 1 
ATOM   131  N N   . GLN A 1 18 ? -9.69718  -12.46566 10.77390  1.000 93.17000  ? 26 GLN B N   1 
ATOM   132  C CA  . GLN A 1 18 ? -8.83887  -13.63658 10.86805  1.000 92.77000  ? 26 GLN B CA  1 
ATOM   133  C C   . GLN A 1 18 ? -7.39301  -13.28573 10.56088  1.000 102.41000 ? 26 GLN B C   1 
ATOM   134  O O   . GLN A 1 18 ? -6.48003  -13.87682 11.14367  1.000 101.75000 ? 26 GLN B O   1 
ATOM   135  C CB  . GLN A 1 18 ? -9.33008  -14.73686 9.92584   1.000 106.33000 ? 26 GLN B CB  1 
ATOM   136  C CG  . GLN A 1 18 ? -10.66450 -15.35568 10.31622  1.000 107.67000 ? 26 GLN B CG  1 
ATOM   137  C CD  . GLN A 1 18 ? -10.61929 -16.08099 11.64856  1.000 117.00000 ? 26 GLN B CD  1 
ATOM   138  O OE1 . GLN A 1 18 ? -9.55273  -16.47372 12.12510  1.000 112.64000 ? 26 GLN B OE1 1 
ATOM   139  N NE2 . GLN A 1 18 ? -11.78516 -16.26244 12.25966  1.000 122.43000 ? 26 GLN B NE2 1 
ATOM   140  N N   . ALA A 1 19 ? -7.16599  -12.32347 9.66321   1.000 96.44000  ? 27 ALA B N   1 
ATOM   141  C CA  . ALA A 1 19 ? -5.81051  -11.84630 9.41150   1.000 83.91000  ? 27 ALA B CA  1 
ATOM   142  C C   . ALA A 1 19 ? -5.19369  -11.26161 10.67720  1.000 89.67000  ? 27 ALA B C   1 
ATOM   143  O O   . ALA A 1 19 ? -4.04623  -11.57085 11.02212  1.000 84.61000  ? 27 ALA B O   1 
ATOM   144  C CB  . ALA A 1 19 ? -5.81536  -10.81564 8.28276   1.000 87.10000  ? 27 ALA B CB  1 
ATOM   145  N N   . LEU A 1 20 ? -5.94360  -10.41091 11.38517  1.000 82.82000  ? 28 LEU B N   1 
ATOM   146  C CA  . LEU A 1 20 ? -5.43777  -9.82577  12.62554  1.000 72.83000  ? 28 LEU B CA  1 
ATOM   147  C C   . LEU A 1 20 ? -5.18769  -10.89694 13.68255  1.000 88.65000  ? 28 LEU B C   1 
ATOM   148  O O   . LEU A 1 20 ? -4.14865  -10.89221 14.36286  1.000 95.30000  ? 28 LEU B O   1 
ATOM   149  C CB  . LEU A 1 20 ? -6.42541  -8.78312  13.14856  1.000 71.20000  ? 28 LEU B CB  1 
ATOM   150  C CG  . LEU A 1 20 ? -6.08391  -8.09612  14.47164  1.000 68.90000  ? 28 LEU B CG  1 
ATOM   151  C CD1 . LEU A 1 20 ? -4.69256  -7.47850  14.42961  1.000 73.06000  ? 28 LEU B CD1 1 
ATOM   152  C CD2 . LEU A 1 20 ? -7.13423  -7.05073  14.81721  1.000 78.52000  ? 28 LEU B CD2 1 
ATOM   153  N N   . ALA A 1 21 ? -6.14606  -11.81386 13.84609  1.000 81.96000  ? 29 ALA B N   1 
ATOM   154  C CA  . ALA A 1 21 ? -5.98235  -12.90527 14.79953  1.000 82.13000  ? 29 ALA B CA  1 
ATOM   155  C C   . ALA A 1 21 ? -4.73218  -13.72033 14.49268  1.000 85.30000  ? 29 ALA B C   1 
ATOM   156  O O   . ALA A 1 21 ? -3.92949  -14.01084 15.38826  1.000 80.99000  ? 29 ALA B O   1 
ATOM   157  C CB  . ALA A 1 21 ? -7.22668  -13.79371 14.78910  1.000 86.29000  ? 29 ALA B CB  1 
ATOM   158  N N   . GLN A 1 22 ? -4.55005  -14.09707 13.22604  1.000 84.62000  ? 30 GLN B N   1 
ATOM   159  C CA  . GLN A 1 22 ? -3.39562  -14.89749 12.84061  1.000 92.06000  ? 30 GLN B CA  1 
ATOM   160  C C   . GLN A 1 22 ? -2.09812  -14.13179 13.04489  1.000 85.74000  ? 30 GLN B C   1 
ATOM   161  O O   . GLN A 1 22 ? -1.08773  -14.71411 13.45411  1.000 83.52000  ? 30 GLN B O   1 
ATOM   162  C CB  . GLN A 1 22 ? -3.53454  -15.34308 11.38769  1.000 75.05000  ? 30 GLN B CB  1 
ATOM   163  C CG  . GLN A 1 22 ? -2.38771  -16.21563 10.90764  1.000 87.75000  ? 30 GLN B CG  1 
ATOM   164  C CD  . GLN A 1 22 ? -2.63480  -16.77612 9.52753   1.000 87.35000  ? 30 GLN B CD  1 
ATOM   165  O OE1 . GLN A 1 22 ? -3.62315  -16.43197 8.87822   1.000 83.48000  ? 30 GLN B OE1 1 
ATOM   166  N NE2 . GLN A 1 22 ? -1.73726  -17.64183 9.06672   1.000 73.32000  ? 30 GLN B NE2 1 
ATOM   167  N N   . ALA A 1 23 ? -2.09605  -12.83294 12.73544  1.000 79.46000  ? 31 ALA B N   1 
ATOM   168  C CA  . ALA A 1 23 ? -0.93112  -12.00375 13.00948  1.000 76.48000  ? 31 ALA B CA  1 
ATOM   169  C C   . ALA A 1 23 ? -0.53742  -12.09075 14.47530  1.000 84.56000  ? 31 ALA B C   1 
ATOM   170  O O   . ALA A 1 23 ? 0.60785   -12.42041 14.80741  1.000 78.73000  ? 31 ALA B O   1 
ATOM   171  C CB  . ALA A 1 23 ? -1.21705  -10.55531 12.61394  1.000 80.83000  ? 31 ALA B CB  1 
ATOM   172  N N   . ILE A 1 24 ? -1.48943  -11.80940 15.37000  1.000 84.99000  ? 32 ILE B N   1 
ATOM   173  C CA  . ILE A 1 24 ? -1.18337  -11.80761 16.79908  1.000 84.88000  ? 32 ILE B CA  1 
ATOM   174  C C   . ILE A 1 24 ? -0.73391  -13.19283 17.25623  1.000 82.69000  ? 32 ILE B C   1 
ATOM   175  O O   . ILE A 1 24 ? 0.19755   -13.32599 18.06170  1.000 89.87000  ? 32 ILE B O   1 
ATOM   176  C CB  . ILE A 1 24 ? -2.39415  -11.30099 17.60344  1.000 89.57000  ? 32 ILE B CB  1 
ATOM   177  C CG1 . ILE A 1 24 ? -2.75319  -9.87628  17.17185  1.000 89.61000  ? 32 ILE B CG1 1 
ATOM   178  C CG2 . ILE A 1 24 ? -2.09730  -11.33143 19.09264  1.000 80.15000  ? 32 ILE B CG2 1 
ATOM   179  C CD1 . ILE A 1 24 ? -4.05596  -9.37019  17.74827  1.000 84.23000  ? 32 ILE B CD1 1 
ATOM   180  N N   . ARG A 1 25 ? -1.37672  -14.24356 16.74052  1.000 90.02000  ? 33 ARG B N   1 
ATOM   181  C CA  . ARG A 1 25 ? -1.03814  -15.60226 17.15394  1.000 92.39000  ? 33 ARG B CA  1 
ATOM   182  C C   . ARG A 1 25 ? 0.37598   -15.97707 16.72782  1.000 95.91000  ? 33 ARG B C   1 
ATOM   183  O O   . ARG A 1 25 ? 1.17562   -16.44785 17.54684  1.000 95.12000  ? 33 ARG B O   1 
ATOM   184  C CB  . ARG A 1 25 ? -2.05422  -16.59375 16.58434  1.000 87.88000  ? 33 ARG B CB  1 
ATOM   185  C CG  . ARG A 1 25 ? -1.79780  -18.03137 17.00512  1.000 93.39000  ? 33 ARG B CG  1 
ATOM   186  C CD  . ARG A 1 25 ? -2.81735  -18.99179 16.40862  1.000 105.32000 ? 33 ARG B CD  1 
ATOM   187  N NE  . ARG A 1 25 ? -2.60899  -19.22051 14.98316  1.000 104.19000 ? 33 ARG B NE  1 
ATOM   188  C CZ  . ARG A 1 25 ? -3.42344  -18.79079 14.02953  1.000 97.84000  ? 33 ARG B CZ  1 
ATOM   189  N NH1 . ARG A 1 25 ? -4.52061  -18.10649 14.31264  1.000 83.74000  ? 33 ARG B NH1 1 
ATOM   190  N NH2 . ARG A 1 25 ? -3.13594  -19.06378 12.75975  1.000 85.43000  ? 33 ARG B NH2 1 
ATOM   191  N N   . GLU A 1 26 ? 0.69271   -15.80779 15.44090  1.000 90.40000  ? 34 GLU B N   1 
ATOM   192  C CA  . GLU A 1 26 ? 2.03280   -16.12712 14.96465  1.000 95.35000  ? 34 GLU B CA  1 
ATOM   193  C C   . GLU A 1 26 ? 3.08625   -15.25816 15.63646  1.000 95.10000  ? 34 GLU B C   1 
ATOM   194  O O   . GLU A 1 26 ? 4.22249   -15.70273 15.82665  1.000 92.63000  ? 34 GLU B O   1 
ATOM   195  C CB  . GLU A 1 26 ? 2.10572   -15.98582 13.44396  1.000 87.34000  ? 34 GLU B CB  1 
ATOM   196  C CG  . GLU A 1 26 ? 1.23991   -16.98811 12.69235  1.000 92.62000  ? 34 GLU B CG  1 
ATOM   197  C CD  . GLU A 1 26 ? 1.37150   -16.87594 11.18221  1.000 95.36000  ? 34 GLU B CD  1 
ATOM   198  O OE1 . GLU A 1 26 ? 2.10393   -15.98269 10.70489  1.000 93.92000  ? 34 GLU B OE1 1 
ATOM   199  O OE2 . GLU A 1 26 ? 0.73882   -17.68389 10.47195  1.000 98.61000  ? 34 GLU B OE2 1 
ATOM   200  N N   . ALA A 1 27 ? 2.73444   -14.02461 16.01084  1.000 93.04000  ? 35 ALA B N   1 
ATOM   201  C CA  . ALA A 1 27 ? 3.67914   -13.19070 16.74350  1.000 90.93000  ? 35 ALA B CA  1 
ATOM   202  C C   . ALA A 1 27 ? 3.96596   -13.77249 18.11900  1.000 97.33000  ? 35 ALA B C   1 
ATOM   203  O O   . ALA A 1 27 ? 5.13003   -13.96665 18.48902  1.000 94.05000  ? 35 ALA B O   1 
ATOM   204  C CB  . ALA A 1 27 ? 3.14182   -11.76686 16.86613  1.000 80.88000  ? 35 ALA B CB  1 
ATOM   205  N N   . ARG A 1 28 ? 2.91471   -14.04911 18.89403  1.000 100.33000 ? 36 ARG B N   1 
ATOM   206  C CA  . ARG A 1 28 ? 3.09627   -14.68307 20.19680  1.000 110.93000 ? 36 ARG B CA  1 
ATOM   207  C C   . ARG A 1 28 ? 3.91828   -15.96386 20.08669  1.000 112.65000 ? 36 ARG B C   1 
ATOM   208  O O   . ARG A 1 28 ? 4.80506   -16.21341 20.91186  1.000 113.11000 ? 36 ARG B O   1 
ATOM   209  C CB  . ARG A 1 28 ? 1.73311   -14.97114 20.82807  1.000 119.26000 ? 36 ARG B CB  1 
ATOM   210  C CG  . ARG A 1 28 ? 1.80302   -15.49911 22.25376  1.000 122.41000 ? 36 ARG B CG  1 
ATOM   211  C CD  . ARG A 1 28 ? 0.41329   -15.66455 22.86195  1.000 126.61000 ? 36 ARG B CD  1 
ATOM   212  N NE  . ARG A 1 28 ? -0.41163  -16.59746 22.10182  1.000 137.34000 ? 36 ARG B NE  1 
ATOM   213  C CZ  . ARG A 1 28 ? -1.39310  -16.23837 21.28397  1.000 130.55000 ? 36 ARG B CZ  1 
ATOM   214  N NH1 . ARG A 1 28 ? -1.71227  -14.96733 21.10379  1.000 121.37000 ? 36 ARG B NH1 1 
ATOM   215  N NH2 . ARG A 1 28 ? -2.06725  -17.17794 20.62688  1.000 122.35000 ? 36 ARG B NH2 1 
ATOM   216  N N   . GLU A 1 29 ? 3.64449   -16.78303 19.06824  1.000 104.29000 ? 37 GLU B N   1 
ATOM   217  C CA  . GLU A 1 29 ? 4.35294   -18.05105 18.91240  1.000 94.63000  ? 37 GLU B CA  1 
ATOM   218  C C   . GLU A 1 29 ? 5.82641   -17.83388 18.57660  1.000 105.59000 ? 37 GLU B C   1 
ATOM   219  O O   . GLU A 1 29 ? 6.71634   -18.25996 19.32114  1.000 115.94000 ? 37 GLU B O   1 
ATOM   220  C CB  . GLU A 1 29 ? 3.67829   -18.90187 17.83353  1.000 102.73000 ? 37 GLU B CB  1 
ATOM   221  C CG  . GLU A 1 29 ? 2.31822   -19.45761 18.22689  1.000 115.70000 ? 37 GLU B CG  1 
ATOM   222  C CD  . GLU A 1 29 ? 1.69553   -20.30927 17.13306  1.000 126.70000 ? 37 GLU B CD  1 
ATOM   223  O OE1 . GLU A 1 29 ? 2.26905   -20.37433 16.02382  1.000 121.25000 ? 37 GLU B OE1 1 
ATOM   224  O OE2 . GLU A 1 29 ? 0.62865   -20.91084 17.38070  1.000 132.18000 ? 37 GLU B OE2 1 
ATOM   225  N N   . GLN A 1 30 ? 6.10275   -17.16854 17.45414  1.000 106.04000 ? 38 GLN B N   1 
ATOM   226  C CA  . GLN A 1 30 ? 7.44656   -17.12670 16.88887  1.000 99.92000  ? 38 GLN B CA  1 
ATOM   227  C C   . GLN A 1 30 ? 8.29483   -15.97955 17.42074  1.000 110.70000 ? 38 GLN B C   1 
ATOM   228  O O   . GLN A 1 30 ? 9.52662   -16.08631 17.42298  1.000 112.97000 ? 38 GLN B O   1 
ATOM   229  C CB  . GLN A 1 30 ? 7.36206   -17.02451 15.36495  1.000 103.66000 ? 38 GLN B CB  1 
ATOM   230  C CG  . GLN A 1 30 ? 6.48049   -18.08788 14.73067  1.000 115.06000 ? 38 GLN B CG  1 
ATOM   231  C CD  . GLN A 1 30 ? 6.24654   -17.84236 13.25541  1.000 114.15000 ? 38 GLN B CD  1 
ATOM   232  O OE1 . GLN A 1 30 ? 7.10083   -17.28703 12.56376  1.000 123.24000 ? 38 GLN B OE1 1 
ATOM   233  N NE2 . GLN A 1 30 ? 5.07939   -18.24450 12.76720  1.000 90.34000  ? 38 GLN B NE2 1 
ATOM   234  N N   . HIS A 1 31 ? 7.67705   -14.88392 17.85559  1.000 111.95000 ? 39 HIS B N   1 
ATOM   235  C CA  . HIS A 1 31 ? 8.39444   -13.72977 18.39985  1.000 105.61000 ? 39 HIS B CA  1 
ATOM   236  C C   . HIS A 1 31 ? 7.78882   -13.38448 19.75364  1.000 111.41000 ? 39 HIS B C   1 
ATOM   237  O O   . HIS A 1 31 ? 7.07998   -12.38037 19.89726  1.000 116.56000 ? 39 HIS B O   1 
ATOM   238  C CB  . HIS A 1 31 ? 8.32386   -12.53907 17.44333  1.000 116.41000 ? 39 HIS B CB  1 
ATOM   239  C CG  . HIS A 1 31 ? 8.63946   -12.88474 16.02067  1.000 123.95000 ? 39 HIS B CG  1 
ATOM   240  N ND1 . HIS A 1 31 ? 7.92461   -12.37840 14.95668  1.000 124.80000 ? 39 HIS B ND1 1 
ATOM   241  C CD2 . HIS A 1 31 ? 9.58922   -13.68856 15.48738  1.000 124.36000 ? 39 HIS B CD2 1 
ATOM   242  C CE1 . HIS A 1 31 ? 8.42157   -12.85405 13.82913  1.000 124.26000 ? 39 HIS B CE1 1 
ATOM   243  N NE2 . HIS A 1 31 ? 9.43176   -13.65269 14.12355  1.000 137.72000 ? 39 HIS B NE2 1 
ATOM   244  N N   . PRO A 1 32 ? 8.05931   -14.19632 20.77929  1.000 115.56000 ? 40 PRO B N   1 
ATOM   245  C CA  . PRO A 1 32 ? 7.41068   -13.97273 22.08075  1.000 111.69000 ? 40 PRO B CA  1 
ATOM   246  C C   . PRO A 1 32 ? 7.84494   -12.69837 22.78424  1.000 110.43000 ? 40 PRO B C   1 
ATOM   247  O O   . PRO A 1 32 ? 7.08825   -12.19659 23.62627  1.000 120.17000 ? 40 PRO B O   1 
ATOM   248  C CB  . PRO A 1 32 ? 7.80890   -15.21521 22.88625  1.000 109.68000 ? 40 PRO B CB  1 
ATOM   249  C CG  . PRO A 1 32 ? 9.10043   -15.64744 22.27827  1.000 119.23000 ? 40 PRO B CG  1 
ATOM   250  C CD  . PRO A 1 32 ? 8.98738   -15.34107 20.81085  1.000 115.65000 ? 40 PRO B CD  1 
ATOM   251  N N   . ASP A 1 33 ? 9.01612   -12.15163 22.47028  1.000 103.49000 ? 41 ASP B N   1 
ATOM   252  C CA  . ASP A 1 33 ? 9.49629   -10.94417 23.13074  1.000 108.44000 ? 41 ASP B CA  1 
ATOM   253  C C   . ASP A 1 33 ? 8.99181   -9.66223  22.48224  1.000 104.97000 ? 41 ASP B C   1 
ATOM   254  O O   . ASP A 1 33 ? 9.31396   -8.57287  22.96626  1.000 113.45000 ? 41 ASP B O   1 
ATOM   255  C CB  . ASP A 1 33 ? 11.02827  -10.93411 23.15803  1.000 102.65000 ? 41 ASP B CB  1 
ATOM   256  C CG  . ASP A 1 33 ? 11.63451  -11.23112 21.80266  1.000 119.93000 ? 41 ASP B CG  1 
ATOM   257  O OD1 . ASP A 1 33 ? 10.92673  -11.81086 20.95047  1.000 118.55000 ? 41 ASP B OD1 1 
ATOM   258  O OD2 . ASP A 1 33 ? 12.81517  -10.88504 21.58906  1.000 132.62000 ? 41 ASP B OD2 1 
HETATM 259  N N   . MSE A 1 34 ? 8.20357   -9.81893  21.42342  1.000 101.25000 ? 42 MSE B N   1 
HETATM 260  C CA  . MSE A 1 34 ? 7.70044   -8.63142  20.69557  1.000 95.68000  ? 42 MSE B CA  1 
HETATM 261  C C   . MSE A 1 34 ? 6.18001   -8.65691  20.64978  1.000 91.13000  ? 42 MSE B C   1 
HETATM 262  O O   . MSE A 1 34 ? 5.59580   -9.73388  20.85664  1.000 95.41000  ? 42 MSE B O   1 
HETATM 263  C CB  . MSE A 1 34 ? 8.26750   -8.57839  19.27635  1.000 30.00000  ? 42 MSE B CB  1 
ATOM   264  N N   . SER A 1 35 ? 5.58066   -7.50906  20.37123  1.000 78.24000  ? 43 SER B N   1 
ATOM   265  C CA  . SER A 1 35 ? 4.13091   -7.38996  20.29711  1.000 84.27000  ? 43 SER B CA  1 
ATOM   266  C C   . SER A 1 35 ? 3.74064   -6.68673  19.00629  1.000 71.49000  ? 43 SER B C   1 
ATOM   267  O O   . SER A 1 35 ? 4.33525   -5.66643  18.64316  1.000 77.97000  ? 43 SER B O   1 
ATOM   268  C CB  . SER A 1 35 ? 3.57481   -6.62416  21.50261  1.000 88.06000  ? 43 SER B CB  1 
ATOM   269  O OG  . SER A 1 35 ? 4.28597   -5.41644  21.70777  1.000 88.95000  ? 43 SER B OG  1 
ATOM   270  N N   . VAL A 1 36 ? 2.73882   -7.24176  18.31917  1.000 66.25000  ? 44 VAL B N   1 
ATOM   271  C CA  . VAL A 1 36 ? 2.20724   -6.61465  17.11610  1.000 59.17000  ? 44 VAL B CA  1 
ATOM   272  C C   . VAL A 1 36 ? 1.66240   -5.23670  17.45089  1.000 53.18000  ? 44 VAL B C   1 
ATOM   273  O O   . VAL A 1 36 ? 0.82614   -5.08359  18.34853  1.000 77.86000  ? 44 VAL B O   1 
ATOM   274  C CB  . VAL A 1 36 ? 1.11887   -7.50363  16.49783  1.000 59.15000  ? 44 VAL B CB  1 
ATOM   275  C CG1 . VAL A 1 36 ? 0.30743   -6.72256  15.47582  1.000 55.10000  ? 44 VAL B CG1 1 
ATOM   276  C CG2 . VAL A 1 36 ? 1.74294   -8.72077  15.85664  1.000 54.81000  ? 44 VAL B CG2 1 
ATOM   277  N N   . THR A 1 37 ? 2.12877   -4.22228  16.72070  1.000 55.08000  ? 45 THR B N   1 
ATOM   278  C CA  . THR A 1 37 ? 1.65296   -2.86137  16.91153  1.000 54.29000  ? 45 THR B CA  1 
ATOM   279  C C   . THR A 1 37 ? 0.92260   -2.28911  15.70881  1.000 68.74000  ? 45 THR B C   1 
ATOM   280  O O   . THR A 1 37 ? 0.34946   -1.19924  15.82609  1.000 69.86000  ? 45 THR B O   1 
ATOM   281  C CB  . THR A 1 37 ? 2.81504   -1.92155  17.26353  1.000 69.01000  ? 45 THR B CB  1 
ATOM   282  O OG1 . THR A 1 37 ? 3.70897   -1.83100  16.14949  1.000 76.58000  ? 45 THR B OG1 1 
ATOM   283  C CG2 . THR A 1 37 ? 3.57103   -2.44044  18.48123  1.000 67.55000  ? 45 THR B CG2 1 
ATOM   284  N N   . ARG A 1 38 ? 0.92232   -2.97063  14.56435  1.000 74.28000  ? 46 ARG B N   1 
ATOM   285  C CA  . ARG A 1 38 ? 0.12322   -2.48623  13.44477  1.000 47.58000  ? 46 ARG B CA  1 
ATOM   286  C C   . ARG A 1 38 ? -0.10941  -3.61666  12.45387  1.000 55.41000  ? 46 ARG B C   1 
ATOM   287  O O   . ARG A 1 38 ? 0.79028   -4.41368  12.19707  1.000 68.73000  ? 46 ARG B O   1 
ATOM   288  C CB  . ARG A 1 38 ? 0.79936   -1.30520  12.74270  1.000 63.83000  ? 46 ARG B CB  1 
ATOM   289  C CG  . ARG A 1 38 ? -0.12524  -0.53706  11.81860  1.000 82.15000  ? 46 ARG B CG  1 
ATOM   290  C CD  . ARG A 1 38 ? 0.60546   0.59740   11.12740  1.000 80.03000  ? 46 ARG B CD  1 
ATOM   291  N NE  . ARG A 1 38 ? -0.28802  1.36773   10.27180  1.000 101.22000 ? 46 ARG B NE  1 
ATOM   292  C CZ  . ARG A 1 38 ? 0.11906   2.20145   9.32678   1.000 114.79000 ? 46 ARG B CZ  1 
ATOM   293  N NH1 . ARG A 1 38 ? 1.40489   2.39153   9.07901   1.000 124.32000 ? 46 ARG B NH1 1 
ATOM   294  N NH2 . ARG A 1 38 ? -0.78715  2.85418   8.60384   1.000 107.34000 ? 46 ARG B NH2 1 
ATOM   295  N N   . VAL A 1 39 ? -1.32268  -3.68631  11.90973  1.000 54.98000  ? 47 VAL B N   1 
ATOM   296  C CA  . VAL A 1 39 ? -1.64075  -4.61952  10.83398  1.000 62.31000  ? 47 VAL B CA  1 
ATOM   297  C C   . VAL A 1 39 ? -2.44629  -3.86853  9.78562   1.000 69.76000  ? 47 VAL B C   1 
ATOM   298  O O   . VAL A 1 39 ? -3.51827  -3.33555  10.09179  1.000 72.68000  ? 47 VAL B O   1 
ATOM   299  C CB  . VAL A 1 39 ? -2.42928  -5.84583  11.32703  1.000 69.83000  ? 47 VAL B CB  1 
ATOM   300  C CG1 . VAL A 1 39 ? -2.74702  -6.76505  10.16127  1.000 71.03000  ? 47 VAL B CG1 1 
ATOM   301  C CG2 . VAL A 1 39 ? -1.64804  -6.59778  12.39059  1.000 61.51000  ? 47 VAL B CG2 1 
ATOM   302  N N   . VAL A 1 40 ? -1.93744  -3.81576  8.55598   1.000 76.56000  ? 48 VAL B N   1 
ATOM   303  C CA  . VAL A 1 40 ? -2.62637  -3.13625  7.46423   1.000 81.67000  ? 48 VAL B CA  1 
ATOM   304  C C   . VAL A 1 40 ? -2.76325  -4.10202  6.29888   1.000 74.88000  ? 48 VAL B C   1 
ATOM   305  O O   . VAL A 1 40 ? -1.85562  -4.89387  6.01884   1.000 82.95000  ? 48 VAL B O   1 
ATOM   306  C CB  . VAL A 1 40 ? -1.92175  -1.83015  7.02367   1.000 59.97000  ? 48 VAL B CB  1 
ATOM   307  C CG1 . VAL A 1 40 ? -1.58286  -0.96650  8.23601   1.000 71.46000  ? 48 VAL B CG1 1 
ATOM   308  C CG2 . VAL A 1 40 ? -0.68957  -2.10663  6.18817   1.000 70.14000  ? 48 VAL B CG2 1 
ATOM   309  N N   . VAL A 1 41 ? -3.93022  -4.08240  5.66400   1.000 86.89000  ? 49 VAL B N   1 
ATOM   310  C CA  . VAL A 1 41 ? -4.18836  -4.83439  4.44306   1.000 84.54000  ? 49 VAL B CA  1 
ATOM   311  C C   . VAL A 1 41 ? -4.32297  -3.83622  3.30356   1.000 80.27000  ? 49 VAL B C   1 
ATOM   312  O O   . VAL A 1 41 ? -5.08754  -2.86938  3.40575   1.000 87.75000  ? 49 VAL B O   1 
ATOM   313  C CB  . VAL A 1 41 ? -5.44805  -5.70646  4.57030   1.000 79.98000  ? 49 VAL B CB  1 
ATOM   314  C CG1 . VAL A 1 41 ? -5.68953  -6.47686  3.28028   1.000 82.16000  ? 49 VAL B CG1 1 
ATOM   315  C CG2 . VAL A 1 41 ? -5.32320  -6.64561  5.76063   1.000 73.89000  ? 49 VAL B CG2 1 
ATOM   316  N N   . ASN A 1 42 ? -3.56844  -4.05870  2.23041   1.000 81.30000  ? 50 ASN B N   1 
ATOM   317  C CA  . ASN A 1 42 ? -3.53652  -3.17679  1.07140   1.000 86.39000  ? 50 ASN B CA  1 
ATOM   318  C C   . ASN A 1 42 ? -4.03344  -3.94673  -0.14105  1.000 82.58000  ? 50 ASN B C   1 
ATOM   319  O O   . ASN A 1 42 ? -3.47527  -4.99440  -0.48411  1.000 89.94000  ? 50 ASN B O   1 
ATOM   320  C CB  . ASN A 1 42 ? -2.12076  -2.65438  0.81391   1.000 81.25000  ? 50 ASN B CB  1 
ATOM   321  C CG  . ASN A 1 42 ? -1.82636  -1.37186  1.55601   1.000 96.67000  ? 50 ASN B CG  1 
ATOM   322  O OD1 . ASN A 1 42 ? -2.30938  -0.30200  1.18404   1.000 108.34000 ? 50 ASN B OD1 1 
ATOM   323  N ND2 . ASN A 1 42 ? -1.02104  -1.46779  2.60671   1.000 101.79000 ? 50 ASN B ND2 1 
ATOM   324  N N   . LYS A 1 43 ? -5.07082  -3.42571  -0.78888  1.000 72.33000  ? 51 LYS B N   1 
ATOM   325  C CA  . LYS A 1 43 ? -5.48700  -3.90923  -2.10394  1.000 81.00000  ? 51 LYS B CA  1 
ATOM   326  C C   . LYS A 1 43 ? -4.74535  -3.05429  -3.12256  1.000 72.01000  ? 51 LYS B C   1 
ATOM   327  O O   . LYS A 1 43 ? -5.18377  -1.96293  -3.48906  1.000 75.69000  ? 51 LYS B O   1 
ATOM   328  C CB  . LYS A 1 43 ? -6.99958  -3.82246  -2.26100  1.000 90.15000  ? 51 LYS B CB  1 
ATOM   329  C CG  . LYS A 1 43 ? -7.58092  -4.68532  -3.37340  1.000 78.45000  ? 51 LYS B CG  1 
ATOM   330  C CD  . LYS A 1 43 ? -9.08594  -4.46032  -3.48726  1.000 92.07000  ? 51 LYS B CD  1 
ATOM   331  C CE  . LYS A 1 43 ? -9.67763  -5.17268  -4.69119  1.000 106.81000 ? 51 LYS B CE  1 
ATOM   332  N NZ  . LYS A 1 43 ? -9.58412  -6.65135  -4.55002  1.000 120.75000 ? 51 LYS B NZ  1 
ATOM   333  N N   . GLU A 1 44 ? -3.59117  -3.54469  -3.56702  1.000 63.69000  ? 52 GLU B N   1 
ATOM   334  C CA  . GLU A 1 44 ? -2.67898  -2.76955  -4.39920  1.000 83.86000  ? 52 GLU B CA  1 
ATOM   335  C C   . GLU A 1 44 ? -2.96548  -3.03569  -5.87442  1.000 86.59000  ? 52 GLU B C   1 
ATOM   336  O O   . GLU A 1 44 ? -2.94275  -4.18678  -6.31945  1.000 82.57000  ? 52 GLU B O   1 
ATOM   337  C CB  . GLU A 1 44 ? -1.23313  -3.12230  -4.04535  1.000 84.11000  ? 52 GLU B CB  1 
ATOM   338  C CG  . GLU A 1 44 ? -0.18618  -2.56257  -4.98651  1.000 88.22000  ? 52 GLU B CG  1 
ATOM   339  C CD  . GLU A 1 44 ? 1.22965   -2.85166  -4.51837  1.000 108.22000 ? 52 GLU B CD  1 
ATOM   340  O OE1 . GLU A 1 44 ? 1.64407   -2.27510  -3.49033  1.000 105.62000 ? 52 GLU B OE1 1 
ATOM   341  O OE2 . GLU A 1 44 ? 1.92882   -3.64899  -5.17979  1.000 105.19000 ? 52 GLU B OE2 1 
ATOM   342  N N   . THR A 1 45 ? -3.22684  -1.97173  -6.63152  1.000 76.68000  ? 53 THR B N   1 
ATOM   343  C CA  . THR A 1 45 ? -3.53816  -2.06369  -8.05400  1.000 77.29000  ? 53 THR B CA  1 
ATOM   344  C C   . THR A 1 45 ? -2.50585  -1.26055  -8.83741  1.000 69.53000  ? 53 THR B C   1 
ATOM   345  O O   . THR A 1 45 ? -2.48496  -0.02719  -8.76456  1.000 64.98000  ? 53 THR B O   1 
ATOM   346  C CB  . THR A 1 45 ? -4.95190  -1.55892  -8.33313  1.000 88.06000  ? 53 THR B CB  1 
ATOM   347  O OG1 . THR A 1 45 ? -5.87135  -2.22149  -7.45552  1.000 98.76000  ? 53 THR B OG1 1 
ATOM   348  C CG2 . THR A 1 45 ? -5.34593  -1.83722  -9.77552  1.000 78.47000  ? 53 THR B CG2 1 
ATOM   349  N N   . GLU A 1 46 ? -1.64191  -1.95521  -9.57253  1.000 80.84000  ? 54 GLU B N   1 
ATOM   350  C CA  . GLU A 1 46 ? -0.65144  -1.28958  -10.41122 1.000 83.33000  ? 54 GLU B CA  1 
ATOM   351  C C   . GLU A 1 46 ? -1.29765  -0.91640  -11.74036 1.000 83.83000  ? 54 GLU B C   1 
ATOM   352  O O   . GLU A 1 46 ? -1.68808  -1.79291  -12.51755 1.000 96.67000  ? 54 GLU B O   1 
ATOM   353  C CB  . GLU A 1 46 ? 0.56182   -2.18955  -10.61980 1.000 70.91000  ? 54 GLU B CB  1 
ATOM   354  C CG  . GLU A 1 46 ? 1.75973   -1.47852  -11.22260 1.000 85.01000  ? 54 GLU B CG  1 
ATOM   355  C CD  . GLU A 1 46 ? 2.95875   -2.39368  -11.39059 1.000 121.53000 ? 54 GLU B CD  1 
ATOM   356  O OE1 . GLU A 1 46 ? 2.77083   -3.62940  -11.39204 1.000 129.95000 ? 54 GLU B OE1 1 
ATOM   357  O OE2 . GLU A 1 46 ? 4.08857   -1.87580  -11.51707 1.000 118.62000 ? 54 GLU B OE2 1 
ATOM   358  N N   . LEU A 1 47 ? -1.41401  0.38298   -12.00248 1.000 87.68000  ? 55 LEU B N   1 
ATOM   359  C CA  . LEU A 1 47 ? -2.04143  0.85776   -13.22844 1.000 84.25000  ? 55 LEU B CA  1 
ATOM   360  C C   . LEU A 1 47 ? -1.08289  0.73955   -14.40499 1.000 89.14000  ? 55 LEU B C   1 
ATOM   361  O O   . LEU A 1 47 ? 0.07063   1.17477   -14.32745 1.000 92.98000  ? 55 LEU B O   1 
ATOM   362  C CB  . LEU A 1 47 ? -2.50698  2.30790   -13.08074 1.000 78.27000  ? 55 LEU B CB  1 
ATOM   363  C CG  . LEU A 1 47 ? -3.81892  2.63521   -12.36306 1.000 78.77000  ? 55 LEU B CG  1 
ATOM   364  C CD1 . LEU A 1 47 ? -4.05402  1.79403   -11.11614 1.000 85.21000  ? 55 LEU B CD1 1 
ATOM   365  C CD2 . LEU A 1 47 ? -3.84163  4.11523   -12.02547 1.000 71.76000  ? 55 LEU B CD2 1 
ATOM   366  N N   . ALA A 1 48 ? -1.56559  0.15093   -15.49380 1.000 107.67000 ? 56 ALA B N   1 
ATOM   367  C CA  . ALA A 1 48 ? -0.80675  0.01898   -16.72734 1.000 101.16000 ? 56 ALA B CA  1 
ATOM   368  C C   . ALA A 1 48 ? -1.57405  0.70952   -17.84689 1.000 105.73000 ? 56 ALA B C   1 
ATOM   369  O O   . ALA A 1 48 ? -2.76965  0.45610   -18.03163 1.000 103.05000 ? 56 ALA B O   1 
ATOM   370  C CB  . ALA A 1 48 ? -0.55609  -1.45121  -17.07010 1.000 106.28000 ? 56 ALA B CB  1 
ATOM   371  N N   . GLU A 1 49 ? -0.89023  1.59822   -18.57183 1.000 107.54000 ? 57 GLU B N   1 
ATOM   372  C CA  . GLU A 1 49 ? -1.50699  2.26889   -19.70973 1.000 119.57000 ? 57 GLU B CA  1 
ATOM   373  C C   . GLU A 1 49 ? -1.64547  1.34682   -20.91134 1.000 130.63000 ? 57 GLU B C   1 
ATOM   374  O O   . GLU A 1 49 ? -2.50625  1.58729   -21.76502 1.000 133.51000 ? 57 GLU B O   1 
ATOM   375  C CB  . GLU A 1 49 ? -0.69943  3.50699   -20.09685 1.000 115.13000 ? 57 GLU B CB  1 
ATOM   376  N N   . GLU A 1 50 ? -0.82754  0.30129   -20.99030 1.000 131.68000 ? 58 GLU B N   1 
ATOM   377  C CA  . GLU A 1 50 ? -0.74590  -0.55282  -22.16382 1.000 135.54000 ? 58 GLU B CA  1 
ATOM   378  C C   . GLU A 1 50 ? -1.48547  -1.87488  -21.99379 1.000 132.15000 ? 58 GLU B C   1 
ATOM   379  O O   . GLU A 1 50 ? -1.46992  -2.69317  -22.91785 1.000 142.98000 ? 58 GLU B O   1 
ATOM   380  C CB  . GLU A 1 50 ? 0.72223   -0.81902  -22.51933 1.000 127.11000 ? 58 GLU B CB  1 
ATOM   381  N N   . GLY A 1 51 ? -2.13830  -2.10439  -20.85306 1.000 114.93000 ? 59 GLY B N   1 
ATOM   382  C CA  . GLY A 1 51 ? -2.80398  -3.37655  -20.64184 1.000 115.32000 ? 59 GLY B CA  1 
ATOM   383  C C   . GLY A 1 51 ? -3.63939  -3.52124  -19.38367 1.000 123.49000 ? 59 GLY B C   1 
ATOM   384  O O   . GLY A 1 51 ? -4.38704  -2.61160  -19.01311 1.000 122.57000 ? 59 GLY B O   1 
ATOM   385  N N   . GLU A 1 52 ? -3.52352  -4.67483  -18.72809 1.000 125.20000 ? 60 GLU B N   1 
ATOM   386  C CA  . GLU A 1 52 ? -4.37617  -5.03188  -17.59921 1.000 124.60000 ? 60 GLU B CA  1 
ATOM   387  C C   . GLU A 1 52 ? -3.79169  -4.55959  -16.27257 1.000 119.15000 ? 60 GLU B C   1 
ATOM   388  O O   . GLU A 1 52 ? -2.59088  -4.70076  -16.02040 1.000 110.82000 ? 60 GLU B O   1 
ATOM   389  C CB  . GLU A 1 52 ? -4.59295  -6.54605  -17.55356 1.000 122.67000 ? 60 GLU B CB  1 
ATOM   390  N N   . ASP A 1 53 ? -4.65643  -4.00462  -15.42417 1.000 113.02000 ? 61 ASP B N   1 
ATOM   391  C CA  . ASP A 1 53 ? -4.24697  -3.52949  -14.10545 1.000 109.45000 ? 61 ASP B CA  1 
ATOM   392  C C   . ASP A 1 53 ? -4.09043  -4.72849  -13.17623 1.000 108.29000 ? 61 ASP B C   1 
ATOM   393  O O   . ASP A 1 53 ? -5.07979  -5.35891  -12.78775 1.000 104.47000 ? 61 ASP B O   1 
ATOM   394  C CB  . ASP A 1 53 ? -5.26521  -2.53524  -13.55266 1.000 100.32000 ? 61 ASP B CB  1 
ATOM   395  C CG  . ASP A 1 53 ? -5.55055  -1.39252  -14.51064 1.000 103.30000 ? 61 ASP B CG  1 
ATOM   396  O OD1 . ASP A 1 53 ? -4.67487  -1.07763  -15.34549 1.000 94.16000  ? 61 ASP B OD1 1 
ATOM   397  O OD2 . ASP A 1 53 ? -6.65022  -0.80470  -14.42301 1.000 109.46000 ? 61 ASP B OD2 1 
ATOM   398  N N   . ARG A 1 54 ? -2.84618  -5.04452  -12.82441 1.000 101.73000 ? 62 ARG B N   1 
ATOM   399  C CA  . ARG A 1 54 ? -2.56087  -6.11836  -11.88175 1.000 101.69000 ? 62 ARG B CA  1 
ATOM   400  C C   . ARG A 1 54 ? -2.95938  -5.72367  -10.46176 1.000 95.56000  ? 62 ARG B C   1 
ATOM   401  O O   . ARG A 1 54 ? -2.77166  -4.57798  -10.04276 1.000 89.51000  ? 62 ARG B O   1 
ATOM   402  C CB  . ARG A 1 54 ? -1.07591  -6.47526  -11.93641 1.000 96.26000  ? 62 ARG B CB  1 
ATOM   403  C CG  . ARG A 1 54 ? -0.57572  -6.77798  -13.34256 1.000 112.13000 ? 62 ARG B CG  1 
ATOM   404  C CD  . ARG A 1 54 ? 0.93885   -6.68972  -13.43377 1.000 118.53000 ? 62 ARG B CD  1 
ATOM   405  N NE  . ARG A 1 54 ? 1.59333   -7.50929  -12.42283 1.000 145.43000 ? 62 ARG B NE  1 
ATOM   406  C CZ  . ARG A 1 54 ? 1.85287   -8.80254  -12.55737 1.000 151.74000 ? 62 ARG B CZ  1 
ATOM   407  N NH1 . ARG A 1 54 ? 1.52128   -9.46380  -13.65467 1.000 149.19000 ? 62 ARG B NH1 1 
ATOM   408  N NH2 . ARG A 1 54 ? 2.45881   -9.45080  -11.56652 1.000 144.10000 ? 62 ARG B NH2 1 
ATOM   409  N N   . THR A 1 55 ? -3.54821  -6.67031  -9.73106  1.000 97.41000  ? 63 THR B N   1 
ATOM   410  C CA  . THR A 1 55 ? -3.98534  -6.44585  -8.35785  1.000 83.24000  ? 63 THR B CA  1 
ATOM   411  C C   . THR A 1 55 ? -3.37638  -7.49650  -7.43647  1.000 93.43000  ? 63 THR B C   1 
ATOM   412  O O   . THR A 1 55 ? -3.52149  -8.69923  -7.67896  1.000 112.09000 ? 63 THR B O   1 
ATOM   413  C CB  . THR A 1 55 ? -5.51338  -6.47285  -8.25044  1.000 83.52000  ? 63 THR B CB  1 
ATOM   414  O OG1 . THR A 1 55 ? -6.06890  -5.41965  -9.04747  1.000 92.13000  ? 63 THR B OG1 1 
ATOM   415  C CG2 . THR A 1 55 ? -5.94843  -6.27941  -6.80563  1.000 92.65000  ? 63 THR B CG2 1 
ATOM   416  N N   . ARG A 1 56 ? -2.69816  -7.03864  -6.38647  1.000 92.89000  ? 64 ARG B N   1 
ATOM   417  C CA  . ARG A 1 56 ? -2.15392  -7.88523  -5.33393  1.000 90.73000  ? 64 ARG B CA  1 
ATOM   418  C C   . ARG A 1 56 ? -2.76591  -7.49442  -3.99344  1.000 89.47000  ? 64 ARG B C   1 
ATOM   419  O O   . ARG A 1 56 ? -3.37449  -6.43003  -3.84644  1.000 83.54000  ? 64 ARG B O   1 
ATOM   420  C CB  . ARG A 1 56 ? -0.62531  -7.78037  -5.25737  1.000 91.83000  ? 64 ARG B CB  1 
ATOM   421  C CG  . ARG A 1 56 ? 0.09765   -7.99357  -6.57286  1.000 107.76000 ? 64 ARG B CG  1 
ATOM   422  C CD  . ARG A 1 56 ? 1.52866   -8.46036  -6.33798  1.000 113.33000 ? 64 ARG B CD  1 
ATOM   423  N NE  . ARG A 1 56 ? 2.25303   -7.60363  -5.40499  1.000 108.14000 ? 64 ARG B NE  1 
ATOM   424  C CZ  . ARG A 1 56 ? 2.90554   -6.50237  -5.74983  1.000 109.71000 ? 64 ARG B CZ  1 
ATOM   425  N NH1 . ARG A 1 56 ? 2.93914   -6.08263  -7.00293  1.000 128.36000 ? 64 ARG B NH1 1 
ATOM   426  N NH2 . ARG A 1 56 ? 3.54365   -5.80546  -4.81205  1.000 86.39000  ? 64 ARG B NH2 1 
ATOM   427  N N   . GLN A 1 57 ? -2.58434  -8.36293  -2.99829  1.000 95.29000  ? 65 GLN B N   1 
ATOM   428  C CA  . GLN A 1 57 ? -2.99474  -8.08926  -1.62604  1.000 86.39000  ? 65 GLN B CA  1 
ATOM   429  C C   . GLN A 1 57 ? -1.75830  -8.13940  -0.74056  1.000 86.85000  ? 65 GLN B C   1 
ATOM   430  O O   . GLN A 1 57 ? -1.07100  -9.16367  -0.68797  1.000 83.68000  ? 65 GLN B O   1 
ATOM   431  C CB  . GLN A 1 57 ? -4.04295  -9.09624  -1.14894  1.000 87.97000  ? 65 GLN B CB  1 
ATOM   432  C CG  . GLN A 1 57 ? -5.27477  -9.18436  -2.03467  1.000 102.18000 ? 65 GLN B CG  1 
ATOM   433  C CD  . GLN A 1 57 ? -6.51378  -8.60841  -1.37744  1.000 110.97000 ? 65 GLN B CD  1 
ATOM   434  O OE1 . GLN A 1 57 ? -6.42509  -7.76818  -0.48298  1.000 116.83000 ? 65 GLN B OE1 1 
ATOM   435  N NE2 . GLN A 1 57 ? -7.68136  -9.06046  -1.82195  1.000 116.98000 ? 65 GLN B NE2 1 
ATOM   436  N N   . ILE A 1 58 ? -1.46204  -7.03527  -0.06553  1.000 70.37000  ? 66 ILE B N   1 
ATOM   437  C CA  . ILE A 1 58 ? -0.25673  -6.91052  0.74477   1.000 76.87000  ? 66 ILE B CA  1 
ATOM   438  C C   . ILE A 1 58 ? -0.67709  -6.78095  2.20286   1.000 85.74000  ? 66 ILE B C   1 
ATOM   439  O O   . ILE A 1 58 ? -1.36993  -5.82747  2.57372   1.000 88.59000  ? 66 ILE B O   1 
ATOM   440  C CB  . ILE A 1 58 ? 0.59448   -5.70976  0.30644   1.000 95.33000  ? 66 ILE B CB  1 
ATOM   441  C CG1 . ILE A 1 58 ? 0.79438   -5.71923  -1.21149  1.000 96.19000  ? 66 ILE B CG1 1 
ATOM   442  C CG2 . ILE A 1 58 ? 1.94216   -5.73056  1.00649   1.000 83.59000  ? 66 ILE B CG2 1 
ATOM   443  C CD1 . ILE A 1 58 ? 1.47405   -6.96112  -1.73172  1.000 98.53000  ? 66 ILE B CD1 1 
ATOM   444  N N   . ILE A 1 59 ? -0.26012  -7.73156  3.02984   1.000 66.03000  ? 67 ILE B N   1 
ATOM   445  C CA  . ILE A 1 59 ? -0.50108  -7.69155  4.46666   1.000 74.27000  ? 67 ILE B CA  1 
ATOM   446  C C   . ILE A 1 59 ? 0.79681   -7.26373  5.13986   1.000 67.85000  ? 67 ILE B C   1 
ATOM   447  O O   . ILE A 1 59 ? 1.79183   -7.99505  5.10477   1.000 76.78000  ? 67 ILE B O   1 
ATOM   448  C CB  . ILE A 1 59 ? -0.98938  -9.04790  4.99188   1.000 80.68000  ? 67 ILE B CB  1 
ATOM   449  C CG1 . ILE A 1 59 ? -2.22716  -9.49389  4.21252   1.000 75.30000  ? 67 ILE B CG1 1 
ATOM   450  C CG2 . ILE A 1 59 ? -1.29668  -8.97102  6.47955   1.000 71.34000  ? 67 ILE B CG2 1 
ATOM   451  C CD1 . ILE A 1 59 ? -2.57643  -10.94429 4.40121   1.000 82.09000  ? 67 ILE B CD1 1 
ATOM   452  N N   . ASN A 1 60 ? 0.79550   -6.08108  5.75207   1.000 68.64000  ? 68 ASN B N   1 
ATOM   453  C CA  . ASN A 1 60 ? 1.96615   -5.54922  6.44107   1.000 68.85000  ? 68 ASN B CA  1 
ATOM   454  C C   . ASN A 1 60 ? 1.72234   -5.58690  7.94277   1.000 67.34000  ? 68 ASN B C   1 
ATOM   455  O O   . ASN A 1 60 ? 0.76020   -4.98692  8.43615   1.000 69.92000  ? 68 ASN B O   1 
ATOM   456  C CB  . ASN A 1 60 ? 2.28587   -4.12896  5.98197   1.000 68.65000  ? 68 ASN B CB  1 
ATOM   457  C CG  . ASN A 1 60 ? 2.80418   -4.08259  4.56289   1.000 83.83000  ? 68 ASN B CG  1 
ATOM   458  O OD1 . ASN A 1 60 ? 3.98051   -4.34780  4.31116   1.000 91.00000  ? 68 ASN B OD1 1 
ATOM   459  N ND2 . ASN A 1 60 ? 1.92861   -3.74416  3.62355   1.000 81.47000  ? 68 ASN B ND2 1 
ATOM   460  N N   . ILE A 1 61 ? 2.58520   -6.30615  8.65388   1.000 64.72000  ? 69 ILE B N   1 
ATOM   461  C CA  . ILE A 1 61 ? 2.50268   -6.47905  10.09728  1.000 62.29000  ? 69 ILE B CA  1 
ATOM   462  C C   . ILE A 1 61 ? 3.72900   -5.81088  10.70473  1.000 66.23000  ? 69 ILE B C   1 
ATOM   463  O O   . ILE A 1 61 ? 4.86037   -6.26742  10.50412  1.000 75.70000  ? 69 ILE B O   1 
ATOM   464  C CB  . ILE A 1 61 ? 2.42976   -7.96025  10.48496  1.000 52.01000  ? 69 ILE B CB  1 
ATOM   465  C CG1 . ILE A 1 61 ? 1.25854   -8.63600  9.77225   1.000 67.63000  ? 69 ILE B CG1 1 
ATOM   466  C CG2 . ILE A 1 61 ? 2.27601   -8.10359  11.98791  1.000 60.86000  ? 69 ILE B CG2 1 
ATOM   467  C CD1 . ILE A 1 61 ? 1.24490   -10.14263 9.92121   1.000 64.02000  ? 69 ILE B CD1 1 
ATOM   468  N N   . THR A 1 62 ? 3.50910   -4.73154  11.44328  1.000 54.56000  ? 70 THR B N   1 
ATOM   469  C CA  . THR A 1 62 ? 4.56114   -4.03434  12.16535  1.000 60.99000  ? 70 THR B CA  1 
ATOM   470  C C   . THR A 1 62 ? 4.56091   -4.51169  13.61133  1.000 62.91000  ? 70 THR B C   1 
ATOM   471  O O   . THR A 1 62 ? 3.53170   -4.41986  14.29684  1.000 69.89000  ? 70 THR B O   1 
ATOM   472  C CB  . THR A 1 62 ? 4.35053   -2.52148  12.10457  1.000 62.16000  ? 70 THR B CB  1 
ATOM   473  O OG1 . THR A 1 62 ? 4.01215   -2.13937  10.76538  1.000 77.85000  ? 70 THR B OG1 1 
ATOM   474  C CG2 . THR A 1 62 ? 5.60240   -1.78574  12.55086  1.000 42.82000  ? 70 THR B CG2 1 
HETATM 475  N N   . MSE A 1 63 ? 5.72670   -4.98945  14.05197  1.000 61.42000  ? 71 MSE B N   1 
HETATM 476  C CA  . MSE A 1 63 ? 5.89322   -5.50375  15.43102  1.000 69.53000  ? 71 MSE B CA  1 
HETATM 477  C C   . MSE A 1 63 ? 7.07313   -4.79111  16.09032  1.000 71.32000  ? 71 MSE B C   1 
HETATM 478  O O   . MSE A 1 63 ? 8.13073   -4.71839  15.45832  1.000 71.32000  ? 71 MSE B O   1 
HETATM 479  C CB  . MSE A 1 63 ? 6.24794   -6.99004  15.36756  1.000 30.00000  ? 71 MSE B CB  1 
ATOM   480  N N   . THR A 1 64 ? 6.89200   -4.28383  17.30844  1.000 82.64000  ? 72 THR B N   1 
ATOM   481  C CA  . THR A 1 64 ? 7.96436   -3.64636  18.06384  1.000 82.96000  ? 72 THR B CA  1 
ATOM   482  C C   . THR A 1 64 ? 8.26505   -4.45858  19.31751  1.000 87.29000  ? 72 THR B C   1 
ATOM   483  O O   . THR A 1 64 ? 7.57027   -5.42546  19.64065  1.000 86.14000  ? 72 THR B O   1 
ATOM   484  C CB  . THR A 1 64 ? 7.60654   -2.20338  18.44633  1.000 75.06000  ? 72 THR B CB  1 
ATOM   485  O OG1 . THR A 1 64 ? 6.58538   -2.21167  19.45122  1.000 97.98000  ? 72 THR B OG1 1 
ATOM   486  C CG2 . THR A 1 64 ? 7.10494   -1.43261  17.23093  1.000 77.38000  ? 72 THR B CG2 1 
ATOM   487  N N   . LYS A 1 65 ? 9.33238   -4.06606  20.01544  1.000 84.30000  ? 73 LYS B N   1 
ATOM   488  C CA  . LYS A 1 65 ? 9.69560   -4.73856  21.25829  1.000 84.81000  ? 73 LYS B CA  1 
ATOM   489  C C   . LYS A 1 65 ? 8.59238   -4.57519  22.29585  1.000 79.66000  ? 73 LYS B C   1 
ATOM   490  O O   . LYS A 1 65 ? 7.92709   -3.53726  22.36137  1.000 83.26000  ? 73 LYS B O   1 
ATOM   491  C CB  . LYS A 1 65 ? 11.01857  -4.19824  21.80734  1.000 87.61000  ? 73 LYS B CB  1 
ATOM   492  C CG  . LYS A 1 65 ? 10.94408  -2.81054  22.41975  1.000 109.34000 ? 73 LYS B CG  1 
ATOM   493  C CD  . LYS A 1 65 ? 12.26571  -2.43419  23.06970  1.000 116.66000 ? 73 LYS B CD  1 
ATOM   494  C CE  . LYS A 1 65 ? 12.22499  -1.02740  23.63851  1.000 127.68000 ? 73 LYS B CE  1 
ATOM   495  N NZ  . LYS A 1 65 ? 13.53859  -0.63129  24.21512  1.000 127.83000 ? 73 LYS B NZ  1 
ATOM   496  N N   . LYS A 1 66 ? 8.39805   -5.61363  23.10675  1.000 84.80000  ? 74 LYS B N   1 
ATOM   497  C CA  . LYS A 1 66 ? 7.39733   -5.55392  24.16420  1.000 81.52000  ? 74 LYS B CA  1 
ATOM   498  C C   . LYS A 1 66 ? 7.78782   -4.49337  25.18677  1.000 80.00000  ? 74 LYS B C   1 
ATOM   499  O O   . LYS A 1 66 ? 8.95251   -4.39593  25.58751  1.000 77.29000  ? 74 LYS B O   1 
ATOM   500  C CB  . LYS A 1 66 ? 7.24262   -6.92423  24.82269  1.000 81.76000  ? 74 LYS B CB  1 
ATOM   501  C CG  . LYS A 1 66 ? 5.80795   -7.43627  24.81316  1.000 93.12000  ? 74 LYS B CG  1 
ATOM   502  C CD  . LYS A 1 66 ? 5.73609   -8.93896  25.03538  1.000 93.19000  ? 74 LYS B CD  1 
ATOM   503  C CE  . LYS A 1 66 ? 4.34044   -9.46758  24.73429  1.000 105.32000 ? 74 LYS B CE  1 
ATOM   504  N NZ  . LYS A 1 66 ? 3.34454   -9.03065  25.75635  1.000 122.90000 ? 74 LYS B NZ  1 
ATOM   505  N N   . LEU A 1 67 ? 6.81308   -3.68640  25.59542  1.000 77.56000  ? 75 LEU B N   1 
ATOM   506  C CA  . LEU A 1 67 ? 7.02467   -2.60691  26.55941  1.000 99.50000  ? 75 LEU B CA  1 
ATOM   507  C C   . LEU A 1 67 ? 6.48796   -3.02643  27.92495  1.000 95.00000  ? 75 LEU B C   1 
ATOM   508  O O   . LEU A 1 67 ? 5.28073   -2.96831  28.17395  1.000 107.69000 ? 75 LEU B O   1 
ATOM   509  C CB  . LEU A 1 67 ? 6.36234   -1.31938  26.07778  1.000 85.77000  ? 75 LEU B CB  1 
ATOM   510  C CG  . LEU A 1 67 ? 7.08345   -0.55072  24.96816  1.000 109.96000 ? 75 LEU B CG  1 
ATOM   511  C CD1 . LEU A 1 67 ? 6.30911   0.70590   24.59447  1.000 110.59000 ? 75 LEU B CD1 1 
ATOM   512  C CD2 . LEU A 1 67 ? 8.50593   -0.20213  25.39074  1.000 96.84000  ? 75 LEU B CD2 1 
ATOM   513  N N   . ASP A 1 68 ? 7.39166   -3.46756  28.80198  1.000 94.51000  ? 76 ASP B N   1 
ATOM   514  C CA  . ASP A 1 68 ? 7.01580   -3.88376  30.14890  1.000 106.83000 ? 76 ASP B CA  1 
ATOM   515  C C   . ASP A 1 68 ? 6.31763   -2.74572  30.89132  1.000 92.88000  ? 76 ASP B C   1 
ATOM   516  O O   . ASP A 1 68 ? 6.56709   -1.56380  30.64292  1.000 90.04000  ? 76 ASP B O   1 
ATOM   517  C CB  . ASP A 1 68 ? 8.23798   -4.37869  30.92628  1.000 98.72000  ? 76 ASP B CB  1 
ATOM   518  C CG  . ASP A 1 68 ? 9.40906   -3.42796  30.84555  1.000 104.04000 ? 76 ASP B CG  1 
ATOM   519  O OD1 . ASP A 1 68 ? 9.25925   -2.34233  30.24660  1.000 114.65000 ? 76 ASP B OD1 1 
ATOM   520  O OD2 . ASP A 1 68 ? 10.48231  -3.77643  31.38322  1.000 84.71000  ? 76 ASP B OD2 1 
ATOM   521  N N   . VAL A 1 69 ? 5.44014   -3.11790  31.82868  1.000 91.12000  ? 77 VAL B N   1 
ATOM   522  C CA  . VAL A 1 69 ? 4.58474   -2.13930  32.49613  1.000 91.21000  ? 77 VAL B CA  1 
ATOM   523  C C   . VAL A 1 69 ? 5.38038   -1.17477  33.37169  1.000 90.92000  ? 77 VAL B C   1 
ATOM   524  O O   . VAL A 1 69 ? 5.00302   -0.00513  33.50849  1.000 84.38000  ? 77 VAL B O   1 
ATOM   525  C CB  . VAL A 1 69 ? 3.50804   -2.87398  33.31475  1.000 80.48000  ? 77 VAL B CB  1 
ATOM   526  C CG1 . VAL A 1 69 ? 2.44476   -1.90223  33.79522  1.000 92.42000  ? 77 VAL B CG1 1 
ATOM   527  C CG2 . VAL A 1 69 ? 2.88872   -3.98887  32.48716  1.000 84.71000  ? 77 VAL B CG2 1 
ATOM   528  N N   . TRP A 1 70 ? 6.47682   -1.62383  33.97171  1.000 86.76000  ? 78 TRP B N   1 
ATOM   529  C CA  . TRP A 1 70 ? 7.26758   -0.74762  34.83667  1.000 74.70000  ? 78 TRP B CA  1 
ATOM   530  C C   . TRP A 1 70 ? 8.75611   -1.04956  34.72537  1.000 77.27000  ? 78 TRP B C   1 
ATOM   531  O O   . TRP A 1 70 ? 9.59086   -0.17008  34.93119  1.000 86.01000  ? 78 TRP B O   1 
ATOM   532  C CB  . TRP A 1 70 ? 6.80127   -0.87031  36.29363  1.000 80.22000  ? 78 TRP B CB  1 
ATOM   533  C CG  . TRP A 1 70 ? 7.19979   -2.15844  36.93265  1.000 77.22000  ? 78 TRP B CG  1 
ATOM   534  C CD1 . TRP A 1 70 ? 8.40049   -2.45862  37.50884  1.000 69.43000  ? 78 TRP B CD1 1 
ATOM   535  C CD2 . TRP A 1 70 ? 6.39990   -3.34178  37.03009  1.000 67.63000  ? 78 TRP B CD2 1 
ATOM   536  N NE1 . TRP A 1 70 ? 8.39371   -3.75476  37.96357  1.000 71.35000  ? 78 TRP B NE1 1 
ATOM   537  C CE2 . TRP A 1 70 ? 7.17666   -4.31829  37.68101  1.000 52.99000  ? 78 TRP B CE2 1 
ATOM   538  C CE3 . TRP A 1 70 ? 5.10214   -3.66916  36.62871  1.000 68.64000  ? 78 TRP B CE3 1 
ATOM   539  C CZ2 . TRP A 1 70 ? 6.69609   -5.59627  37.94531  1.000 65.09000  ? 78 TRP B CZ2 1 
ATOM   540  C CZ3 . TRP A 1 70 ? 4.62833   -4.93569  36.89124  1.000 65.14000  ? 78 TRP B CZ3 1 
ATOM   541  C CH2 . TRP A 1 70 ? 5.42366   -5.88542  37.54228  1.000 65.91000  ? 78 TRP B CH2 1 
ATOM   542  N N   . THR B 2 1  ? 18.08367  10.40192  -9.71276  1.000 61.40000  ? 8  THR A N   1 
ATOM   543  C CA  . THR B 2 1  ? 17.05308  10.92297  -8.78258  1.000 71.06000  ? 8  THR A CA  1 
ATOM   544  C C   . THR B 2 1  ? 15.72970  10.19251  -8.98528  1.000 61.93000  ? 8  THR A C   1 
ATOM   545  O O   . THR B 2 1  ? 15.27674  10.11158  -10.13258 1.000 86.63000  ? 8  THR A O   1 
ATOM   546  C CB  . THR B 2 1  ? 16.83277  12.41971  -9.00724  1.000 64.85000  ? 8  THR A CB  1 
ATOM   547  O OG1 . THR B 2 1  ? 18.08754  13.07780  -8.83644  1.000 89.94000  ? 8  THR A OG1 1 
ATOM   548  C CG2 . THR B 2 1  ? 15.80603  13.01041  -8.06581  1.000 60.96000  ? 8  THR A CG2 1 
ATOM   549  N N   . VAL B 2 2  ? 15.13581  9.68438   -7.90847  1.000 61.16000  ? 9  VAL A N   1 
ATOM   550  C CA  . VAL B 2 2  ? 13.79022  9.05722   -8.01784  1.000 77.71000  ? 9  VAL A CA  1 
ATOM   551  C C   . VAL B 2 2  ? 12.82306  9.89274   -7.18887  1.000 65.90000  ? 9  VAL A C   1 
ATOM   552  O O   . VAL B 2 2  ? 13.21501  10.34422  -6.10807  1.000 67.54000  ? 9  VAL A O   1 
ATOM   553  C CB  . VAL B 2 2  ? 13.78039  7.58336   -7.57798  1.000 57.24000  ? 9  VAL A CB  1 
ATOM   554  C CG1 . VAL B 2 2  ? 14.78629  6.75762   -8.36190  1.000 70.84000  ? 9  VAL A CG1 1 
ATOM   555  C CG2 . VAL B 2 2  ? 14.00686  7.43112   -6.08355  1.000 82.31000  ? 9  VAL A CG2 1 
ATOM   556  N N   . ILE B 2 3  ? 11.62045  10.10700  -7.70587  1.000 66.19000  ? 10 ILE A N   1 
ATOM   557  C CA  . ILE B 2 3  ? 10.60017  10.88353  -7.01390  1.000 55.06000  ? 10 ILE A CA  1 
ATOM   558  C C   . ILE B 2 3  ? 9.47251   9.93419   -6.63877  1.000 62.91000  ? 10 ILE A C   1 
ATOM   559  O O   . ILE B 2 3  ? 8.99362   9.16953   -7.48516  1.000 70.40000  ? 10 ILE A O   1 
ATOM   560  C CB  . ILE B 2 3  ? 10.05495  12.02731  -7.89044  1.000 63.04000  ? 10 ILE A CB  1 
ATOM   561  C CG1 . ILE B 2 3  ? 11.16740  12.98832  -8.31254  1.000 66.25000  ? 10 ILE A CG1 1 
ATOM   562  C CG2 . ILE B 2 3  ? 8.94282   12.76952  -7.16336  1.000 66.04000  ? 10 ILE A CG2 1 
ATOM   563  C CD1 . ILE B 2 3  ? 11.51425  14.01469  -7.27659  1.000 69.75000  ? 10 ILE A CD1 1 
ATOM   564  N N   . GLU B 2 4  ? 9.05427   9.97270   -5.37763  1.000 61.44000  ? 11 GLU A N   1 
ATOM   565  C CA  . GLU B 2 4  ? 7.89531   9.21878   -4.91492  1.000 44.66000  ? 11 GLU A CA  1 
ATOM   566  C C   . GLU B 2 4  ? 6.85214   10.22096  -4.44658  1.000 56.91000  ? 11 GLU A C   1 
ATOM   567  O O   . GLU B 2 4  ? 7.03953   10.87833  -3.41751  1.000 73.23000  ? 11 GLU A O   1 
ATOM   568  C CB  . GLU B 2 4  ? 8.27143   8.24719   -3.79788  1.000 38.95000  ? 11 GLU A CB  1 
ATOM   569  N N   . LYS B 2 5  ? 5.76928   10.35279  -5.20581  1.000 59.18000  ? 12 LYS A N   1 
ATOM   570  C CA  . LYS B 2 5  ? 4.66917   11.23840  -4.84255  1.000 62.53000  ? 12 LYS A CA  1 
ATOM   571  C C   . LYS B 2 5  ? 3.53732   10.39688  -4.26482  1.000 60.48000  ? 12 LYS A C   1 
ATOM   572  O O   . LYS B 2 5  ? 2.95352   9.57042   -4.97041  1.000 66.85000  ? 12 LYS A O   1 
ATOM   573  C CB  . LYS B 2 5  ? 4.19240   12.05303  -6.04656  1.000 61.94000  ? 12 LYS A CB  1 
ATOM   574  C CG  . LYS B 2 5  ? 3.05302   13.02107  -5.73131  1.000 80.84000  ? 12 LYS A CG  1 
ATOM   575  C CD  . LYS B 2 5  ? 2.83753   14.03155  -6.85694  1.000 68.28000  ? 12 LYS A CD  1 
ATOM   576  C CE  . LYS B 2 5  ? 2.56222   13.33339  -8.17809  1.000 93.53000  ? 12 LYS A CE  1 
ATOM   577  N NZ  . LYS B 2 5  ? 2.22059   14.28416  -9.27223  1.000 100.01000 ? 12 LYS A NZ  1 
ATOM   578  N N   . ARG B 2 6  ? 3.23347   10.60415  -2.98555  1.000 55.59000  ? 13 ARG A N   1 
ATOM   579  C CA  . ARG B 2 6  ? 2.20250   9.85852   -2.27340  1.000 59.04000  ? 13 ARG A CA  1 
ATOM   580  C C   . ARG B 2 6  ? 1.01012   10.77084  -2.01144  1.000 65.17000  ? 13 ARG A C   1 
ATOM   581  O O   . ARG B 2 6  ? 1.17298   11.87471  -1.48233  1.000 71.66000  ? 13 ARG A O   1 
ATOM   582  C CB  . ARG B 2 6  ? 2.75287   9.30585   -0.95650  1.000 66.15000  ? 13 ARG A CB  1 
ATOM   583  C CG  . ARG B 2 6  ? 1.82447   8.36381   -0.22221  1.000 74.49000  ? 13 ARG A CG  1 
ATOM   584  C CD  . ARG B 2 6  ? 2.56636   7.60107   0.86535   1.000 85.72000  ? 13 ARG A CD  1 
ATOM   585  N NE  . ARG B 2 6  ? 1.65896   7.02961   1.85424   1.000 107.32000 ? 13 ARG A NE  1 
ATOM   586  C CZ  . ARG B 2 6  ? 1.21511   7.67326   2.92602   1.000 122.93000 ? 13 ARG A CZ  1 
ATOM   587  N NH1 . ARG B 2 6  ? 1.57551   8.92117   3.18447   1.000 116.46000 ? 13 ARG A NH1 1 
ATOM   588  N NH2 . ARG B 2 6  ? 0.39269   7.04780   3.76445   1.000 116.48000 ? 13 ARG A NH2 1 
ATOM   589  N N   . ILE B 2 7  ? -0.18323  10.32002  -2.39053  1.000 54.12000  ? 14 ILE A N   1 
ATOM   590  C CA  . ILE B 2 7  ? -1.39622  11.12161  -2.27174  1.000 68.52000  ? 14 ILE A CA  1 
ATOM   591  C C   . ILE B 2 7  ? -2.44105  10.31867  -1.50999  1.000 69.39000  ? 14 ILE A C   1 
ATOM   592  O O   . ILE B 2 7  ? -2.75673  9.18593   -1.88623  1.000 68.40000  ? 14 ILE A O   1 
ATOM   593  C CB  . ILE B 2 7  ? -1.93138  11.54182  -3.65110  1.000 59.55000  ? 14 ILE A CB  1 
ATOM   594  C CG1 . ILE B 2 7  ? -0.82033  12.22669  -4.44742  1.000 71.22000  ? 14 ILE A CG1 1 
ATOM   595  C CG2 . ILE B 2 7  ? -3.10382  12.47728  -3.49323  1.000 52.07000  ? 14 ILE A CG2 1 
ATOM   596  C CD1 . ILE B 2 7  ? -1.16574  12.49133  -5.88548  1.000 63.98000  ? 14 ILE A CD1 1 
ATOM   597  N N   . VAL B 2 8  ? -2.97344  10.90080  -0.43984  1.000 77.76000  ? 15 VAL A N   1 
ATOM   598  C CA  . VAL B 2 8  ? -3.91050  10.22490  0.44807   1.000 83.20000  ? 15 VAL A CA  1 
ATOM   599  C C   . VAL B 2 8  ? -5.30052  10.81468  0.25031   1.000 94.97000  ? 15 VAL A C   1 
ATOM   600  O O   . VAL B 2 8  ? -5.47783  12.03765  0.28808   1.000 94.08000  ? 15 VAL A O   1 
ATOM   601  C CB  . VAL B 2 8  ? -3.47017  10.33631  1.91714   1.000 69.41000  ? 15 VAL A CB  1 
ATOM   602  C CG1 . VAL B 2 8  ? -4.43667  9.58591   2.81843   1.000 78.21000  ? 15 VAL A CG1 1 
ATOM   603  C CG2 . VAL B 2 8  ? -2.05974  9.79038   2.08110   1.000 87.70000  ? 15 VAL A CG2 1 
ATOM   604  N N   . ILE B 2 9  ? -6.27686  9.94057   0.02129   1.000 95.79000  ? 16 ILE A N   1 
ATOM   605  C CA  . ILE B 2 9  ? -7.69232  10.28350  -0.00560  1.000 103.38000 ? 16 ILE A CA  1 
ATOM   606  C C   . ILE B 2 9  ? -8.32633  9.52750   1.15345   1.000 105.40000 ? 16 ILE A C   1 
ATOM   607  O O   . ILE B 2 9  ? -8.37421  8.28943   1.14141   1.000 111.16000 ? 16 ILE A O   1 
ATOM   608  C CB  . ILE B 2 9  ? -8.35622  9.91064   -1.33998  1.000 98.44000  ? 16 ILE A CB  1 
ATOM   609  C CG1 . ILE B 2 9  ? -7.45921  10.29520  -2.52149  1.000 70.07000  ? 16 ILE A CG1 1 
ATOM   610  C CG2 . ILE B 2 9  ? -9.71542  10.57886  -1.46166  1.000 97.33000  ? 16 ILE A CG2 1 
ATOM   611  C CD1 . ILE B 2 9  ? -7.21229  11.77440  -2.64667  1.000 88.97000  ? 16 ILE A CD1 1 
ATOM   612  N N   . ASP B 2 10 ? -8.80928  10.25774  2.15842   1.000 126.90000 ? 17 ASP A N   1 
ATOM   613  C CA  . ASP B 2 10 ? -9.39562  9.59389   3.31841   1.000 126.51000 ? 17 ASP A CA  1 
ATOM   614  C C   . ASP B 2 10 ? -10.74614 8.96567   2.99811   1.000 135.35000 ? 17 ASP A C   1 
ATOM   615  O O   . ASP B 2 10 ? -11.13041 7.97893   3.63670   1.000 125.86000 ? 17 ASP A O   1 
ATOM   616  C CB  . ASP B 2 10 ? -9.52313  10.57889  4.47804   1.000 131.33000 ? 17 ASP A CB  1 
ATOM   617  C CG  . ASP B 2 10 ? -8.33823  10.51941  5.41702   1.000 130.81000 ? 17 ASP A CG  1 
ATOM   618  O OD1 . ASP B 2 10 ? -7.99576  9.40502   5.86367   1.000 132.30000 ? 17 ASP A OD1 1 
ATOM   619  O OD2 . ASP B 2 10 ? -7.74429  11.58137  5.70023   1.000 142.82000 ? 17 ASP A OD2 1 
ATOM   620  N N   . GLY B 2 11 ? -11.47685 9.51014   2.02878   1.000 135.60000 ? 18 GLY A N   1 
ATOM   621  C CA  . GLY B 2 11 ? -12.74656 8.91592   1.64831   1.000 131.63000 ? 18 GLY A CA  1 
ATOM   622  C C   . GLY B 2 11 ? -12.52804 7.71259   0.74284   1.000 141.41000 ? 18 GLY A C   1 
ATOM   623  O O   . GLY B 2 11 ? -11.66441 7.71399   -0.13403  1.000 147.48000 ? 18 GLY A O   1 
ATOM   624  N N   . ASP B 2 12 ? -13.33684 6.67519   0.96197   1.000 139.46000 ? 19 ASP A N   1 
ATOM   625  C CA  . ASP B 2 12 ? -13.18707 5.41320   0.25048   1.000 141.68000 ? 19 ASP A CA  1 
ATOM   626  C C   . ASP B 2 12 ? -13.98493 5.37007   -1.04779  1.000 138.65000 ? 19 ASP A C   1 
ATOM   627  O O   . ASP B 2 12 ? -14.25010 4.27880   -1.56620  1.000 137.14000 ? 19 ASP A O   1 
ATOM   628  C CB  . ASP B 2 12 ? -13.58232 4.24433   1.15425   1.000 134.78000 ? 19 ASP A CB  1 
ATOM   629  C CG  . ASP B 2 12 ? -15.03530 4.29683   1.57103   1.000 142.57000 ? 19 ASP A CG  1 
ATOM   630  O OD1 . ASP B 2 12 ? -15.59924 5.40957   1.62964   1.000 150.79000 ? 19 ASP A OD1 1 
ATOM   631  O OD2 . ASP B 2 12 ? -15.61381 3.22249   1.84147   1.000 132.57000 ? 19 ASP A OD2 1 
ATOM   632  N N   . GLY B 2 13 ? -14.37592 6.52927   -1.57157  1.000 140.43000 ? 20 GLY A N   1 
ATOM   633  C CA  . GLY B 2 13 ? -15.01646 6.56918   -2.87430  1.000 136.31000 ? 20 GLY A CA  1 
ATOM   634  C C   . GLY B 2 13 ? -14.13388 5.93968   -3.94244  1.000 127.38000 ? 20 GLY A C   1 
ATOM   635  O O   . GLY B 2 13 ? -12.91670 6.12576   -3.95280  1.000 137.15000 ? 20 GLY A O   1 
ATOM   636  N N   . ASP B 2 14 ? -14.76301 5.17116   -4.82909  1.000 113.57000 ? 21 ASP A N   1 
ATOM   637  C CA  . ASP B 2 14 ? -14.02143 4.46050   -5.86242  1.000 116.37000 ? 21 ASP A CA  1 
ATOM   638  C C   . ASP B 2 14 ? -13.20339 5.44046   -6.69465  1.000 116.04000 ? 21 ASP A C   1 
ATOM   639  O O   . ASP B 2 14 ? -13.61716 6.57394   -6.95215  1.000 118.55000 ? 21 ASP A O   1 
ATOM   640  C CB  . ASP B 2 14 ? -14.97653 3.67266   -6.76031  1.000 107.96000 ? 21 ASP A CB  1 
ATOM   641  N N   . ILE B 2 15 ? -12.02904 4.98640   -7.12182  1.000 108.26000 ? 22 ILE A N   1 
ATOM   642  C CA  . ILE B 2 15 ? -11.05746 5.82102   -7.81581  1.000 98.06000  ? 22 ILE A CA  1 
ATOM   643  C C   . ILE B 2 15 ? -11.04173 5.42814   -9.28528  1.000 97.61000  ? 22 ILE A C   1 
ATOM   644  O O   . ILE B 2 15 ? -10.94498 4.24078   -9.61692  1.000 94.54000  ? 22 ILE A O   1 
ATOM   645  C CB  . ILE B 2 15 ? -9.65576  5.67181   -7.19818  1.000 92.22000  ? 22 ILE A CB  1 
ATOM   646  C CG1 . ILE B 2 15 ? -9.65522  6.12525   -5.73567  1.000 100.75000 ? 22 ILE A CG1 1 
ATOM   647  C CG2 . ILE B 2 15 ? -8.62184  6.43912   -8.01069  1.000 78.81000  ? 22 ILE A CG2 1 
ATOM   648  C CD1 . ILE B 2 15 ? -10.05235 7.57077   -5.53869  1.000 113.09000 ? 22 ILE A CD1 1 
ATOM   649  N N   . ASP B 2 16 ? -11.14045 6.42571   -10.16071 1.000 93.07000  ? 23 ASP A N   1 
ATOM   650  C CA  . ASP B 2 16 ? -11.00059 6.21387   -11.59941 1.000 90.73000  ? 23 ASP A CA  1 
ATOM   651  C C   . ASP B 2 16 ? -9.53631  5.92528   -11.89871 1.000 85.52000  ? 23 ASP A C   1 
ATOM   652  O O   . ASP B 2 16 ? -8.69921  6.83008   -11.89177 1.000 98.48000  ? 23 ASP A O   1 
ATOM   653  C CB  . ASP B 2 16 ? -11.48923 7.43713   -12.36943 1.000 91.11000  ? 23 ASP A CB  1 
ATOM   654  C CG  . ASP B 2 16 ? -11.63388 7.17612   -13.86209 1.000 99.86000  ? 23 ASP A CG  1 
ATOM   655  O OD1 . ASP B 2 16 ? -11.17773 6.11393   -14.33818 1.000 96.91000  ? 23 ASP A OD1 1 
ATOM   656  O OD2 . ASP B 2 16 ? -12.19038 8.04835   -14.56399 1.000 98.86000  ? 23 ASP A OD2 1 
ATOM   657  N N   . HIS B 2 17 ? -9.21602  4.65494   -12.15251 1.000 77.87000  ? 24 HIS A N   1 
ATOM   658  C CA  . HIS B 2 17 ? -7.82718  4.27873   -12.39841 1.000 86.54000  ? 24 HIS A CA  1 
ATOM   659  C C   . HIS B 2 17 ? -7.28000  4.97936   -13.63699 1.000 90.72000  ? 24 HIS A C   1 
ATOM   660  O O   . HIS B 2 17 ? -6.17492  5.53822   -13.61425 1.000 92.09000  ? 24 HIS A O   1 
ATOM   661  C CB  . HIS B 2 17 ? -7.70626  2.75939   -12.52864 1.000 84.88000  ? 24 HIS A CB  1 
ATOM   662  C CG  . HIS B 2 17 ? -7.90949  2.02393   -11.23972 1.000 87.52000  ? 24 HIS A CG  1 
ATOM   663  N ND1 . HIS B 2 17 ? -8.49766  2.60356   -10.13544 1.000 89.61000  ? 24 HIS A ND1 1 
ATOM   664  C CD2 . HIS B 2 17 ? -7.58917  0.76035   -10.87360 1.000 94.75000  ? 24 HIS A CD2 1 
ATOM   665  C CE1 . HIS B 2 17 ? -8.53820  1.72734   -9.14762  1.000 79.70000  ? 24 HIS A CE1 1 
ATOM   666  N NE2 . HIS B 2 17 ? -7.99183  0.60048   -9.57014  1.000 92.49000  ? 24 HIS A NE2 1 
ATOM   667  N N   . ASP B 2 18 ? -8.04570  4.96310   -14.72913 1.000 95.46000  ? 25 ASP A N   1 
ATOM   668  C CA  . ASP B 2 18 ? -7.57777  5.57967   -15.96684 1.000 102.65000 ? 25 ASP A CA  1 
ATOM   669  C C   . ASP B 2 18 ? -7.33540  7.07130   -15.77601 1.000 91.90000  ? 25 ASP A C   1 
ATOM   670  O O   . ASP B 2 18 ? -6.32471  7.61069   -16.24391 1.000 86.59000  ? 25 ASP A O   1 
ATOM   671  C CB  . ASP B 2 18 ? -8.59160  5.33724   -17.08341 1.000 94.11000  ? 25 ASP A CB  1 
ATOM   672  C CG  . ASP B 2 18 ? -8.93523  3.86943   -17.25010 1.000 113.55000 ? 25 ASP A CG  1 
ATOM   673  O OD1 . ASP B 2 18 ? -8.00883  3.03168   -17.23475 1.000 125.32000 ? 25 ASP A OD1 1 
ATOM   674  O OD2 . ASP B 2 18 ? -10.13827 3.55278   -17.38212 1.000 112.26000 ? 25 ASP A OD2 1 
ATOM   675  N N   . GLN B 2 19 ? -8.23807  7.74868   -15.06329 1.000 87.68000  ? 26 GLN A N   1 
ATOM   676  C CA  . GLN B 2 19 ? -8.06413  9.17532   -14.82097 1.000 87.83000  ? 26 GLN A CA  1 
ATOM   677  C C   . GLN B 2 19 ? -6.91723  9.44504   -13.85590 1.000 101.69000 ? 26 GLN A C   1 
ATOM   678  O O   . GLN B 2 19 ? -6.22434  10.45804  -13.99067 1.000 95.32000  ? 26 GLN A O   1 
ATOM   679  C CB  . GLN B 2 19 ? -9.36852  9.77628   -14.29547 1.000 81.13000  ? 26 GLN A CB  1 
ATOM   680  C CG  . GLN B 2 19 ? -9.34313  11.28611  -14.13492 1.000 88.37000  ? 26 GLN A CG  1 
ATOM   681  C CD  . GLN B 2 19 ? -9.02185  12.01065  -15.42914 1.000 106.75000 ? 26 GLN A CD  1 
ATOM   682  O OE1 . GLN B 2 19 ? -9.28555  11.50713  -16.52330 1.000 94.82000  ? 26 GLN A OE1 1 
ATOM   683  N NE2 . GLN B 2 19 ? -8.44261  13.20138  -15.30870 1.000 104.37000 ? 26 GLN A NE2 1 
ATOM   684  N N   . ALA B 2 20 ? -6.69546  8.55517   -12.88502 1.000 99.68000  ? 27 ALA A N   1 
ATOM   685  C CA  . ALA B 2 20 ? -5.53625  8.68745   -12.00644 1.000 76.21000  ? 27 ALA A CA  1 
ATOM   686  C C   . ALA B 2 20 ? -4.23739  8.61861   -12.80080 1.000 81.27000  ? 27 ALA A C   1 
ATOM   687  O O   . ALA B 2 20 ? -3.33751  9.44772   -12.61926 1.000 82.47000  ? 27 ALA A O   1 
ATOM   688  C CB  . ALA B 2 20 ? -5.56806  7.60421   -10.92851 1.000 85.50000  ? 27 ALA A CB  1 
ATOM   689  N N   . LEU B 2 21 ? -4.12371  7.63151   -13.69242 1.000 86.16000  ? 28 LEU A N   1 
ATOM   690  C CA  . LEU B 2 21 ? -2.92433  7.51843   -14.51554 1.000 77.18000  ? 28 LEU A CA  1 
ATOM   691  C C   . LEU B 2 21 ? -2.76670  8.73276   -15.42420 1.000 83.60000  ? 28 LEU A C   1 
ATOM   692  O O   . LEU B 2 21 ? -1.65740  9.26685   -15.58064 1.000 77.39000  ? 28 LEU A O   1 
ATOM   693  C CB  . LEU B 2 21 ? -2.97218  6.22629   -15.33238 1.000 60.55000  ? 28 LEU A CB  1 
ATOM   694  C CG  . LEU B 2 21 ? -1.80243  5.97461   -16.28300 1.000 74.87000  ? 28 LEU A CG  1 
ATOM   695  C CD1 . LEU B 2 21 ? -0.48339  6.09583   -15.54723 1.000 83.44000  ? 28 LEU A CD1 1 
ATOM   696  C CD2 . LEU B 2 21 ? -1.91971  4.59851   -16.90607 1.000 63.95000  ? 28 LEU A CD2 1 
ATOM   697  N N   . ALA B 2 22 ? -3.86401  9.16633   -16.04871 1.000 85.68000  ? 29 ALA A N   1 
ATOM   698  C CA  . ALA B 2 22 ? -3.82968  10.34785  -16.90142 1.000 85.48000  ? 29 ALA A CA  1 
ATOM   699  C C   . ALA B 2 22 ? -3.34092  11.57214  -16.13770 1.000 82.31000  ? 29 ALA A C   1 
ATOM   700  O O   . ALA B 2 22 ? -2.47967  12.31481  -16.62209 1.000 84.52000  ? 29 ALA A O   1 
ATOM   701  C CB  . ALA B 2 22 ? -5.21585  10.59875  -17.49441 1.000 86.82000  ? 29 ALA A CB  1 
ATOM   702  N N   . GLN B 2 23 ? -3.89383  11.80885  -14.94411 1.000 64.92000  ? 30 GLN A N   1 
ATOM   703  C CA  . GLN B 2 23 ? -3.49999  12.97206  -14.15837 1.000 68.76000  ? 30 GLN A CA  1 
ATOM   704  C C   . GLN B 2 23 ? -2.04320  12.87334  -13.73235 1.000 80.14000  ? 30 GLN A C   1 
ATOM   705  O O   . GLN B 2 23 ? -1.32210  13.87847  -13.72122 1.000 73.32000  ? 30 GLN A O   1 
ATOM   706  C CB  . GLN B 2 23 ? -4.40750  13.11694  -12.93639 1.000 73.54000  ? 30 GLN A CB  1 
ATOM   707  C CG  . GLN B 2 23 ? -4.10233  14.34517  -12.08531 1.000 69.61000  ? 30 GLN A CG  1 
ATOM   708  C CD  . GLN B 2 23 ? -5.10724  14.55255  -10.96854 1.000 81.11000  ? 30 GLN A CD  1 
ATOM   709  O OE1 . GLN B 2 23 ? -5.98087  13.71421  -10.74025 1.000 80.70000  ? 30 GLN A OE1 1 
ATOM   710  N NE2 . GLN B 2 23 ? -4.99162  15.67570  -10.26898 1.000 81.01000  ? 30 GLN A NE2 1 
ATOM   711  N N   . ALA B 2 24 ? -1.59891  11.67043  -13.36026 1.000 77.89000  ? 31 ALA A N   1 
ATOM   712  C CA  . ALA B 2 24 ? -0.19103  11.45803  -13.05099 1.000 74.89000  ? 31 ALA A CA  1 
ATOM   713  C C   . ALA B 2 24 ? 0.69210   11.89902  -14.20956 1.000 86.28000  ? 31 ALA A C   1 
ATOM   714  O O   . ALA B 2 24 ? 1.60316   12.71926  -14.03710 1.000 89.40000  ? 31 ALA A O   1 
ATOM   715  C CB  . ALA B 2 24 ? 0.05266   9.98399   -12.72019 1.000 76.28000  ? 31 ALA A CB  1 
ATOM   716  N N   . ILE B 2 25 ? 0.41954   11.36750  -15.40685 1.000 82.65000  ? 32 ILE A N   1 
ATOM   717  C CA  . ILE B 2 25 ? 1.24499   11.68141  -16.57298 1.000 77.93000  ? 32 ILE A CA  1 
ATOM   718  C C   . ILE B 2 25 ? 1.19035   13.17176  -16.89124 1.000 77.23000  ? 32 ILE A C   1 
ATOM   719  O O   . ILE B 2 25 ? 2.21027   13.78743  -17.22915 1.000 73.45000  ? 32 ILE A O   1 
ATOM   720  C CB  . ILE B 2 25 ? 0.80881   10.83017  -17.77918 1.000 76.55000  ? 32 ILE A CB  1 
ATOM   721  C CG1 . ILE B 2 25 ? 0.95167   9.34028   -17.46238 1.000 86.10000  ? 32 ILE A CG1 1 
ATOM   722  C CG2 . ILE B 2 25 ? 1.63138   11.18419  -19.00630 1.000 63.57000  ? 32 ILE A CG2 1 
ATOM   723  C CD1 . ILE B 2 25 ? 0.34282   8.43993   -18.51004 1.000 81.65000  ? 32 ILE A CD1 1 
ATOM   724  N N   . ARG B 2 26 ? 0.00368   13.77525  -16.77554 1.000 75.39000  ? 33 ARG A N   1 
ATOM   725  C CA  . ARG B 2 26 ? -0.15111  15.18758  -17.10647 1.000 83.31000  ? 33 ARG A CA  1 
ATOM   726  C C   . ARG B 2 26 ? 0.64833   16.06821  -16.15719 1.000 97.90000  ? 33 ARG A C   1 
ATOM   727  O O   . ARG B 2 26 ? 1.42180   16.92717  -16.59581 1.000 99.73000  ? 33 ARG A O   1 
ATOM   728  C CB  . ARG B 2 26 ? -1.62954  15.58136  -17.07408 1.000 81.99000  ? 33 ARG A CB  1 
ATOM   729  C CG  . ARG B 2 26 ? -1.87053  17.03320  -17.45915 1.000 92.81000  ? 33 ARG A CG  1 
ATOM   730  C CD  . ARG B 2 26 ? -3.33939  17.42033  -17.37566 1.000 103.04000 ? 33 ARG A CD  1 
ATOM   731  N NE  . ARG B 2 26 ? -3.79619  17.57648  -15.99871 1.000 97.72000  ? 33 ARG A NE  1 
ATOM   732  C CZ  . ARG B 2 26 ? -4.64635  16.76030  -15.38959 1.000 99.21000  ? 33 ARG A CZ  1 
ATOM   733  N NH1 . ARG B 2 26 ? -5.16361  15.71123  -16.00845 1.000 74.99000  ? 33 ARG A NH1 1 
ATOM   734  N NH2 . ARG B 2 26 ? -4.99432  17.01022  -14.12929 1.000 93.47000  ? 33 ARG A NH2 1 
ATOM   735  N N   . GLU B 2 27 ? 0.44843   15.89115  -14.84745 1.000 84.28000  ? 34 GLU A N   1 
ATOM   736  C CA  . GLU B 2 27 ? 1.18283   16.68670  -13.87330 1.000 82.14000  ? 34 GLU A CA  1 
ATOM   737  C C   . GLU B 2 27 ? 2.68313   16.44159  -13.96175 1.000 88.32000  ? 34 GLU A C   1 
ATOM   738  O O   . GLU B 2 27 ? 3.47500   17.35652  -13.70381 1.000 95.76000  ? 34 GLU A O   1 
ATOM   739  C CB  . GLU B 2 27 ? 0.66937   16.38534  -12.46671 1.000 88.00000  ? 34 GLU A CB  1 
ATOM   740  C CG  . GLU B 2 27 ? -0.77376  16.80174  -12.24824 1.000 89.83000  ? 34 GLU A CG  1 
ATOM   741  C CD  . GLU B 2 27 ? -1.24775  16.53057  -10.83798 1.000 93.97000  ? 34 GLU A CD  1 
ATOM   742  O OE1 . GLU B 2 27 ? -0.45837  15.96912  -10.04831 1.000 96.52000  ? 34 GLU A OE1 1 
ATOM   743  O OE2 . GLU B 2 27 ? -2.40798  16.87252  -10.52191 1.000 89.75000  ? 34 GLU A OE2 1 
ATOM   744  N N   . ALA B 2 28 ? 3.09435   15.22820  -14.33932 1.000 70.57000  ? 35 ALA A N   1 
ATOM   745  C CA  . ALA B 2 28 ? 4.51558   14.96326  -14.52795 1.000 72.47000  ? 35 ALA A CA  1 
ATOM   746  C C   . ALA B 2 28 ? 5.06994   15.76482  -15.69625 1.000 97.67000  ? 35 ALA A C   1 
ATOM   747  O O   . ALA B 2 28 ? 6.07965   16.46418  -15.55766 1.000 95.17000  ? 35 ALA A O   1 
ATOM   748  C CB  . ALA B 2 28 ? 4.74353   13.46854  -14.74113 1.000 87.84000  ? 35 ALA A CB  1 
ATOM   749  N N   . ARG B 2 29 ? 4.42803   15.65816  -16.86459 1.000 103.33000 ? 36 ARG A N   1 
ATOM   750  C CA  . ARG B 2 29 ? 4.82606   16.46296  -18.01657 1.000 99.37000  ? 36 ARG A CA  1 
ATOM   751  C C   . ARG B 2 29 ? 4.87065   17.94724  -17.67247 1.000 103.02000 ? 36 ARG A C   1 
ATOM   752  O O   . ARG B 2 29 ? 5.78533   18.66387  -18.09431 1.000 111.62000 ? 36 ARG A O   1 
ATOM   753  C CB  . ARG B 2 29 ? 3.87412   16.20933  -19.18634 1.000 101.41000 ? 36 ARG A CB  1 
ATOM   754  C CG  . ARG B 2 29 ? 4.28582   16.89240  -20.48285 1.000 109.86000 ? 36 ARG A CG  1 
ATOM   755  C CD  . ARG B 2 29 ? 3.37088   16.51124  -21.64398 1.000 115.70000 ? 36 ARG A CD  1 
ATOM   756  N NE  . ARG B 2 29 ? 1.97964   16.87760  -21.40321 1.000 119.22000 ? 36 ARG A NE  1 
ATOM   757  C CZ  . ARG B 2 29 ? 1.02390   16.02082  -21.06768 1.000 114.16000 ? 36 ARG A CZ  1 
ATOM   758  N NH1 . ARG B 2 29 ? 1.26964   14.72749  -20.93009 1.000 93.69000  ? 36 ARG A NH1 1 
ATOM   759  N NH2 . ARG B 2 29 ? -0.21099  16.47366  -20.86587 1.000 106.24000 ? 36 ARG A NH2 1 
ATOM   760  N N   . GLU B 2 30 ? 3.88601   18.42748  -16.91116 1.000 97.42000  ? 37 GLU A N   1 
ATOM   761  C CA  . GLU B 2 30 ? 3.82195   19.84599  -16.57353 1.000 98.83000  ? 37 GLU A CA  1 
ATOM   762  C C   . GLU B 2 30 ? 4.98541   20.25879  -15.67804 1.000 106.28000 ? 37 GLU A C   1 
ATOM   763  O O   . GLU B 2 30 ? 5.79574   21.11580  -16.04735 1.000 105.09000 ? 37 GLU A O   1 
ATOM   764  C CB  . GLU B 2 30 ? 2.48557   20.15948  -15.89730 1.000 103.54000 ? 37 GLU A CB  1 
ATOM   765  C CG  . GLU B 2 30 ? 1.28368   20.08419  -16.82645 1.000 120.89000 ? 37 GLU A CG  1 
ATOM   766  C CD  . GLU B 2 30 ? -0.02091  20.40679  -16.12133 1.000 122.97000 ? 37 GLU A CD  1 
ATOM   767  O OE1 . GLU B 2 30 ? -0.00444  20.58168  -14.88417 1.000 118.40000 ? 37 GLU A OE1 1 
ATOM   768  O OE2 . GLU B 2 30 ? -1.06464  20.47273  -16.80396 1.000 126.52000 ? 37 GLU A OE2 1 
ATOM   769  N N   . GLN B 2 31 ? 5.08763   19.65543  -14.49362 1.000 111.20000 ? 38 GLN A N   1 
ATOM   770  C CA  . GLN B 2 31 ? 6.00736   20.14827  -13.47386 1.000 109.12000 ? 38 GLN A CA  1 
ATOM   771  C C   . GLN B 2 31 ? 7.39890   19.53341  -13.55793 1.000 113.22000 ? 38 GLN A C   1 
ATOM   772  O O   . GLN B 2 31 ? 8.36640   20.15999  -13.11040 1.000 112.76000 ? 38 GLN A O   1 
ATOM   773  C CB  . GLN B 2 31 ? 5.42637   19.89607  -12.08151 1.000 106.47000 ? 38 GLN A CB  1 
ATOM   774  C CG  . GLN B 2 31 ? 4.01707   20.42621  -11.90618 1.000 115.47000 ? 38 GLN A CG  1 
ATOM   775  C CD  . GLN B 2 31 ? 3.40439   19.99972  -10.59318 1.000 115.00000 ? 38 GLN A CD  1 
ATOM   776  O OE1 . GLN B 2 31 ? 4.10773   19.82295  -9.59848  1.000 114.68000 ? 38 GLN A OE1 1 
ATOM   777  N NE2 . GLN B 2 31 ? 2.08617   19.82599  -10.58125 1.000 97.90000  ? 38 GLN A NE2 1 
ATOM   778  N N   . HIS B 2 32 ? 7.52839   18.32402  -14.09797 1.000 107.41000 ? 39 HIS A N   1 
ATOM   779  C CA  . HIS B 2 32 ? 8.81900   17.64795  -14.23237 1.000 102.24000 ? 39 HIS A CA  1 
ATOM   780  C C   . HIS B 2 32 ? 8.99960   17.18073  -15.66996 1.000 104.64000 ? 39 HIS A C   1 
ATOM   781  O O   . HIS B 2 32 ? 8.88664   15.98543  -15.96879 1.000 99.97000  ? 39 HIS A O   1 
ATOM   782  C CB  . HIS B 2 32 ? 8.93356   16.47414  -13.26082 1.000 103.78000 ? 39 HIS A CB  1 
ATOM   783  C CG  . HIS B 2 32 ? 8.55187   16.81121  -11.85348 1.000 115.01000 ? 39 HIS A CG  1 
ATOM   784  N ND1 . HIS B 2 32 ? 7.79829   15.96918  -11.06451 1.000 117.98000 ? 39 HIS A ND1 1 
ATOM   785  C CD2 . HIS B 2 32 ? 8.82596   17.89581  -11.09120 1.000 114.39000 ? 39 HIS A CD2 1 
ATOM   786  C CE1 . HIS B 2 32 ? 7.62083   16.52172  -9.87737  1.000 106.21000 ? 39 HIS A CE1 1 
ATOM   787  N NE2 . HIS B 2 32 ? 8.23357   17.69080  -9.86853  1.000 111.23000 ? 39 HIS A NE2 1 
ATOM   788  N N   . PRO B 2 33 ? 9.28858   18.10334  -16.59228 1.000 111.61000 ? 40 PRO A N   1 
ATOM   789  C CA  . PRO B 2 33 ? 9.41255   17.70958  -18.00458 1.000 111.18000 ? 40 PRO A CA  1 
ATOM   790  C C   . PRO B 2 33 ? 10.60151  16.80520  -18.27455 1.000 107.40000 ? 40 PRO A C   1 
ATOM   791  O O   . PRO B 2 33 ? 10.59878  16.08864  -19.28342 1.000 102.19000 ? 40 PRO A O   1 
ATOM   792  C CB  . PRO B 2 33 ? 9.55874   19.05224  -18.72991 1.000 109.09000 ? 40 PRO A CB  1 
ATOM   793  C CG  . PRO B 2 33 ? 10.16397  19.95361  -17.70753 1.000 97.63000  ? 40 PRO A CG  1 
ATOM   794  C CD  . PRO B 2 33 ? 9.57871   19.53284  -16.38850 1.000 103.66000 ? 40 PRO A CD  1 
ATOM   795  N N   . ASP B 2 34 ? 11.61348  16.82085  -17.41227 1.000 103.96000 ? 41 ASP A N   1 
ATOM   796  C CA  . ASP B 2 34 ? 12.79734  15.98645  -17.56073 1.000 106.56000 ? 41 ASP A CA  1 
ATOM   797  C C   . ASP B 2 34 ? 12.62605  14.60218  -16.94731 1.000 107.94000 ? 41 ASP A C   1 
ATOM   798  O O   . ASP B 2 34 ? 13.56029  13.79513  -17.00274 1.000 100.31000 ? 41 ASP A O   1 
ATOM   799  C CB  . ASP B 2 34 ? 14.00852  16.68330  -16.93396 1.000 117.25000 ? 41 ASP A CB  1 
ATOM   800  C CG  . ASP B 2 34 ? 13.72521  17.19211  -15.53563 1.000 128.46000 ? 41 ASP A CG  1 
ATOM   801  O OD1 . ASP B 2 34 ? 12.53467  17.35524  -15.19314 1.000 119.61000 ? 41 ASP A OD1 1 
ATOM   802  O OD2 . ASP B 2 34 ? 14.69082  17.42958  -14.77975 1.000 147.01000 ? 41 ASP A OD2 1 
HETATM 803  N N   . MSE B 2 35 ? 11.44272  14.36398  -16.37802 1.000 112.71000 ? 42 MSE A N   1 
HETATM 804  C CA  . MSE B 2 35 ? 11.17342  13.07150  -15.70067 1.000 105.29000 ? 42 MSE A CA  1 
HETATM 805  C C   . MSE B 2 35 ? 9.98851   12.37786  -16.36684 1.000 100.06000 ? 42 MSE A C   1 
HETATM 806  O O   . MSE B 2 35 ? 9.17942   13.07059  -17.00253 1.000 97.94000  ? 42 MSE A O   1 
HETATM 807  C CB  . MSE B 2 35 ? 10.84754  13.30910  -14.22346 1.000 30.00000  ? 42 MSE A CB  1 
ATOM   808  N N   . SER B 2 36 ? 9.89386   11.06170  -16.20295 1.000 91.22000  ? 43 SER A N   1 
ATOM   809  C CA  . SER B 2 36 ? 8.80204   10.28009  -16.77010 1.000 87.55000  ? 43 SER A CA  1 
ATOM   810  C C   . SER B 2 36 ? 8.21596   9.36489   -15.70578 1.000 66.18000  ? 43 SER A C   1 
ATOM   811  O O   . SER B 2 36 ? 8.95781   8.68370   -14.99102 1.000 79.61000  ? 43 SER A O   1 
ATOM   812  C CB  . SER B 2 36 ? 9.28036   9.46512   -17.97945 1.000 96.44000  ? 43 SER A CB  1 
ATOM   813  O OG  . SER B 2 36 ? 10.47215  8.75962   -17.68051 1.000 98.51000  ? 43 SER A OG  1 
ATOM   814  N N   . VAL B 2 37 ? 6.88416   9.34556   -15.60522 1.000 66.28000  ? 44 VAL A N   1 
ATOM   815  C CA  . VAL B 2 37 ? 6.21826   8.43049   -14.68539 1.000 62.09000  ? 44 VAL A CA  1 
ATOM   816  C C   . VAL B 2 37 ? 6.52411   6.99593   -15.08411 1.000 64.81000  ? 44 VAL A C   1 
ATOM   817  O O   . VAL B 2 37 ? 6.29097   6.59102   -16.22902 1.000 67.51000  ? 44 VAL A O   1 
ATOM   818  C CB  . VAL B 2 37 ? 4.70415   8.68917   -14.67595 1.000 52.10000  ? 44 VAL A CB  1 
ATOM   819  C CG1 . VAL B 2 37 ? 3.98018   7.54539   -13.98775 1.000 52.72000  ? 44 VAL A CG1 1 
ATOM   820  C CG2 . VAL B 2 37 ? 4.39107   10.01242  -14.00161 1.000 58.18000  ? 44 VAL A CG2 1 
ATOM   821  N N   . THR B 2 38 ? 7.03553   6.20866   -14.13559 1.000 68.53000  ? 45 THR A N   1 
ATOM   822  C CA  . THR B 2 38 ? 7.32425   4.80376   -14.38858 1.000 62.24000  ? 45 THR A CA  1 
ATOM   823  C C   . THR B 2 38 ? 6.49062   3.84377   -13.55561 1.000 69.30000  ? 45 THR A C   1 
ATOM   824  O O   . THR B 2 38 ? 6.58629   2.62943   -13.76997 1.000 72.60000  ? 45 THR A O   1 
ATOM   825  C CB  . THR B 2 38 ? 8.80755   4.49697   -14.14914 1.000 55.70000  ? 45 THR A CB  1 
ATOM   826  O OG1 . THR B 2 38 ? 9.11817   4.66807   -12.76063 1.000 85.35000  ? 45 THR A OG1 1 
ATOM   827  C CG2 . THR B 2 38 ? 9.66672   5.42310   -14.98169 1.000 71.67000  ? 45 THR A CG2 1 
ATOM   828  N N   . ARG B 2 39 ? 5.69752   4.33605   -12.60904 1.000 65.57000  ? 46 ARG A N   1 
ATOM   829  C CA  . ARG B 2 39 ? 4.79655   3.45299   -11.88780 1.000 52.74000  ? 46 ARG A CA  1 
ATOM   830  C C   . ARG B 2 39 ? 3.68888   4.28289   -11.25969 1.000 65.31000  ? 46 ARG A C   1 
ATOM   831  O O   . ARG B 2 39 ? 3.93943   5.37126   -10.74365 1.000 68.84000  ? 46 ARG A O   1 
ATOM   832  C CB  . ARG B 2 39 ? 5.53775   2.65362   -10.81168 1.000 43.16000  ? 46 ARG A CB  1 
ATOM   833  C CG  . ARG B 2 39 ? 4.74553   1.47885   -10.28168 1.000 64.98000  ? 46 ARG A CG  1 
ATOM   834  C CD  . ARG B 2 39 ? 5.50340   0.72702   -9.20151  1.000 66.61000  ? 46 ARG A CD  1 
ATOM   835  N NE  . ARG B 2 39 ? 4.75378   -0.43382  -8.73961  1.000 89.12000  ? 46 ARG A NE  1 
ATOM   836  C CZ  . ARG B 2 39 ? 4.99616   -1.08609  -7.61124  1.000 93.97000  ? 46 ARG A CZ  1 
ATOM   837  N NH1 . ARG B 2 39 ? 5.96055   -0.70945  -6.78874  1.000 96.63000  ? 46 ARG A NH1 1 
ATOM   838  N NH2 . ARG B 2 39 ? 4.24504   -2.13776  -7.29599  1.000 106.05000 ? 46 ARG A NH2 1 
ATOM   839  N N   . VAL B 2 40 ? 2.46596   3.76738   -11.31735 1.000 59.12000  ? 47 VAL A N   1 
ATOM   840  C CA  . VAL B 2 40 ? 1.33364   4.36407   -10.62254 1.000 68.41000  ? 47 VAL A CA  1 
ATOM   841  C C   . VAL B 2 40 ? 0.59309   3.22480   -9.94812  1.000 74.63000  ? 47 VAL A C   1 
ATOM   842  O O   . VAL B 2 40 ? 0.17690   2.27103   -10.61749 1.000 74.91000  ? 47 VAL A O   1 
ATOM   843  C CB  . VAL B 2 40 ? 0.39245   5.14400   -11.55743 1.000 66.63000  ? 47 VAL A CB  1 
ATOM   844  C CG1 . VAL B 2 40 ? -0.75003  5.75174   -10.75544 1.000 55.66000  ? 47 VAL A CG1 1 
ATOM   845  C CG2 . VAL B 2 40 ? 1.14131   6.22605   -12.30713 1.000 62.01000  ? 47 VAL A CG2 1 
ATOM   846  N N   . VAL B 2 41 ? 0.44506   3.30916   -8.63107  1.000 71.22000  ? 48 VAL A N   1 
ATOM   847  C CA  . VAL B 2 41 ? -0.21640  2.27194   -7.85648  1.000 66.05000  ? 48 VAL A CA  1 
ATOM   848  C C   . VAL B 2 41 ? -1.34222  2.89916   -7.05467  1.000 70.92000  ? 48 VAL A C   1 
ATOM   849  O O   . VAL B 2 41 ? -1.16969  3.96798   -6.45445  1.000 78.88000  ? 48 VAL A O   1 
ATOM   850  C CB  . VAL B 2 41 ? 0.77696   1.55226   -6.92350  1.000 52.72000  ? 48 VAL A CB  1 
ATOM   851  C CG1 . VAL B 2 41 ? 0.03675   0.79525   -5.85546  1.000 71.36000  ? 48 VAL A CG1 1 
ATOM   852  C CG2 . VAL B 2 41 ? 1.65844   0.61227   -7.72065  1.000 66.14000  ? 48 VAL A CG2 1 
ATOM   853  N N   . VAL B 2 42 ? -2.49762  2.23823   -7.04647  1.000 71.31000  ? 49 VAL A N   1 
ATOM   854  C CA  . VAL B 2 42 ? -3.63145  2.61354   -6.21287  1.000 78.73000  ? 49 VAL A CA  1 
ATOM   855  C C   . VAL B 2 42 ? -3.77384  1.56430   -5.12230  1.000 75.30000  ? 49 VAL A C   1 
ATOM   856  O O   . VAL B 2 42 ? -3.85040  0.36395   -5.41424  1.000 78.26000  ? 49 VAL A O   1 
ATOM   857  C CB  . VAL B 2 42 ? -4.92833  2.73461   -7.03048  1.000 82.75000  ? 49 VAL A CB  1 
ATOM   858  C CG1 . VAL B 2 42 ? -6.08686  3.09738   -6.12034  1.000 84.05000  ? 49 VAL A CG1 1 
ATOM   859  C CG2 . VAL B 2 42 ? -4.76460  3.76717   -8.13511  1.000 76.76000  ? 49 VAL A CG2 1 
ATOM   860  N N   . ASN B 2 43 ? -3.80642  2.01383   -3.87135  1.000 77.89000  ? 50 ASN A N   1 
ATOM   861  C CA  . ASN B 2 43 ? -3.87923  1.14275   -2.70793  1.000 72.71000  ? 50 ASN A CA  1 
ATOM   862  C C   . ASN B 2 43 ? -5.16578  1.43400   -1.95836  1.000 82.46000  ? 50 ASN A C   1 
ATOM   863  O O   . ASN B 2 43 ? -5.42586  2.58517   -1.59294  1.000 90.88000  ? 50 ASN A O   1 
ATOM   864  C CB  . ASN B 2 43 ? -2.68261  1.35072   -1.77531  1.000 74.11000  ? 50 ASN A CB  1 
ATOM   865  C CG  . ASN B 2 43 ? -1.50880  0.46234   -2.11818  1.000 97.00000  ? 50 ASN A CG  1 
ATOM   866  O OD1 . ASN B 2 43 ? -1.53085  -0.74260  -1.86248  1.000 103.37000 ? 50 ASN A OD1 1 
ATOM   867  N ND2 . ASN B 2 43 ? -0.46171  1.05587   -2.67631  1.000 80.41000  ? 50 ASN A ND2 1 
ATOM   868  N N   . LYS B 2 44 ? -5.97329  0.39846   -1.75279  1.000 82.84000  ? 51 LYS A N   1 
ATOM   869  C CA  . LYS B 2 44 ? -7.08401  0.45313   -0.80769  1.000 69.62000  ? 51 LYS A CA  1 
ATOM   870  C C   . LYS B 2 44 ? -6.52624  -0.04619  0.51775   1.000 60.81000  ? 51 LYS A C   1 
ATOM   871  O O   . LYS B 2 44 ? -6.47039  -1.24685  0.77868   1.000 87.72000  ? 51 LYS A O   1 
ATOM   872  C CB  . LYS B 2 44 ? -8.25851  -0.38352  -1.29752  1.000 91.50000  ? 51 LYS A CB  1 
ATOM   873  C CG  . LYS B 2 44 ? -9.58460  -0.06760  -0.62278  1.000 105.63000 ? 51 LYS A CG  1 
ATOM   874  C CD  . LYS B 2 44 ? -10.69020 -0.98900  -1.12465  1.000 116.99000 ? 51 LYS A CD  1 
ATOM   875  C CE  . LYS B 2 44 ? -11.97194 -0.80230  -0.32599  1.000 135.83000 ? 51 LYS A CE  1 
ATOM   876  N NZ  . LYS B 2 44 ? -12.55430 0.55543   -0.51706  1.000 134.72000 ? 51 LYS A NZ  1 
ATOM   877  N N   . GLU B 2 45 ? -6.06497  0.88235   1.35067   1.000 76.86000  ? 52 GLU A N   1 
ATOM   878  C CA  . GLU B 2 45 ? -5.36887  0.53942   2.58471   1.000 85.39000  ? 52 GLU A CA  1 
ATOM   879  C C   . GLU B 2 45 ? -6.36607  0.48515   3.73599   1.000 77.04000  ? 52 GLU A C   1 
ATOM   880  O O   . GLU B 2 45 ? -7.08069  1.46010   3.99313   1.000 85.26000  ? 52 GLU A O   1 
ATOM   881  C CB  . GLU B 2 45 ? -4.26238  1.55028   2.87689   1.000 79.76000  ? 52 GLU A CB  1 
ATOM   882  C CG  . GLU B 2 45 ? -3.64576  1.39706   4.25554   1.000 96.34000  ? 52 GLU A CG  1 
ATOM   883  C CD  . GLU B 2 45 ? -2.48866  2.34342   4.48283   1.000 106.06000 ? 52 GLU A CD  1 
ATOM   884  O OE1 . GLU B 2 45 ? -1.43151  2.14805   3.84748   1.000 110.90000 ? 52 GLU A OE1 1 
ATOM   885  O OE2 . GLU B 2 45 ? -2.64250  3.28830   5.28699   1.000 100.30000 ? 52 GLU A OE2 1 
ATOM   886  N N   . THR B 2 46 ? -6.40586  -0.64738  4.43076   1.000 67.81000  ? 53 THR A N   1 
ATOM   887  C CA  . THR B 2 46 ? -7.31484  -0.86437  5.55272   1.000 85.58000  ? 53 THR A CA  1 
ATOM   888  C C   . THR B 2 46 ? -6.48468  -1.14196  6.79817   1.000 79.24000  ? 53 THR A C   1 
ATOM   889  O O   . THR B 2 46 ? -5.86699  -2.20611  6.91230   1.000 84.21000  ? 53 THR A O   1 
ATOM   890  C CB  . THR B 2 46 ? -8.26994  -2.02433  5.27011   1.000 93.01000  ? 53 THR A CB  1 
ATOM   891  O OG1 . THR B 2 46 ? -8.91277  -1.82196  4.00435   1.000 99.46000  ? 53 THR A OG1 1 
ATOM   892  C CG2 . THR B 2 46 ? -9.32066  -2.12223  6.36072   1.000 93.10000  ? 53 THR A CG2 1 
ATOM   893  N N   . GLU B 2 47 ? -6.47178  -0.19208  7.72992   1.000 84.16000  ? 54 GLU A N   1 
ATOM   894  C CA  . GLU B 2 47 ? -5.76157  -0.37558  8.98968   1.000 91.00000  ? 54 GLU A CA  1 
ATOM   895  C C   . GLU B 2 47 ? -6.63503  -1.18325  9.93993   1.000 88.45000  ? 54 GLU A C   1 
ATOM   896  O O   . GLU B 2 47 ? -7.73186  -0.74784  10.30507  1.000 103.12000 ? 54 GLU A O   1 
ATOM   897  C CB  . GLU B 2 47 ? -5.38747  0.96873   9.60888   1.000 89.59000  ? 54 GLU A CB  1 
ATOM   898  C CG  . GLU B 2 47 ? -4.40299  0.84065   10.76475  1.000 102.45000 ? 54 GLU A CG  1 
ATOM   899  C CD  . GLU B 2 47 ? -4.00775  2.17900   11.36050  1.000 112.99000 ? 54 GLU A CD  1 
ATOM   900  O OE1 . GLU B 2 47 ? -4.73997  3.16895   11.14829  1.000 118.89000 ? 54 GLU A OE1 1 
ATOM   901  O OE2 . GLU B 2 47 ? -2.96083  2.23873   12.03929  1.000 109.72000 ? 54 GLU A OE2 1 
ATOM   902  N N   . LEU B 2 48 ? -6.15439  -2.35900  10.33276  1.000 90.61000  ? 55 LEU A N   1 
ATOM   903  C CA  . LEU B 2 48 ? -6.94637  -3.24332  11.17601  1.000 88.85000  ? 55 LEU A CA  1 
ATOM   904  C C   . LEU B 2 48 ? -6.96937  -2.72458  12.60734  1.000 101.41000 ? 55 LEU A C   1 
ATOM   905  O O   . LEU B 2 48 ? -5.92195  -2.42296  13.18908  1.000 104.05000 ? 55 LEU A O   1 
ATOM   906  C CB  . LEU B 2 48 ? -6.37638  -4.65943  11.13084  1.000 77.62000  ? 55 LEU A CB  1 
ATOM   907  C CG  . LEU B 2 48 ? -6.68770  -5.41891  9.84145   1.000 86.42000  ? 55 LEU A CG  1 
ATOM   908  C CD1 . LEU B 2 48 ? -6.39721  -6.90236  9.99745   1.000 98.20000  ? 55 LEU A CD1 1 
ATOM   909  C CD2 . LEU B 2 48 ? -8.12461  -5.18135  9.41476   1.000 89.44000  ? 55 LEU A CD2 1 
ATOM   910  N N   . ALA B 2 49 ? -8.17001  -2.62966  13.17491  1.000 127.57000 ? 56 ALA A N   1 
ATOM   911  C CA  . ALA B 2 49 ? -8.37415  -2.16130  14.53795  1.000 131.69000 ? 56 ALA A CA  1 
ATOM   912  C C   . ALA B 2 49 ? -9.04885  -3.25227  15.35479  1.000 139.79000 ? 56 ALA A C   1 
ATOM   913  O O   . ALA B 2 49 ? -10.08770 -3.78758  14.94990  1.000 130.55000 ? 56 ALA A O   1 
ATOM   914  C CB  . ALA B 2 49 ? -9.21951  -0.88259  14.56025  1.000 123.60000 ? 56 ALA A CB  1 
ATOM   915  N N   . GLU B 2 50 ? -8.45275  -3.57589  16.50385  1.000 138.55000 ? 57 GLU A N   1 
ATOM   916  C CA  . GLU B 2 50 ? -9.02399  -4.57634  17.39526  1.000 135.17000 ? 57 GLU A CA  1 
ATOM   917  C C   . GLU B 2 50 ? -10.24003 -4.06362  18.15462  1.000 144.00000 ? 57 GLU A C   1 
ATOM   918  O O   . GLU B 2 50 ? -11.06816 -4.87486  18.58155  1.000 145.62000 ? 57 GLU A O   1 
ATOM   919  C CB  . GLU B 2 50 ? -7.96272  -5.06175  18.38378  1.000 109.62000 ? 57 GLU A CB  1 
ATOM   920  N N   . GLU B 2 51 ? -10.36666 -2.74888  18.33447  1.000 143.90000 ? 58 GLU A N   1 
ATOM   921  C CA  . GLU B 2 51 ? -11.37672 -2.17561  19.21315  1.000 143.83000 ? 58 GLU A CA  1 
ATOM   922  C C   . GLU B 2 51 ? -12.56697 -1.56154  18.48456  1.000 149.03000 ? 58 GLU A C   1 
ATOM   923  O O   . GLU B 2 51 ? -13.48244 -1.06771  19.14935  1.000 160.87000 ? 58 GLU A O   1 
ATOM   924  C CB  . GLU B 2 51 ? -10.73728 -1.10703  20.10928  1.000 138.62000 ? 58 GLU A CB  1 
ATOM   925  C CG  . GLU B 2 51 ? -10.50541 0.23439   19.41372  1.000 143.98000 ? 58 GLU A CG  1 
ATOM   926  C CD  . GLU B 2 51 ? -9.44685  0.16972   18.32361  1.000 151.93000 ? 58 GLU A CD  1 
ATOM   927  O OE1 . GLU B 2 51 ? -8.57346  -0.72156  18.39008  1.000 153.24000 ? 58 GLU A OE1 1 
ATOM   928  O OE2 . GLU B 2 51 ? -9.48792  1.01174   17.39947  1.000 148.40000 ? 58 GLU A OE2 1 
ATOM   929  N N   . GLY B 2 52 ? -12.58923 -1.56692  17.15405  1.000 140.65000 ? 59 GLY A N   1 
ATOM   930  C CA  . GLY B 2 52 ? -13.69892 -0.92582  16.47397  1.000 140.73000 ? 59 GLY A CA  1 
ATOM   931  C C   . GLY B 2 52 ? -13.69498 -1.01929  14.96387  1.000 136.98000 ? 59 GLY A C   1 
ATOM   932  O O   . GLY B 2 52 ? -13.41047 -2.07629  14.39385  1.000 137.16000 ? 59 GLY A O   1 
ATOM   933  N N   . GLU B 2 53 ? -14.00896 0.09642   14.30808  1.000 132.41000 ? 60 GLU A N   1 
ATOM   934  C CA  . GLU B 2 53 ? -14.15828 0.13260   12.86092  1.000 141.79000 ? 60 GLU A CA  1 
ATOM   935  C C   . GLU B 2 53 ? -12.80487 0.39699   12.21435  1.000 142.93000 ? 60 GLU A C   1 
ATOM   936  O O   . GLU B 2 53 ? -12.05269 1.27190   12.65721  1.000 126.74000 ? 60 GLU A O   1 
ATOM   937  C CB  . GLU B 2 53 ? -15.16642 1.20499   12.44432  1.000 119.97000 ? 60 GLU A CB  1 
ATOM   938  N N   . ASP B 2 54 ? -12.50339 -0.36372  11.16583  1.000 136.38000 ? 61 ASP A N   1 
ATOM   939  C CA  . ASP B 2 54 ? -11.24066 -0.25053  10.44546  1.000 122.28000 ? 61 ASP A CA  1 
ATOM   940  C C   . ASP B 2 54 ? -11.28508 0.96464   9.52686   1.000 114.70000 ? 61 ASP A C   1 
ATOM   941  O O   . ASP B 2 54 ? -12.06164 0.99535   8.56609   1.000 123.00000 ? 61 ASP A O   1 
ATOM   942  C CB  . ASP B 2 54 ? -10.97183 -1.52697  9.65433   1.000 121.28000 ? 61 ASP A CB  1 
ATOM   943  C CG  . ASP B 2 54 ? -11.05327 -2.77425  10.51406  1.000 131.32000 ? 61 ASP A CG  1 
ATOM   944  O OD1 . ASP B 2 54 ? -10.83131 -2.67139  11.74065  1.000 117.70000 ? 61 ASP A OD1 1 
ATOM   945  O OD2 . ASP B 2 54 ? -11.34341 -3.85803  9.96246   1.000 126.81000 ? 61 ASP A OD2 1 
ATOM   946  N N   . ARG B 2 55 ? -10.46766 1.97236   9.82518   1.000 103.97000 ? 62 ARG A N   1 
ATOM   947  C CA  . ARG B 2 55 ? -10.37358 3.12811   8.94442   1.000 118.67000 ? 62 ARG A CA  1 
ATOM   948  C C   . ARG B 2 55 ? -9.71406  2.72107   7.63180   1.000 103.72000 ? 62 ARG A C   1 
ATOM   949  O O   . ARG B 2 55 ? -8.73805  1.96535   7.61487   1.000 99.53000  ? 62 ARG A O   1 
ATOM   950  C CB  . ARG B 2 55 ? -9.58560  4.25476   9.61746   1.000 117.94000 ? 62 ARG A CB  1 
ATOM   951  C CG  . ARG B 2 55 ? -8.24404  3.82841   10.19277  1.000 120.54000 ? 62 ARG A CG  1 
ATOM   952  C CD  . ARG B 2 55 ? -7.55952  4.96831   10.94184  1.000 137.35000 ? 62 ARG A CD  1 
ATOM   953  N NE  . ARG B 2 55 ? -8.28120  5.35917   12.14754  1.000 146.30000 ? 62 ARG A NE  1 
ATOM   954  C CZ  . ARG B 2 55 ? -9.05167  6.43547   12.24856  1.000 145.11000 ? 62 ARG A CZ  1 
ATOM   955  N NH1 . ARG B 2 55 ? -9.22226  7.26111   11.22916  1.000 136.99000 ? 62 ARG A NH1 1 
ATOM   956  N NH2 . ARG B 2 55 ? -9.66568  6.68756   13.40116  1.000 136.66000 ? 62 ARG A NH2 1 
ATOM   957  N N   . THR B 2 56 ? -10.26145 3.21966   6.52640   1.000 92.06000  ? 63 THR A N   1 
ATOM   958  C CA  . THR B 2 56 ? -9.80441  2.86821   5.18816   1.000 101.96000 ? 63 THR A CA  1 
ATOM   959  C C   . THR B 2 56 ? -9.41596  4.12640   4.42631   1.000 95.59000  ? 63 THR A C   1 
ATOM   960  O O   . THR B 2 56 ? -10.19897 5.07940   4.35164   1.000 120.94000 ? 63 THR A O   1 
ATOM   961  C CB  . THR B 2 56 ? -10.88746 2.09766   4.42448   1.000 102.49000 ? 63 THR A CB  1 
ATOM   962  O OG1 . THR B 2 56 ? -11.17212 0.86964   5.10553   1.000 93.73000  ? 63 THR A OG1 1 
ATOM   963  C CG2 . THR B 2 56 ? -10.43098 1.78922   3.00315   1.000 93.92000  ? 63 THR A CG2 1 
ATOM   964  N N   . ARG B 2 57 ? -8.20785  4.12637   3.86974   1.000 86.33000  ? 64 ARG A N   1 
ATOM   965  C CA  . ARG B 2 57 ? -7.72249  5.21387   3.03649   1.000 88.95000  ? 64 ARG A CA  1 
ATOM   966  C C   . ARG B 2 57 ? -7.43923  4.70102   1.62993   1.000 82.73000  ? 64 ARG A C   1 
ATOM   967  O O   . ARG B 2 57 ? -7.34154  3.49305   1.39105   1.000 80.53000  ? 64 ARG A O   1 
ATOM   968  C CB  . ARG B 2 57 ? -6.45294  5.83959   3.63365   1.000 89.15000  ? 64 ARG A CB  1 
ATOM   969  C CG  . ARG B 2 57 ? -6.59484  6.24082   5.09586   1.000 99.50000  ? 64 ARG A CG  1 
ATOM   970  C CD  . ARG B 2 57 ? -5.58965  7.31116   5.50262   1.000 116.39000 ? 64 ARG A CD  1 
ATOM   971  N NE  . ARG B 2 57 ? -4.21902  6.94295   5.16783   1.000 127.55000 ? 64 ARG A NE  1 
ATOM   972  C CZ  . ARG B 2 57 ? -3.43299  6.20724   5.94021   1.000 113.58000 ? 64 ARG A CZ  1 
ATOM   973  N NH1 . ARG B 2 57 ? -3.85513  5.72931   7.09965   1.000 124.08000 ? 64 ARG A NH1 1 
ATOM   974  N NH2 . ARG B 2 57 ? -2.19104  5.94328   5.54139   1.000 88.23000  ? 64 ARG A NH2 1 
ATOM   975  N N   . GLN B 2 58 ? -7.30312  5.63798   0.69489   1.000 86.30000  ? 65 GLN A N   1 
ATOM   976  C CA  . GLN B 2 58 ? -6.91343  5.33983   -0.67641  1.000 87.75000  ? 65 GLN A CA  1 
ATOM   977  C C   . GLN B 2 58 ? -5.61883  6.08396   -0.95595  1.000 89.41000  ? 65 GLN A C   1 
ATOM   978  O O   . GLN B 2 58 ? -5.57745  7.31598   -0.88134  1.000 78.58000  ? 65 GLN A O   1 
ATOM   979  C CB  . GLN B 2 58 ? -8.00520  5.74889   -1.66642  1.000 81.84000  ? 65 GLN A CB  1 
ATOM   980  C CG  . GLN B 2 58 ? -9.36005  5.13327   -1.37399  1.000 102.16000 ? 65 GLN A CG  1 
ATOM   981  C CD  . GLN B 2 58 ? -9.75155  4.08315   -2.39390  1.000 125.34000 ? 65 GLN A CD  1 
ATOM   982  O OE1 . GLN B 2 58 ? -8.89532  3.49295   -3.05311  1.000 114.63000 ? 65 GLN A OE1 1 
ATOM   983  N NE2 . GLN B 2 58 ? -11.05052 3.84100   -2.52523  1.000 134.64000 ? 65 GLN A NE2 1 
ATOM   984  N N   . ILE B 2 59 ? -4.56488  5.34352   -1.26449  1.000 74.93000  ? 66 ILE A N   1 
ATOM   985  C CA  . ILE B 2 59 ? -3.23729  5.91670   -1.43627  1.000 77.41000  ? 66 ILE A CA  1 
ATOM   986  C C   . ILE B 2 59 ? -2.81473  5.74512   -2.88664  1.000 77.28000  ? 66 ILE A C   1 
ATOM   987  O O   . ILE B 2 59 ? -2.71736  4.61901   -3.38666  1.000 77.66000  ? 66 ILE A O   1 
ATOM   988  C CB  . ILE B 2 59 ? -2.21848  5.28173   -0.47938  1.000 78.89000  ? 66 ILE A CB  1 
ATOM   989  C CG1 . ILE B 2 59 ? -2.76027  5.29914   0.95205   1.000 75.71000  ? 66 ILE A CG1 1 
ATOM   990  C CG2 . ILE B 2 59 ? -0.88873  6.01002   -0.56344  1.000 66.08000  ? 66 ILE A CG2 1 
ATOM   991  C CD1 . ILE B 2 59 ? -1.78554  4.77569   1.98209   1.000 83.74000  ? 66 ILE A CD1 1 
ATOM   992  N N   . ILE B 2 60 ? -2.55942  6.86110   -3.55849  1.000 63.01000  ? 67 ILE A N   1 
ATOM   993  C CA  . ILE B 2 60 ? -2.03101  6.86059   -4.91475  1.000 65.80000  ? 67 ILE A CA  1 
ATOM   994  C C   . ILE B 2 60 ? -0.53685  7.13460   -4.80505  1.000 62.63000  ? 67 ILE A C   1 
ATOM   995  O O   . ILE B 2 60 ? -0.12259  8.20696   -4.35284  1.000 65.44000  ? 67 ILE A O   1 
ATOM   996  C CB  . ILE B 2 60 ? -2.72924  7.90015   -5.79906  1.000 67.50000  ? 67 ILE A CB  1 
ATOM   997  C CG1 . ILE B 2 60 ? -4.24253  7.68620   -5.77624  1.000 81.33000  ? 67 ILE A CG1 1 
ATOM   998  C CG2 . ILE B 2 60 ? -2.20686  7.81825   -7.22134  1.000 50.65000  ? 67 ILE A CG2 1 
ATOM   999  C CD1 . ILE B 2 60 ? -5.02874  8.85518   -6.32052  1.000 85.35000  ? 67 ILE A CD1 1 
ATOM   1000 N N   . ASN B 2 61 ? 0.27677   6.15263   -5.17819  1.000 56.44000  ? 68 ASN A N   1 
ATOM   1001 C CA  . ASN B 2 61 ? 1.72687   6.27502   -5.13992  1.000 52.59000  ? 68 ASN A CA  1 
ATOM   1002 C C   . ASN B 2 61 ? 2.23687   6.34821   -6.57527  1.000 61.61000  ? 68 ASN A C   1 
ATOM   1003 O O   . ASN B 2 61 ? 2.03342   5.41339   -7.35847  1.000 77.50000  ? 68 ASN A O   1 
ATOM   1004 C CB  . ASN B 2 61 ? 2.35239   5.10589   -4.37732  1.000 48.15000  ? 68 ASN A CB  1 
ATOM   1005 N N   . ILE B 2 62 ? 2.89606   7.45569   -6.91081  1.000 66.84000  ? 69 ILE A N   1 
ATOM   1006 C CA  . ILE B 2 62 ? 3.40597   7.73112   -8.25020  1.000 65.42000  ? 69 ILE A CA  1 
ATOM   1007 C C   . ILE B 2 62 ? 4.92737   7.74393   -8.18556  1.000 60.66000  ? 69 ILE A C   1 
ATOM   1008 O O   . ILE B 2 62 ? 5.52483   8.63767   -7.57092  1.000 73.15000  ? 69 ILE A O   1 
ATOM   1009 C CB  . ILE B 2 62 ? 2.86594   9.06196   -8.79366  1.000 56.60000  ? 69 ILE A CB  1 
ATOM   1010 C CG1 . ILE B 2 62 ? 1.33544   9.05229   -8.80947  1.000 67.23000  ? 69 ILE A CG1 1 
ATOM   1011 C CG2 . ILE B 2 62 ? 3.43602   9.36227   -10.17284 1.000 55.52000  ? 69 ILE A CG2 1 
ATOM   1012 C CD1 . ILE B 2 62 ? 0.72285   10.39398  -9.13834  1.000 64.74000  ? 69 ILE A CD1 1 
ATOM   1013 N N   . THR B 2 63 ? 5.55309   6.75506   -8.82233  1.000 46.07000  ? 70 THR A N   1 
ATOM   1014 C CA  . THR B 2 63 ? 7.00123   6.66442   -8.93840  1.000 64.22000  ? 70 THR A CA  1 
ATOM   1015 C C   . THR B 2 63 ? 7.41390   7.20547   -10.30062 1.000 75.80000  ? 70 THR A C   1 
ATOM   1016 O O   . THR B 2 63 ? 6.98019   6.68002   -11.33490 1.000 78.17000  ? 70 THR A O   1 
ATOM   1017 C CB  . THR B 2 63 ? 7.48119   5.21997   -8.79437  1.000 69.40000  ? 70 THR A CB  1 
ATOM   1018 O OG1 . THR B 2 63 ? 6.78680   4.57893   -7.71957  1.000 70.19000  ? 70 THR A OG1 1 
ATOM   1019 C CG2 . THR B 2 63 ? 8.98139   5.18611   -8.52074  1.000 70.91000  ? 70 THR A CG2 1 
HETATM 1020 N N   . MSE B 2 64 ? 8.25757   8.24251   -10.27499 1.000 62.16000  ? 71 MSE A N   1 
HETATM 1021 C CA  . MSE B 2 64 ? 8.76895   8.84252   -11.53423 1.000 84.06000  ? 71 MSE A CA  1 
HETATM 1022 C C   . MSE B 2 64 ? 10.29686  8.92839   -11.46124 1.000 78.00000  ? 71 MSE A C   1 
HETATM 1023 O O   . MSE B 2 64 ? 10.80797  9.42758   -10.43931 1.000 66.65000  ? 71 MSE A O   1 
HETATM 1024 C CB  . MSE B 2 64 ? 8.17450   10.23528  -11.73683 1.000 30.00000  ? 71 MSE A CB  1 
ATOM   1025 N N   . THR B 2 65 ? 10.98868  8.43593   -12.48711 1.000 94.76000  ? 72 THR A N   1 
ATOM   1026 C CA  . THR B 2 65 ? 12.44360  8.45841   -12.56732 1.000 99.06000  ? 72 THR A CA  1 
ATOM   1027 C C   . THR B 2 65 ? 12.87512  9.31479   -13.75477 1.000 90.58000  ? 72 THR A C   1 
ATOM   1028 O O   . THR B 2 65 ? 12.04814  9.82396   -14.51565 1.000 83.16000  ? 72 THR A O   1 
ATOM   1029 C CB  . THR B 2 65 ? 13.01779  7.03937   -12.67525 1.000 99.30000  ? 72 THR A CB  1 
ATOM   1030 O OG1 . THR B 2 65 ? 14.41560  7.06681   -12.35844 1.000 108.09000 ? 72 THR A OG1 1 
ATOM   1031 C CG2 . THR B 2 65 ? 12.84727  6.49421   -14.07743 1.000 82.76000  ? 72 THR A CG2 1 
ATOM   1032 N N   . LYS B 2 66 ? 14.19151  9.47399   -13.89593 1.000 96.92000  ? 73 LYS A N   1 
ATOM   1033 C CA  . LYS B 2 66 ? 14.75161  10.25512  -14.99032 1.000 104.55000 ? 73 LYS A CA  1 
ATOM   1034 C C   . LYS B 2 66 ? 14.29683  9.70116   -16.33573 1.000 96.05000  ? 73 LYS A C   1 
ATOM   1035 O O   . LYS B 2 66 ? 14.11070  8.49318   -16.50782 1.000 85.75000  ? 73 LYS A O   1 
ATOM   1036 C CB  . LYS B 2 66 ? 16.28098  10.25817  -14.91218 1.000 104.44000 ? 73 LYS A CB  1 
ATOM   1037 C CG  . LYS B 2 66 ? 16.91911  8.92866   -15.28804 1.000 111.81000 ? 73 LYS A CG  1 
ATOM   1038 C CD  . LYS B 2 66 ? 18.43320  9.01692   -15.32236 1.000 138.05000 ? 73 LYS A CD  1 
ATOM   1039 C CE  . LYS B 2 66 ? 19.04774  7.66230   -15.62987 1.000 140.06000 ? 73 LYS A CE  1 
ATOM   1040 N NZ  . LYS B 2 66 ? 20.53513  7.70592   -15.59740 1.000 151.86000 ? 73 LYS A NZ  1 
ATOM   1041 N N   . LYS B 2 67 ? 14.10637  10.60704  -17.29252 1.000 95.70000  ? 74 LYS A N   1 
ATOM   1042 C CA  . LYS B 2 67 ? 13.65467  10.21615  -18.62050 1.000 93.08000  ? 74 LYS A CA  1 
ATOM   1043 C C   . LYS B 2 67 ? 14.67937  9.32131   -19.30645 1.000 96.86000  ? 74 LYS A C   1 
ATOM   1044 O O   . LYS B 2 67 ? 15.88050  9.60890   -19.29968 1.000 93.24000  ? 74 LYS A O   1 
ATOM   1045 C CB  . LYS B 2 67 ? 13.40260  11.46043  -19.47342 1.000 84.51000  ? 74 LYS A CB  1 
ATOM   1046 C CG  . LYS B 2 67 ? 12.03058  11.53198  -20.11534 1.000 89.71000  ? 74 LYS A CG  1 
ATOM   1047 C CD  . LYS B 2 67 ? 11.71354  12.95205  -20.56241 1.000 93.69000  ? 74 LYS A CD  1 
ATOM   1048 C CE  . LYS B 2 67 ? 10.25177  13.09954  -20.95278 1.000 103.98000 ? 74 LYS A CE  1 
ATOM   1049 N NZ  . LYS B 2 67 ? 9.94725   12.38249  -22.22073 1.000 112.73000 ? 74 LYS A NZ  1 
ATOM   1050 N N   . LEU B 2 68 ? 14.20017  8.22025   -19.87692 1.000 85.41000  ? 75 LEU A N   1 
ATOM   1051 C CA  . LEU B 2 68 ? 15.02918  7.30450   -20.65528 1.000 98.78000  ? 75 LEU A CA  1 
ATOM   1052 C C   . LEU B 2 68 ? 14.63880  7.52734   -22.11292 1.000 105.15000 ? 75 LEU A C   1 
ATOM   1053 O O   . LEU B 2 68 ? 13.68669  6.92625   -22.61242 1.000 124.23000 ? 75 LEU A O   1 
ATOM   1054 C CB  . LEU B 2 68 ? 14.82373  5.85264   -20.22436 1.000 98.53000  ? 75 LEU A CB  1 
ATOM   1055 C CG  . LEU B 2 68 ? 15.46954  5.41130   -18.90844 1.000 109.31000 ? 75 LEU A CG  1 
ATOM   1056 C CD1 . LEU B 2 68 ? 15.17141  3.94336   -18.63243 1.000 117.71000 ? 75 LEU A CD1 1 
ATOM   1057 C CD2 . LEU B 2 68 ? 16.96886  5.66528   -18.92554 1.000 111.84000 ? 75 LEU A CD2 1 
ATOM   1058 N N   . ASP B 2 69 ? 15.39050  8.38608   -22.79874 1.000 85.30000  ? 76 ASP A N   1 
ATOM   1059 C CA  . ASP B 2 69 ? 15.07610  8.70734   -24.18819 1.000 89.94000  ? 76 ASP A CA  1 
ATOM   1060 C C   . ASP B 2 69 ? 16.31514  9.29011   -24.84813 1.000 96.95000  ? 76 ASP A C   1 
ATOM   1061 O O   . ASP B 2 69 ? 16.74068  10.39492  -24.49431 1.000 91.56000  ? 76 ASP A O   1 
ATOM   1062 C CB  . ASP B 2 69 ? 13.91367  9.69556   -24.26629 1.000 95.52000  ? 76 ASP A CB  1 
ATOM   1063 C CG  . ASP B 2 69 ? 12.57633  9.02223   -24.51299 1.000 108.64000 ? 76 ASP A CG  1 
ATOM   1064 O OD1 . ASP B 2 69 ? 12.54940  7.96430   -25.17846 1.000 101.92000 ? 76 ASP A OD1 1 
ATOM   1065 O OD2 . ASP B 2 69 ? 11.54884  9.56295   -24.04801 1.000 106.85000 ? 76 ASP A OD2 1 
ATOM   1066 N N   . VAL B 2 70 ? 16.88641  8.55243   -25.79916 1.000 95.10000  ? 77 VAL A N   1 
ATOM   1067 C CA  . VAL B 2 70 ? 18.03294  9.05374   -26.54061 1.000 88.56000  ? 77 VAL A CA  1 
ATOM   1068 C C   . VAL B 2 70 ? 17.55097  10.10322  -27.53848 1.000 86.50000  ? 77 VAL A C   1 
ATOM   1069 O O   . VAL B 2 70 ? 16.42333  10.03850  -28.03911 1.000 84.82000  ? 77 VAL A O   1 
ATOM   1070 C CB  . VAL B 2 70 ? 18.77237  7.89883   -27.23926 1.000 78.63000  ? 77 VAL A CB  1 
ATOM   1071 C CG1 . VAL B 2 70 ? 20.11746  8.36577   -27.76494 1.000 79.81000  ? 77 VAL A CG1 1 
ATOM   1072 C CG2 . VAL B 2 70 ? 18.94193  6.73024   -26.27934 1.000 87.48000  ? 77 VAL A CG2 1 
ATOM   1073 N N   . TRP B 2 71 ? 18.40624  11.08263  -27.81765 1.000 61.07000  ? 78 TRP A N   1 
ATOM   1074 C CA  . TRP B 2 71 ? 18.12944  12.19913  -28.73875 1.000 84.84000  ? 78 TRP A CA  1 
ATOM   1075 C C   . TRP B 2 71 ? 16.84765  12.99213  -28.42988 1.000 74.88000  ? 78 TRP A C   1 
ATOM   1076 O O   . TRP B 2 71 ? 15.73565  12.46516  -28.39020 1.000 79.64000  ? 78 TRP A O   1 
ATOM   1077 C CB  . TRP B 2 71 ? 18.10876  11.71233  -30.20811 1.000 88.12000  ? 78 TRP A CB  1 
ATOM   1078 C CG  . TRP B 2 71 ? 16.88988  10.95195  -30.71955 1.000 66.75000  ? 78 TRP A CG  1 
ATOM   1079 C CD1 . TRP B 2 71 ? 15.71007  11.49271  -31.15626 1.000 76.13000  ? 78 TRP A CD1 1 
ATOM   1080 C CD2 . TRP B 2 71 ? 16.77288  9.53212   -30.92081 1.000 76.39000  ? 78 TRP A CD2 1 
ATOM   1081 N NE1 . TRP B 2 71 ? 14.85697  10.49761  -31.57797 1.000 68.04000  ? 78 TRP A NE1 1 
ATOM   1082 C CE2 . TRP B 2 71 ? 15.48420  9.28765   -31.44460 1.000 71.52000  ? 78 TRP A CE2 1 
ATOM   1083 C CE3 . TRP B 2 71 ? 17.62122  8.44353   -30.68445 1.000 78.25000  ? 78 TRP A CE3 1 
ATOM   1084 C CZ2 . TRP B 2 71 ? 15.02761  8.00245   -31.74205 1.000 69.10000  ? 78 TRP A CZ2 1 
ATOM   1085 C CZ3 . TRP B 2 71 ? 17.16598  7.16520   -30.98090 1.000 71.87000  ? 78 TRP A CZ3 1 
ATOM   1086 C CH2 . TRP B 2 71 ? 15.88107  6.95725   -31.50368 1.000 73.43000  ? 78 TRP A CH2 1 
# 
